data_2IGD
# 
_entry.id   2IGD 
# 
_audit_conform.dict_name       mmcif_pdbx.dic 
_audit_conform.dict_version    5.392 
_audit_conform.dict_location   http://mmcif.pdb.org/dictionaries/ascii/mmcif_pdbx.dic 
# 
loop_
_database_2.database_id 
_database_2.database_code 
_database_2.pdbx_database_accession 
_database_2.pdbx_DOI 
PDB   2IGD         pdb_00002igd 10.2210/pdb2igd/pdb 
WWPDB D_1000178247 ?            ?                   
# 
loop_
_pdbx_audit_revision_history.ordinal 
_pdbx_audit_revision_history.data_content_type 
_pdbx_audit_revision_history.major_revision 
_pdbx_audit_revision_history.minor_revision 
_pdbx_audit_revision_history.revision_date 
1 'Structure model' 1 0 1998-07-29 
2 'Structure model' 1 1 2008-03-24 
3 'Structure model' 1 2 2011-07-13 
4 'Structure model' 1 3 2023-08-09 
5 'Structure model' 1 4 2024-05-29 
# 
_pdbx_audit_revision_details.ordinal             1 
_pdbx_audit_revision_details.revision_ordinal    1 
_pdbx_audit_revision_details.data_content_type   'Structure model' 
_pdbx_audit_revision_details.provider            repository 
_pdbx_audit_revision_details.type                'Initial release' 
_pdbx_audit_revision_details.description         ? 
_pdbx_audit_revision_details.details             ? 
# 
loop_
_pdbx_audit_revision_group.ordinal 
_pdbx_audit_revision_group.revision_ordinal 
_pdbx_audit_revision_group.data_content_type 
_pdbx_audit_revision_group.group 
1 2 'Structure model' 'Version format compliance' 
2 3 'Structure model' 'Source and taxonomy'       
3 3 'Structure model' 'Version format compliance' 
4 4 'Structure model' 'Data collection'           
5 4 'Structure model' 'Database references'       
6 4 'Structure model' Other                       
7 4 'Structure model' 'Refinement description'    
8 5 'Structure model' 'Data collection'           
# 
loop_
_pdbx_audit_revision_category.ordinal 
_pdbx_audit_revision_category.revision_ordinal 
_pdbx_audit_revision_category.data_content_type 
_pdbx_audit_revision_category.category 
1 4 'Structure model' database_2                    
2 4 'Structure model' diffrn_source                 
3 4 'Structure model' pdbx_database_status          
4 4 'Structure model' pdbx_initial_refinement_model 
5 5 'Structure model' chem_comp_atom                
6 5 'Structure model' chem_comp_bond                
# 
loop_
_pdbx_audit_revision_item.ordinal 
_pdbx_audit_revision_item.revision_ordinal 
_pdbx_audit_revision_item.data_content_type 
_pdbx_audit_revision_item.item 
1 4 'Structure model' '_database_2.pdbx_DOI'                 
2 4 'Structure model' '_database_2.pdbx_database_accession'  
3 4 'Structure model' '_diffrn_source.pdbx_synchrotron_site' 
4 4 'Structure model' '_pdbx_database_status.process_site'   
# 
_pdbx_database_status.status_code                     REL 
_pdbx_database_status.entry_id                        2IGD 
_pdbx_database_status.recvd_initial_deposition_date   1997-04-30 
_pdbx_database_status.deposit_site                    ? 
_pdbx_database_status.process_site                    BNL 
_pdbx_database_status.status_code_sf                  REL 
_pdbx_database_status.status_code_mr                  ? 
_pdbx_database_status.SG_entry                        ? 
_pdbx_database_status.pdb_format_compatible           Y 
_pdbx_database_status.status_code_cs                  ? 
_pdbx_database_status.status_code_nmr_data            ? 
_pdbx_database_status.methods_development_category    ? 
# 
loop_
_audit_author.name 
_audit_author.pdbx_ordinal 
'Butterworth, S.' 1 
'Lamzin, V.L.'    2 
'Wigley, D.B.'    3 
'Derrick, J.P.'   4 
'Wilson, K.S.'    5 
# 
loop_
_citation.id 
_citation.title 
_citation.journal_abbrev 
_citation.journal_volume 
_citation.page_first 
_citation.page_last 
_citation.year 
_citation.journal_id_ASTM 
_citation.country 
_citation.journal_id_ISSN 
_citation.journal_id_CSD 
_citation.book_publisher 
_citation.pdbx_database_id_PubMed 
_citation.pdbx_database_id_DOI 
primary 'Anisotropic Refinement of a Protein G Domain at 1.1 Angstrom Resolution' 'To be Published' ?   ?   ? ?    ?      ?  ? 
0353 ? ? ? 
1       
;The Third Igg-Binding Domain from Streptococcal Protein G. An Analysis by X-Ray Crystallography of the Structure Alone and in a Complex with Fab
;
J.Mol.Biol.       243 906 ? 1994 JMOBAK UK 0022-2836 0070 ? ? ? 
# 
loop_
_citation_author.citation_id 
_citation_author.name 
_citation_author.ordinal 
_citation_author.identifier_ORCID 
primary 'Butterworth, S.' 1 ? 
primary 'Lamzin, V.S.'    2 ? 
primary 'Wigley, D.B.'    3 ? 
primary 'Derrick, J.P.'   4 ? 
primary 'Wilson, K.S.'    5 ? 
1       'Derrick, J.P.'   6 ? 
1       'Wigley, D.B.'    7 ? 
# 
loop_
_entity.id 
_entity.type 
_entity.src_method 
_entity.pdbx_description 
_entity.formula_weight 
_entity.pdbx_number_of_molecules 
_entity.pdbx_ec 
_entity.pdbx_mutation 
_entity.pdbx_fragment 
_entity.details 
1 polymer man 'PROTEIN G' 6657.354 1   ? ? 'IMMUNOGLOBULIN-BINDING DOMAIN III' ? 
2 water   nat water       18.015   106 ? ? ?                                   ? 
# 
_entity_poly.entity_id                      1 
_entity_poly.type                           'polypeptide(L)' 
_entity_poly.nstd_linkage                   no 
_entity_poly.nstd_monomer                   no 
_entity_poly.pdbx_seq_one_letter_code       MTPAVTTYKLVINGKTLKGETTTKAVDAETAEKAFKQYANDNGVDGVWTYDDATKTFTVTE 
_entity_poly.pdbx_seq_one_letter_code_can   MTPAVTTYKLVINGKTLKGETTTKAVDAETAEKAFKQYANDNGVDGVWTYDDATKTFTVTE 
_entity_poly.pdbx_strand_id                 A 
_entity_poly.pdbx_target_identifier         ? 
# 
_pdbx_entity_nonpoly.entity_id   2 
_pdbx_entity_nonpoly.name        water 
_pdbx_entity_nonpoly.comp_id     HOH 
# 
loop_
_entity_poly_seq.entity_id 
_entity_poly_seq.num 
_entity_poly_seq.mon_id 
_entity_poly_seq.hetero 
1 1  MET n 
1 2  THR n 
1 3  PRO n 
1 4  ALA n 
1 5  VAL n 
1 6  THR n 
1 7  THR n 
1 8  TYR n 
1 9  LYS n 
1 10 LEU n 
1 11 VAL n 
1 12 ILE n 
1 13 ASN n 
1 14 GLY n 
1 15 LYS n 
1 16 THR n 
1 17 LEU n 
1 18 LYS n 
1 19 GLY n 
1 20 GLU n 
1 21 THR n 
1 22 THR n 
1 23 THR n 
1 24 LYS n 
1 25 ALA n 
1 26 VAL n 
1 27 ASP n 
1 28 ALA n 
1 29 GLU n 
1 30 THR n 
1 31 ALA n 
1 32 GLU n 
1 33 LYS n 
1 34 ALA n 
1 35 PHE n 
1 36 LYS n 
1 37 GLN n 
1 38 TYR n 
1 39 ALA n 
1 40 ASN n 
1 41 ASP n 
1 42 ASN n 
1 43 GLY n 
1 44 VAL n 
1 45 ASP n 
1 46 GLY n 
1 47 VAL n 
1 48 TRP n 
1 49 THR n 
1 50 TYR n 
1 51 ASP n 
1 52 ASP n 
1 53 ALA n 
1 54 THR n 
1 55 LYS n 
1 56 THR n 
1 57 PHE n 
1 58 THR n 
1 59 VAL n 
1 60 THR n 
1 61 GLU n 
# 
_entity_src_gen.entity_id                          1 
_entity_src_gen.pdbx_src_id                        1 
_entity_src_gen.pdbx_alt_source_flag               sample 
_entity_src_gen.pdbx_seq_type                      ? 
_entity_src_gen.pdbx_beg_seq_num                   ? 
_entity_src_gen.pdbx_end_seq_num                   ? 
_entity_src_gen.gene_src_common_name               ? 
_entity_src_gen.gene_src_genus                     Streptococcus 
_entity_src_gen.pdbx_gene_src_gene                 POTENTIAL 
_entity_src_gen.gene_src_species                   ? 
_entity_src_gen.gene_src_strain                    G148 
_entity_src_gen.gene_src_tissue                    ? 
_entity_src_gen.gene_src_tissue_fraction           ? 
_entity_src_gen.gene_src_details                   ? 
_entity_src_gen.pdbx_gene_src_fragment             ? 
_entity_src_gen.pdbx_gene_src_scientific_name      'Streptococcus sp.' 
_entity_src_gen.pdbx_gene_src_ncbi_taxonomy_id     1324 
_entity_src_gen.pdbx_gene_src_variant              ? 
_entity_src_gen.pdbx_gene_src_cell_line            ? 
_entity_src_gen.pdbx_gene_src_atcc                 ? 
_entity_src_gen.pdbx_gene_src_organ                ? 
_entity_src_gen.pdbx_gene_src_organelle            ? 
_entity_src_gen.pdbx_gene_src_cell                 ? 
_entity_src_gen.pdbx_gene_src_cellular_location    ? 
_entity_src_gen.host_org_common_name               ? 
_entity_src_gen.pdbx_host_org_scientific_name      'Escherichia coli' 
_entity_src_gen.pdbx_host_org_ncbi_taxonomy_id     562 
_entity_src_gen.host_org_genus                     Escherichia 
_entity_src_gen.pdbx_host_org_gene                 ? 
_entity_src_gen.pdbx_host_org_organ                ? 
_entity_src_gen.host_org_species                   ? 
_entity_src_gen.pdbx_host_org_tissue               ? 
_entity_src_gen.pdbx_host_org_tissue_fraction      ? 
_entity_src_gen.pdbx_host_org_strain               'K12 JM101' 
_entity_src_gen.pdbx_host_org_variant              ? 
_entity_src_gen.pdbx_host_org_cell_line            ? 
_entity_src_gen.pdbx_host_org_atcc                 ? 
_entity_src_gen.pdbx_host_org_culture_collection   ? 
_entity_src_gen.pdbx_host_org_cell                 ? 
_entity_src_gen.pdbx_host_org_organelle            ? 
_entity_src_gen.pdbx_host_org_cellular_location    ? 
_entity_src_gen.pdbx_host_org_vector_type          PLASMID 
_entity_src_gen.pdbx_host_org_vector               PUC18 
_entity_src_gen.host_org_details                   ? 
_entity_src_gen.expression_system_id               ? 
_entity_src_gen.plasmid_name                       ? 
_entity_src_gen.plasmid_details                    ? 
_entity_src_gen.pdbx_description                   ? 
# 
loop_
_chem_comp.id 
_chem_comp.type 
_chem_comp.mon_nstd_flag 
_chem_comp.name 
_chem_comp.pdbx_synonyms 
_chem_comp.formula 
_chem_comp.formula_weight 
ALA 'L-peptide linking' y ALANINE         ? 'C3 H7 N O2'     89.093  
ASN 'L-peptide linking' y ASPARAGINE      ? 'C4 H8 N2 O3'    132.118 
ASP 'L-peptide linking' y 'ASPARTIC ACID' ? 'C4 H7 N O4'     133.103 
GLN 'L-peptide linking' y GLUTAMINE       ? 'C5 H10 N2 O3'   146.144 
GLU 'L-peptide linking' y 'GLUTAMIC ACID' ? 'C5 H9 N O4'     147.129 
GLY 'peptide linking'   y GLYCINE         ? 'C2 H5 N O2'     75.067  
HOH non-polymer         . WATER           ? 'H2 O'           18.015  
ILE 'L-peptide linking' y ISOLEUCINE      ? 'C6 H13 N O2'    131.173 
LEU 'L-peptide linking' y LEUCINE         ? 'C6 H13 N O2'    131.173 
LYS 'L-peptide linking' y LYSINE          ? 'C6 H15 N2 O2 1' 147.195 
MET 'L-peptide linking' y METHIONINE      ? 'C5 H11 N O2 S'  149.211 
PHE 'L-peptide linking' y PHENYLALANINE   ? 'C9 H11 N O2'    165.189 
PRO 'L-peptide linking' y PROLINE         ? 'C5 H9 N O2'     115.130 
THR 'L-peptide linking' y THREONINE       ? 'C4 H9 N O3'     119.119 
TRP 'L-peptide linking' y TRYPTOPHAN      ? 'C11 H12 N2 O2'  204.225 
TYR 'L-peptide linking' y TYROSINE        ? 'C9 H11 N O3'    181.189 
VAL 'L-peptide linking' y VALINE          ? 'C5 H11 N O2'    117.146 
# 
loop_
_pdbx_poly_seq_scheme.asym_id 
_pdbx_poly_seq_scheme.entity_id 
_pdbx_poly_seq_scheme.seq_id 
_pdbx_poly_seq_scheme.mon_id 
_pdbx_poly_seq_scheme.ndb_seq_num 
_pdbx_poly_seq_scheme.pdb_seq_num 
_pdbx_poly_seq_scheme.auth_seq_num 
_pdbx_poly_seq_scheme.pdb_mon_id 
_pdbx_poly_seq_scheme.auth_mon_id 
_pdbx_poly_seq_scheme.pdb_strand_id 
_pdbx_poly_seq_scheme.pdb_ins_code 
_pdbx_poly_seq_scheme.hetero 
A 1 1  MET 1  1  1  MET MET A . n 
A 1 2  THR 2  2  2  THR THR A . n 
A 1 3  PRO 3  3  3  PRO PRO A . n 
A 1 4  ALA 4  4  4  ALA ALA A . n 
A 1 5  VAL 5  5  5  VAL VAL A . n 
A 1 6  THR 6  6  6  THR THR A . n 
A 1 7  THR 7  7  7  THR THR A . n 
A 1 8  TYR 8  8  8  TYR TYR A . n 
A 1 9  LYS 9  9  9  LYS LYS A . n 
A 1 10 LEU 10 10 10 LEU LEU A . n 
A 1 11 VAL 11 11 11 VAL VAL A . n 
A 1 12 ILE 12 12 12 ILE ILE A . n 
A 1 13 ASN 13 13 13 ASN ASN A . n 
A 1 14 GLY 14 14 14 GLY GLY A . n 
A 1 15 LYS 15 15 15 LYS LYS A . n 
A 1 16 THR 16 16 16 THR THR A . n 
A 1 17 LEU 17 17 17 LEU LEU A . n 
A 1 18 LYS 18 18 18 LYS LYS A . n 
A 1 19 GLY 19 19 19 GLY GLY A . n 
A 1 20 GLU 20 20 20 GLU GLU A . n 
A 1 21 THR 21 21 21 THR THR A . n 
A 1 22 THR 22 22 22 THR THR A . n 
A 1 23 THR 23 23 23 THR THR A . n 
A 1 24 LYS 24 24 24 LYS LYS A . n 
A 1 25 ALA 25 25 25 ALA ALA A . n 
A 1 26 VAL 26 26 26 VAL VAL A . n 
A 1 27 ASP 27 27 27 ASP ASP A . n 
A 1 28 ALA 28 28 28 ALA ALA A . n 
A 1 29 GLU 29 29 29 GLU GLU A . n 
A 1 30 THR 30 30 30 THR THR A . n 
A 1 31 ALA 31 31 31 ALA ALA A . n 
A 1 32 GLU 32 32 32 GLU GLU A . n 
A 1 33 LYS 33 33 33 LYS LYS A . n 
A 1 34 ALA 34 34 34 ALA ALA A . n 
A 1 35 PHE 35 35 35 PHE PHE A . n 
A 1 36 LYS 36 36 36 LYS LYS A . n 
A 1 37 GLN 37 37 37 GLN GLN A . n 
A 1 38 TYR 38 38 38 TYR TYR A . n 
A 1 39 ALA 39 39 39 ALA ALA A . n 
A 1 40 ASN 40 40 40 ASN ASN A . n 
A 1 41 ASP 41 41 41 ASP ASP A . n 
A 1 42 ASN 42 42 42 ASN ASN A . n 
A 1 43 GLY 43 43 43 GLY GLY A . n 
A 1 44 VAL 44 44 44 VAL VAL A . n 
A 1 45 ASP 45 45 45 ASP ASP A . n 
A 1 46 GLY 46 46 46 GLY GLY A . n 
A 1 47 VAL 47 47 47 VAL VAL A . n 
A 1 48 TRP 48 48 48 TRP TRP A . n 
A 1 49 THR 49 49 49 THR THR A . n 
A 1 50 TYR 50 50 50 TYR TYR A . n 
A 1 51 ASP 51 51 51 ASP ASP A . n 
A 1 52 ASP 52 52 52 ASP ASP A . n 
A 1 53 ALA 53 53 53 ALA ALA A . n 
A 1 54 THR 54 54 54 THR THR A . n 
A 1 55 LYS 55 55 55 LYS LYS A . n 
A 1 56 THR 56 56 56 THR THR A . n 
A 1 57 PHE 57 57 57 PHE PHE A . n 
A 1 58 THR 58 58 58 THR THR A . n 
A 1 59 VAL 59 59 59 VAL VAL A . n 
A 1 60 THR 60 60 60 THR THR A . n 
A 1 61 GLU 61 61 61 GLU GLU A . n 
# 
loop_
_pdbx_nonpoly_scheme.asym_id 
_pdbx_nonpoly_scheme.entity_id 
_pdbx_nonpoly_scheme.mon_id 
_pdbx_nonpoly_scheme.ndb_seq_num 
_pdbx_nonpoly_scheme.pdb_seq_num 
_pdbx_nonpoly_scheme.auth_seq_num 
_pdbx_nonpoly_scheme.pdb_mon_id 
_pdbx_nonpoly_scheme.auth_mon_id 
_pdbx_nonpoly_scheme.pdb_strand_id 
_pdbx_nonpoly_scheme.pdb_ins_code 
B 2 HOH 1   62  62  HOH HOH A . 
B 2 HOH 2   63  63  HOH HOH A . 
B 2 HOH 3   64  64  HOH HOH A . 
B 2 HOH 4   65  65  HOH HOH A . 
B 2 HOH 5   66  66  HOH HOH A . 
B 2 HOH 6   67  67  HOH HOH A . 
B 2 HOH 7   68  68  HOH HOH A . 
B 2 HOH 8   69  69  HOH HOH A . 
B 2 HOH 9   70  70  HOH HOH A . 
B 2 HOH 10  71  71  HOH HOH A . 
B 2 HOH 11  72  72  HOH HOH A . 
B 2 HOH 12  73  73  HOH HOH A . 
B 2 HOH 13  74  74  HOH HOH A . 
B 2 HOH 14  75  75  HOH HOH A . 
B 2 HOH 15  76  76  HOH HOH A . 
B 2 HOH 16  77  77  HOH HOH A . 
B 2 HOH 17  78  78  HOH HOH A . 
B 2 HOH 18  79  79  HOH HOH A . 
B 2 HOH 19  80  80  HOH HOH A . 
B 2 HOH 20  81  81  HOH HOH A . 
B 2 HOH 21  82  82  HOH HOH A . 
B 2 HOH 22  83  83  HOH HOH A . 
B 2 HOH 23  84  84  HOH HOH A . 
B 2 HOH 24  85  85  HOH HOH A . 
B 2 HOH 25  86  86  HOH HOH A . 
B 2 HOH 26  87  87  HOH HOH A . 
B 2 HOH 27  88  88  HOH HOH A . 
B 2 HOH 28  89  89  HOH HOH A . 
B 2 HOH 29  90  90  HOH HOH A . 
B 2 HOH 30  91  91  HOH HOH A . 
B 2 HOH 31  92  92  HOH HOH A . 
B 2 HOH 32  93  93  HOH HOH A . 
B 2 HOH 33  94  94  HOH HOH A . 
B 2 HOH 34  95  95  HOH HOH A . 
B 2 HOH 35  96  96  HOH HOH A . 
B 2 HOH 36  97  97  HOH HOH A . 
B 2 HOH 37  98  98  HOH HOH A . 
B 2 HOH 38  99  99  HOH HOH A . 
B 2 HOH 39  100 100 HOH HOH A . 
B 2 HOH 40  101 101 HOH HOH A . 
B 2 HOH 41  102 102 HOH HOH A . 
B 2 HOH 42  103 103 HOH HOH A . 
B 2 HOH 43  104 104 HOH HOH A . 
B 2 HOH 44  105 105 HOH HOH A . 
B 2 HOH 45  106 106 HOH HOH A . 
B 2 HOH 46  107 107 HOH HOH A . 
B 2 HOH 47  108 108 HOH HOH A . 
B 2 HOH 48  109 109 HOH HOH A . 
B 2 HOH 49  110 110 HOH HOH A . 
B 2 HOH 50  111 111 HOH HOH A . 
B 2 HOH 51  112 112 HOH HOH A . 
B 2 HOH 52  113 113 HOH HOH A . 
B 2 HOH 53  114 114 HOH HOH A . 
B 2 HOH 54  115 115 HOH HOH A . 
B 2 HOH 55  116 116 HOH HOH A . 
B 2 HOH 56  117 117 HOH HOH A . 
B 2 HOH 57  118 118 HOH HOH A . 
B 2 HOH 58  119 119 HOH HOH A . 
B 2 HOH 59  120 120 HOH HOH A . 
B 2 HOH 60  121 121 HOH HOH A . 
B 2 HOH 61  122 122 HOH HOH A . 
B 2 HOH 62  123 123 HOH HOH A . 
B 2 HOH 63  124 124 HOH HOH A . 
B 2 HOH 64  125 125 HOH HOH A . 
B 2 HOH 65  126 126 HOH HOH A . 
B 2 HOH 66  127 127 HOH HOH A . 
B 2 HOH 67  128 128 HOH HOH A . 
B 2 HOH 68  129 129 HOH HOH A . 
B 2 HOH 69  130 130 HOH HOH A . 
B 2 HOH 70  131 131 HOH HOH A . 
B 2 HOH 71  132 132 HOH HOH A . 
B 2 HOH 72  133 133 HOH HOH A . 
B 2 HOH 73  134 134 HOH HOH A . 
B 2 HOH 74  135 135 HOH HOH A . 
B 2 HOH 75  136 136 HOH HOH A . 
B 2 HOH 76  137 137 HOH HOH A . 
B 2 HOH 77  138 138 HOH HOH A . 
B 2 HOH 78  139 139 HOH HOH A . 
B 2 HOH 79  140 140 HOH HOH A . 
B 2 HOH 80  141 141 HOH HOH A . 
B 2 HOH 81  142 142 HOH HOH A . 
B 2 HOH 82  143 143 HOH HOH A . 
B 2 HOH 83  144 144 HOH HOH A . 
B 2 HOH 84  145 145 HOH HOH A . 
B 2 HOH 85  146 146 HOH HOH A . 
B 2 HOH 86  147 147 HOH HOH A . 
B 2 HOH 87  148 148 HOH HOH A . 
B 2 HOH 88  149 149 HOH HOH A . 
B 2 HOH 89  150 150 HOH HOH A . 
B 2 HOH 90  151 151 HOH HOH A . 
B 2 HOH 91  152 152 HOH HOH A . 
B 2 HOH 92  153 153 HOH HOH A . 
B 2 HOH 93  154 154 HOH HOH A . 
B 2 HOH 94  155 155 HOH HOH A . 
B 2 HOH 95  156 156 HOH HOH A . 
B 2 HOH 96  157 157 HOH HOH A . 
B 2 HOH 97  158 158 HOH HOH A . 
B 2 HOH 98  159 159 HOH HOH A . 
B 2 HOH 99  160 160 HOH HOH A . 
B 2 HOH 100 161 161 HOH HOH A . 
B 2 HOH 101 162 162 HOH HOH A . 
B 2 HOH 102 163 163 HOH HOH A . 
B 2 HOH 103 164 164 HOH HOH A . 
B 2 HOH 104 165 165 HOH HOH A . 
B 2 HOH 105 166 166 HOH HOH A . 
B 2 HOH 106 167 167 HOH HOH A . 
# 
loop_
_software.name 
_software.classification 
_software.version 
_software.citation_id 
_software.pdbx_ordinal 
SHELXL-96 'model building' . ? 1 
SHELXL-96 refinement       . ? 2 
DENZO     'data reduction' . ? 3 
SCALEPACK 'data scaling'   . ? 4 
SHELXL-96 phasing          . ? 5 
# 
_cell.entry_id           2IGD 
_cell.length_a           35.050 
_cell.length_b           40.500 
_cell.length_c           42.370 
_cell.angle_alpha        90.00 
_cell.angle_beta         90.00 
_cell.angle_gamma        90.00 
_cell.Z_PDB              4 
_cell.pdbx_unique_axis   ? 
# 
_symmetry.entry_id                         2IGD 
_symmetry.space_group_name_H-M             'P 21 21 21' 
_symmetry.pdbx_full_space_group_name_H-M   ? 
_symmetry.cell_setting                     ? 
_symmetry.Int_Tables_number                19 
# 
_exptl.entry_id          2IGD 
_exptl.method            'X-RAY DIFFRACTION' 
_exptl.crystals_number   1 
# 
_exptl_crystal.id                    1 
_exptl_crystal.density_meas          ? 
_exptl_crystal.density_Matthews      2.23 
_exptl_crystal.density_percent_sol   45. 
_exptl_crystal.description           'EXTENSION OF FORMER ISOTROPIC MODEL TO ANISOTROPIC MODEL' 
# 
_exptl_crystal_grow.crystal_id      1 
_exptl_crystal_grow.method          'VAPOR DIFFUSION, HANGING DROP' 
_exptl_crystal_grow.temp            ? 
_exptl_crystal_grow.temp_details    ? 
_exptl_crystal_grow.pH              4.8 
_exptl_crystal_grow.pdbx_pH_range   ? 
_exptl_crystal_grow.pdbx_details    
;CRYSTALS WERE GROWN BY HANGING DROP VAPOUR DIFFUSION FROM 24-26% PEG 4000, 10MM SODIUM ACETATE AT PH 4.8 AND 0.01% SODIUM AZIDE. CELL PARAMETERS ARE NOT THOSE DETERMINED EXPERIMENTALLY. THEY WERE ADJUSTED ON THE BASIS OF THE ENGH & HUBER DICTIONARY AT THE END OF REFINEMENT. THE EXPERIMENTAL ESTIMATES WERE KNOWN TO HAVE POTENTIAL ERRORS DUE TO INACCURACIES IN THE CRYSTAL-TO-DETECTOR AND WAVELENGTH CALIBRATION., vapor diffusion - hanging drop
;
# 
_diffrn.id                     1 
_diffrn.ambient_temp           300 
_diffrn.ambient_temp_details   ? 
_diffrn.crystal_id             1 
# 
_diffrn_detector.diffrn_id              1 
_diffrn_detector.detector               'IMAGE PLATE' 
_diffrn_detector.type                   MARRESEARCH 
_diffrn_detector.pdbx_collection_date   1992-04 
_diffrn_detector.details                'TOROIDAL MIRROR' 
# 
_diffrn_radiation.diffrn_id                        1 
_diffrn_radiation.wavelength_id                    1 
_diffrn_radiation.pdbx_monochromatic_or_laue_m_l   M 
_diffrn_radiation.monochromator                    'SI(111)' 
_diffrn_radiation.pdbx_diffrn_protocol             ? 
_diffrn_radiation.pdbx_scattering_type             x-ray 
# 
_diffrn_radiation_wavelength.id           1 
_diffrn_radiation_wavelength.wavelength   0.72 
_diffrn_radiation_wavelength.wt           1.0 
# 
_diffrn_source.diffrn_id                   1 
_diffrn_source.source                      SYNCHROTRON 
_diffrn_source.type                        'EMBL/DESY, HAMBURG BEAMLINE X31' 
_diffrn_source.pdbx_synchrotron_site       'EMBL/DESY, HAMBURG' 
_diffrn_source.pdbx_synchrotron_beamline   X31 
_diffrn_source.pdbx_wavelength             0.72 
_diffrn_source.pdbx_wavelength_list        ? 
# 
_reflns.entry_id                     2IGD 
_reflns.observed_criterion_sigma_I   0. 
_reflns.observed_criterion_sigma_F   ? 
_reflns.d_resolution_low             10.1 
_reflns.d_resolution_high            1.1 
_reflns.number_obs                   24145 
_reflns.number_all                   ? 
_reflns.percent_possible_obs         97.9 
_reflns.pdbx_Rmerge_I_obs            0.0370000 
_reflns.pdbx_Rsym_value              0.0370000 
_reflns.pdbx_netI_over_sigmaI        39. 
_reflns.B_iso_Wilson_estimate        ? 
_reflns.pdbx_redundancy              4.8 
_reflns.pdbx_ordinal                 1 
_reflns.pdbx_diffrn_id               1 
# 
_reflns_shell.d_res_high             1.10 
_reflns_shell.d_res_low              1.12 
_reflns_shell.percent_possible_all   98.1 
_reflns_shell.Rmerge_I_obs           0.1040000 
_reflns_shell.pdbx_Rsym_value        0.1040000 
_reflns_shell.meanI_over_sigI_obs    12. 
_reflns_shell.pdbx_redundancy        3.6 
_reflns_shell.pdbx_ordinal           1 
_reflns_shell.pdbx_diffrn_id         1 
# 
_refine.entry_id                                 2IGD 
_refine.ls_number_reflns_obs                     ? 
_refine.ls_number_reflns_all                     24145 
_refine.pdbx_ls_sigma_I                          ? 
_refine.pdbx_ls_sigma_F                          ? 
_refine.pdbx_data_cutoff_high_absF               ? 
_refine.pdbx_data_cutoff_low_absF                ? 
_refine.pdbx_data_cutoff_high_rms_absF           ? 
_refine.ls_d_res_low                             10.0 
_refine.ls_d_res_high                            1.1 
_refine.ls_percent_reflns_obs                    97.9 
_refine.ls_R_factor_obs                          0.0970000 
_refine.ls_R_factor_all                          0.0970000 
_refine.ls_R_factor_R_work                       ? 
_refine.ls_R_factor_R_free                       0.1250000 
_refine.ls_R_factor_R_free_error                 ? 
_refine.ls_R_factor_R_free_error_details         ? 
_refine.ls_percent_reflns_R_free                 5.0 
_refine.ls_number_reflns_R_free                  1233 
_refine.ls_number_parameters                     5485 
_refine.ls_number_restraints                     6708 
_refine.occupancy_min                            ? 
_refine.occupancy_max                            ? 
_refine.B_iso_mean                               ? 
_refine.aniso_B[1][1]                            ? 
_refine.aniso_B[2][2]                            ? 
_refine.aniso_B[3][3]                            ? 
_refine.aniso_B[1][2]                            ? 
_refine.aniso_B[1][3]                            ? 
_refine.aniso_B[2][3]                            ? 
_refine.solvent_model_details                    SHELX-96 
_refine.solvent_model_param_ksol                 ? 
_refine.solvent_model_param_bsol                 ? 
_refine.pdbx_ls_cross_valid_method               'FREE R-VALUE' 
_refine.details                                  
'PROLSQ AND SHELX-93 ALSO USED IN PRELIMINARY STAGES. SHELX-93 AND SHELX-96 REFINEMENT IS AGAINST INTENSITIES.' 
_refine.pdbx_starting_model                      'PDB ENTRY 1IGD' 
_refine.pdbx_method_to_determine_struct          'INITIAL MODEL WAS PREVIOUSLY OBTAINED STRUCTURE' 
_refine.pdbx_isotropic_thermal_model             ? 
_refine.pdbx_stereochemistry_target_values       'ENGH & HUBER' 
_refine.pdbx_stereochem_target_val_spec_case     ? 
_refine.pdbx_R_Free_selection_details            '5%, RANDOMLY' 
_refine.pdbx_overall_ESU_R                       ? 
_refine.pdbx_overall_ESU_R_Free                  ? 
_refine.overall_SU_ML                            ? 
_refine.overall_SU_B                             ? 
_refine.pdbx_refine_id                           'X-RAY DIFFRACTION' 
_refine.pdbx_diffrn_id                           1 
_refine.pdbx_TLS_residual_ADP_flag               ? 
_refine.correlation_coeff_Fo_to_Fc               ? 
_refine.correlation_coeff_Fo_to_Fc_free          ? 
_refine.pdbx_solvent_vdw_probe_radii             ? 
_refine.pdbx_solvent_ion_probe_radii             ? 
_refine.pdbx_solvent_shrinkage_radii             ? 
_refine.pdbx_overall_phase_error                 ? 
_refine.overall_SU_R_Cruickshank_DPI             ? 
_refine.pdbx_overall_SU_R_free_Cruickshank_DPI   ? 
_refine.pdbx_overall_SU_R_Blow_DPI               ? 
_refine.pdbx_overall_SU_R_free_Blow_DPI          ? 
# 
_refine_analyze.entry_id                        2IGD 
_refine_analyze.Luzzati_coordinate_error_obs    ? 
_refine_analyze.Luzzati_sigma_a_obs             ? 
_refine_analyze.Luzzati_d_res_low_obs           ? 
_refine_analyze.Luzzati_coordinate_error_free   ? 
_refine_analyze.Luzzati_sigma_a_free            ? 
_refine_analyze.Luzzati_d_res_low_free          ? 
_refine_analyze.number_disordered_residues      9 
_refine_analyze.occupancy_sum_hydrogen          409.9 
_refine_analyze.occupancy_sum_non_hydrogen      571.7 
_refine_analyze.pdbx_refine_id                  'X-RAY DIFFRACTION' 
# 
_refine_hist.pdbx_refine_id                   'X-RAY DIFFRACTION' 
_refine_hist.cycle_id                         LAST 
_refine_hist.pdbx_number_atoms_protein        468 
_refine_hist.pdbx_number_atoms_nucleic_acid   0 
_refine_hist.pdbx_number_atoms_ligand         0 
_refine_hist.number_atoms_solvent             106 
_refine_hist.number_atoms_total               574 
_refine_hist.d_res_high                       1.1 
_refine_hist.d_res_low                        10.0 
# 
loop_
_refine_ls_restr.type 
_refine_ls_restr.dev_ideal 
_refine_ls_restr.dev_ideal_target 
_refine_ls_restr.weight 
_refine_ls_restr.number 
_refine_ls_restr.pdbx_refine_id 
_refine_ls_restr.pdbx_restraint_function 
s_bond_d               0.020 ? ? ? 'X-RAY DIFFRACTION' ? 
s_angle_d              0.028 ? ? ? 'X-RAY DIFFRACTION' ? 
s_similar_dist         ?     ? ? ? 'X-RAY DIFFRACTION' ? 
s_from_restr_planes    0.371 ? ? ? 'X-RAY DIFFRACTION' ? 
s_zero_chiral_vol      0.115 ? ? ? 'X-RAY DIFFRACTION' ? 
s_non_zero_chiral_vol  0.139 ? ? ? 'X-RAY DIFFRACTION' ? 
s_anti_bump_dis_restr  ?     ? ? ? 'X-RAY DIFFRACTION' ? 
s_rigid_bond_adp_cmpnt 0.006 ? ? ? 'X-RAY DIFFRACTION' ? 
s_similar_adp_cmpnt    0.042 ? ? ? 'X-RAY DIFFRACTION' ? 
s_approx_iso_adps      0.117 ? ? ? 'X-RAY DIFFRACTION' ? 
# 
_pdbx_refine.entry_id                                    2IGD 
_pdbx_refine.R_factor_all_no_cutoff                      0.0970000 
_pdbx_refine.R_factor_obs_no_cutoff                      0.0970000 
_pdbx_refine.free_R_factor_no_cutoff                     0.1250000 
_pdbx_refine.free_R_val_test_set_size_perc_no_cutoff     5.0 
_pdbx_refine.free_R_val_test_set_ct_no_cutoff            1233 
_pdbx_refine.R_factor_all_4sig_cutoff                    0.0930000 
_pdbx_refine.R_factor_obs_4sig_cutoff                    0.0930000 
_pdbx_refine.free_R_factor_4sig_cutoff                   0.1200000 
_pdbx_refine.free_R_val_test_set_size_perc_4sig_cutoff   5.35 
_pdbx_refine.free_R_val_test_set_ct_4sig_cutoff          1150 
_pdbx_refine.number_reflns_obs_4sig_cutoff               21473 
_pdbx_refine.pdbx_refine_id                              'X-RAY DIFFRACTION' 
_pdbx_refine.free_R_error_no_cutoff                      ? 
# 
_struct.entry_id                  2IGD 
_struct.title                     'ANISOTROPIC STRUCTURE OF PROTEIN G IGG-BINDING DOMAIN III AT 1.1 ANGSTROM RESOLUTION' 
_struct.pdbx_model_details        ? 
_struct.pdbx_CASP_flag            ? 
_struct.pdbx_model_type_details   ? 
# 
_struct_keywords.entry_id        2IGD 
_struct_keywords.pdbx_keywords   'IGG-BINDING PROTEIN' 
_struct_keywords.text            'ATOMIC RESOLUTION, PROTEIN G, IMMUNOGLOBULIN-BINDING, IGG-BINDING PROTEIN, TRANSMEMBRANE' 
# 
loop_
_struct_asym.id 
_struct_asym.pdbx_blank_PDB_chainid_flag 
_struct_asym.pdbx_modified 
_struct_asym.entity_id 
_struct_asym.details 
A N N 1 ? 
B N N 2 ? 
# 
_struct_ref.id                         1 
_struct_ref.db_name                    UNP 
_struct_ref.db_code                    SPG1_STRSG 
_struct_ref.entity_id                  1 
_struct_ref.pdbx_db_accession          P06654 
_struct_ref.pdbx_align_begin           1 
_struct_ref.pdbx_seq_one_letter_code   
;MEKEKKVKYFLRKSAFGLASVSAAFLVGSTVFAVDSPIEDTPIIRNGGELTNLLGNSETTLALRNEESATADLTAAAVAD
TVAAAAAENAGAAAWEAAAAADALAKAKADALKEFNKYGVSDYYKNLINNAKTVEGIKDLQAQVVESAKKARISEATDGL
SDFLKSQTPAEDTVKSIELAEAKVLANRELDKYGVSDYHKNLINNAKTVEGVKELIDEILAALPKTDTYKLILNGKTLKG
ETTTEAVDAATAEKVFKQYANDNGVDGEWTYDDATKTFTVTEKPEVIDASELTPAVTTYKLVINGKTLKGETTTKAVDAE
TAEKAFKQYANDNGVDGVWTYDDATKTFTVTEMVTEVPGDAPTEPEKPEASIPLVPLTPATPIAKDDAKKDDTKKEDAKK
PEAKKDDAKKAETLPTTGEGSNPFFTAAALAVMAGAGALAVASKRKED
;
_struct_ref.pdbx_db_isoform            ? 
# 
_struct_ref_seq.align_id                      1 
_struct_ref_seq.ref_id                        1 
_struct_ref_seq.pdbx_PDB_id_code              2IGD 
_struct_ref_seq.pdbx_strand_id                A 
_struct_ref_seq.seq_align_beg                 2 
_struct_ref_seq.pdbx_seq_align_beg_ins_code   ? 
_struct_ref_seq.seq_align_end                 61 
_struct_ref_seq.pdbx_seq_align_end_ins_code   ? 
_struct_ref_seq.pdbx_db_accession             P06654 
_struct_ref_seq.db_align_beg                  293 
_struct_ref_seq.pdbx_db_align_beg_ins_code    ? 
_struct_ref_seq.db_align_end                  352 
_struct_ref_seq.pdbx_db_align_end_ins_code    ? 
_struct_ref_seq.pdbx_auth_seq_align_beg       2 
_struct_ref_seq.pdbx_auth_seq_align_end       61 
# 
_pdbx_struct_assembly.id                   1 
_pdbx_struct_assembly.details              author_defined_assembly 
_pdbx_struct_assembly.method_details       ? 
_pdbx_struct_assembly.oligomeric_details   monomeric 
_pdbx_struct_assembly.oligomeric_count     1 
# 
_pdbx_struct_assembly_gen.assembly_id       1 
_pdbx_struct_assembly_gen.oper_expression   1 
_pdbx_struct_assembly_gen.asym_id_list      A,B 
# 
_pdbx_struct_oper_list.id                   1 
_pdbx_struct_oper_list.type                 'identity operation' 
_pdbx_struct_oper_list.name                 1_555 
_pdbx_struct_oper_list.symmetry_operation   x,y,z 
_pdbx_struct_oper_list.matrix[1][1]         1.0000000000 
_pdbx_struct_oper_list.matrix[1][2]         0.0000000000 
_pdbx_struct_oper_list.matrix[1][3]         0.0000000000 
_pdbx_struct_oper_list.vector[1]            0.0000000000 
_pdbx_struct_oper_list.matrix[2][1]         0.0000000000 
_pdbx_struct_oper_list.matrix[2][2]         1.0000000000 
_pdbx_struct_oper_list.matrix[2][3]         0.0000000000 
_pdbx_struct_oper_list.vector[2]            0.0000000000 
_pdbx_struct_oper_list.matrix[3][1]         0.0000000000 
_pdbx_struct_oper_list.matrix[3][2]         0.0000000000 
_pdbx_struct_oper_list.matrix[3][3]         1.0000000000 
_pdbx_struct_oper_list.vector[3]            0.0000000000 
# 
_struct_biol.id   1 
# 
_struct_conf.conf_type_id            HELX_P 
_struct_conf.id                      HELX_P1 
_struct_conf.pdbx_PDB_helix_id       1 
_struct_conf.beg_label_comp_id       ALA 
_struct_conf.beg_label_asym_id       A 
_struct_conf.beg_label_seq_id        28 
_struct_conf.pdbx_beg_PDB_ins_code   ? 
_struct_conf.end_label_comp_id       ASP 
_struct_conf.end_label_asym_id       A 
_struct_conf.end_label_seq_id        41 
_struct_conf.pdbx_end_PDB_ins_code   ? 
_struct_conf.beg_auth_comp_id        ALA 
_struct_conf.beg_auth_asym_id        A 
_struct_conf.beg_auth_seq_id         28 
_struct_conf.end_auth_comp_id        ASP 
_struct_conf.end_auth_asym_id        A 
_struct_conf.end_auth_seq_id         41 
_struct_conf.pdbx_PDB_helix_class    1 
_struct_conf.details                 ? 
_struct_conf.pdbx_PDB_helix_length   14 
# 
_struct_conf_type.id          HELX_P 
_struct_conf_type.criteria    ? 
_struct_conf_type.reference   ? 
# 
_struct_sheet.id               A 
_struct_sheet.type             ? 
_struct_sheet.number_strands   4 
_struct_sheet.details          ? 
# 
loop_
_struct_sheet_order.sheet_id 
_struct_sheet_order.range_id_1 
_struct_sheet_order.range_id_2 
_struct_sheet_order.offset 
_struct_sheet_order.sense 
A 1 2 ? anti-parallel 
A 2 3 ? parallel      
A 3 4 ? anti-parallel 
# 
loop_
_struct_sheet_range.sheet_id 
_struct_sheet_range.id 
_struct_sheet_range.beg_label_comp_id 
_struct_sheet_range.beg_label_asym_id 
_struct_sheet_range.beg_label_seq_id 
_struct_sheet_range.pdbx_beg_PDB_ins_code 
_struct_sheet_range.end_label_comp_id 
_struct_sheet_range.end_label_asym_id 
_struct_sheet_range.end_label_seq_id 
_struct_sheet_range.pdbx_end_PDB_ins_code 
_struct_sheet_range.beg_auth_comp_id 
_struct_sheet_range.beg_auth_asym_id 
_struct_sheet_range.beg_auth_seq_id 
_struct_sheet_range.end_auth_comp_id 
_struct_sheet_range.end_auth_asym_id 
_struct_sheet_range.end_auth_seq_id 
A 1 LYS A 18 ? ALA A 25 ? LYS A 18 ALA A 25 
A 2 THR A 6  ? ASN A 13 ? THR A 6  ASN A 13 
A 3 THR A 56 ? THR A 60 ? THR A 56 THR A 60 
A 4 VAL A 47 ? ASP A 51 ? VAL A 47 ASP A 51 
# 
loop_
_pdbx_struct_sheet_hbond.sheet_id 
_pdbx_struct_sheet_hbond.range_id_1 
_pdbx_struct_sheet_hbond.range_id_2 
_pdbx_struct_sheet_hbond.range_1_label_atom_id 
_pdbx_struct_sheet_hbond.range_1_label_comp_id 
_pdbx_struct_sheet_hbond.range_1_label_asym_id 
_pdbx_struct_sheet_hbond.range_1_label_seq_id 
_pdbx_struct_sheet_hbond.range_1_PDB_ins_code 
_pdbx_struct_sheet_hbond.range_1_auth_atom_id 
_pdbx_struct_sheet_hbond.range_1_auth_comp_id 
_pdbx_struct_sheet_hbond.range_1_auth_asym_id 
_pdbx_struct_sheet_hbond.range_1_auth_seq_id 
_pdbx_struct_sheet_hbond.range_2_label_atom_id 
_pdbx_struct_sheet_hbond.range_2_label_comp_id 
_pdbx_struct_sheet_hbond.range_2_label_asym_id 
_pdbx_struct_sheet_hbond.range_2_label_seq_id 
_pdbx_struct_sheet_hbond.range_2_PDB_ins_code 
_pdbx_struct_sheet_hbond.range_2_auth_atom_id 
_pdbx_struct_sheet_hbond.range_2_auth_comp_id 
_pdbx_struct_sheet_hbond.range_2_auth_asym_id 
_pdbx_struct_sheet_hbond.range_2_auth_seq_id 
A 1 2 O GLY A 19 ? O GLY A 19 N ILE A 12 ? N ILE A 12 
A 2 3 O LYS A 9  ? O LYS A 9  N PHE A 57 ? N PHE A 57 
A 3 4 O THR A 56 ? O THR A 56 N ASP A 51 ? N ASP A 51 
# 
loop_
_pdbx_validate_close_contact.id 
_pdbx_validate_close_contact.PDB_model_num 
_pdbx_validate_close_contact.auth_atom_id_1 
_pdbx_validate_close_contact.auth_asym_id_1 
_pdbx_validate_close_contact.auth_comp_id_1 
_pdbx_validate_close_contact.auth_seq_id_1 
_pdbx_validate_close_contact.PDB_ins_code_1 
_pdbx_validate_close_contact.label_alt_id_1 
_pdbx_validate_close_contact.auth_atom_id_2 
_pdbx_validate_close_contact.auth_asym_id_2 
_pdbx_validate_close_contact.auth_comp_id_2 
_pdbx_validate_close_contact.auth_seq_id_2 
_pdbx_validate_close_contact.PDB_ins_code_2 
_pdbx_validate_close_contact.label_alt_id_2 
_pdbx_validate_close_contact.dist 
1 1 O A HOH 105 ? ? O A HOH 146 ? ? 1.91 
2 1 O A HOH 97  ? ? O A HOH 139 ? ? 1.91 
# 
_pdbx_validate_symm_contact.id                1 
_pdbx_validate_symm_contact.PDB_model_num     1 
_pdbx_validate_symm_contact.auth_atom_id_1    O 
_pdbx_validate_symm_contact.auth_asym_id_1    A 
_pdbx_validate_symm_contact.auth_comp_id_1    HOH 
_pdbx_validate_symm_contact.auth_seq_id_1     121 
_pdbx_validate_symm_contact.PDB_ins_code_1    ? 
_pdbx_validate_symm_contact.label_alt_id_1    ? 
_pdbx_validate_symm_contact.site_symmetry_1   1_555 
_pdbx_validate_symm_contact.auth_atom_id_2    O 
_pdbx_validate_symm_contact.auth_asym_id_2    A 
_pdbx_validate_symm_contact.auth_comp_id_2    HOH 
_pdbx_validate_symm_contact.auth_seq_id_2     130 
_pdbx_validate_symm_contact.PDB_ins_code_2    ? 
_pdbx_validate_symm_contact.label_alt_id_2    ? 
_pdbx_validate_symm_contact.site_symmetry_2   4_566 
_pdbx_validate_symm_contact.dist              2.19 
# 
_pdbx_validate_rmsd_bond.id                        1 
_pdbx_validate_rmsd_bond.PDB_model_num             1 
_pdbx_validate_rmsd_bond.auth_atom_id_1            CD 
_pdbx_validate_rmsd_bond.auth_asym_id_1            A 
_pdbx_validate_rmsd_bond.auth_comp_id_1            GLU 
_pdbx_validate_rmsd_bond.auth_seq_id_1             20 
_pdbx_validate_rmsd_bond.PDB_ins_code_1            ? 
_pdbx_validate_rmsd_bond.label_alt_id_1            A 
_pdbx_validate_rmsd_bond.auth_atom_id_2            OE1 
_pdbx_validate_rmsd_bond.auth_asym_id_2            A 
_pdbx_validate_rmsd_bond.auth_comp_id_2            GLU 
_pdbx_validate_rmsd_bond.auth_seq_id_2             20 
_pdbx_validate_rmsd_bond.PDB_ins_code_2            ? 
_pdbx_validate_rmsd_bond.label_alt_id_2            A 
_pdbx_validate_rmsd_bond.bond_value                1.183 
_pdbx_validate_rmsd_bond.bond_target_value         1.252 
_pdbx_validate_rmsd_bond.bond_deviation            -0.069 
_pdbx_validate_rmsd_bond.bond_standard_deviation   0.011 
_pdbx_validate_rmsd_bond.linker_flag               N 
# 
_pdbx_validate_torsion.id              1 
_pdbx_validate_torsion.PDB_model_num   1 
_pdbx_validate_torsion.auth_comp_id    ASN 
_pdbx_validate_torsion.auth_asym_id    A 
_pdbx_validate_torsion.auth_seq_id     13 
_pdbx_validate_torsion.PDB_ins_code    ? 
_pdbx_validate_torsion.label_alt_id    ? 
_pdbx_validate_torsion.phi             -113.80 
_pdbx_validate_torsion.psi             70.00 
# 
loop_
_chem_comp_atom.comp_id 
_chem_comp_atom.atom_id 
_chem_comp_atom.type_symbol 
_chem_comp_atom.pdbx_aromatic_flag 
_chem_comp_atom.pdbx_stereo_config 
_chem_comp_atom.pdbx_ordinal 
ALA N    N N N 1   
ALA CA   C N S 2   
ALA C    C N N 3   
ALA O    O N N 4   
ALA CB   C N N 5   
ALA OXT  O N N 6   
ALA H    H N N 7   
ALA H2   H N N 8   
ALA HA   H N N 9   
ALA HB1  H N N 10  
ALA HB2  H N N 11  
ALA HB3  H N N 12  
ALA HXT  H N N 13  
ASN N    N N N 14  
ASN CA   C N S 15  
ASN C    C N N 16  
ASN O    O N N 17  
ASN CB   C N N 18  
ASN CG   C N N 19  
ASN OD1  O N N 20  
ASN ND2  N N N 21  
ASN OXT  O N N 22  
ASN H    H N N 23  
ASN H2   H N N 24  
ASN HA   H N N 25  
ASN HB2  H N N 26  
ASN HB3  H N N 27  
ASN HD21 H N N 28  
ASN HD22 H N N 29  
ASN HXT  H N N 30  
ASP N    N N N 31  
ASP CA   C N S 32  
ASP C    C N N 33  
ASP O    O N N 34  
ASP CB   C N N 35  
ASP CG   C N N 36  
ASP OD1  O N N 37  
ASP OD2  O N N 38  
ASP OXT  O N N 39  
ASP H    H N N 40  
ASP H2   H N N 41  
ASP HA   H N N 42  
ASP HB2  H N N 43  
ASP HB3  H N N 44  
ASP HD2  H N N 45  
ASP HXT  H N N 46  
GLN N    N N N 47  
GLN CA   C N S 48  
GLN C    C N N 49  
GLN O    O N N 50  
GLN CB   C N N 51  
GLN CG   C N N 52  
GLN CD   C N N 53  
GLN OE1  O N N 54  
GLN NE2  N N N 55  
GLN OXT  O N N 56  
GLN H    H N N 57  
GLN H2   H N N 58  
GLN HA   H N N 59  
GLN HB2  H N N 60  
GLN HB3  H N N 61  
GLN HG2  H N N 62  
GLN HG3  H N N 63  
GLN HE21 H N N 64  
GLN HE22 H N N 65  
GLN HXT  H N N 66  
GLU N    N N N 67  
GLU CA   C N S 68  
GLU C    C N N 69  
GLU O    O N N 70  
GLU CB   C N N 71  
GLU CG   C N N 72  
GLU CD   C N N 73  
GLU OE1  O N N 74  
GLU OE2  O N N 75  
GLU OXT  O N N 76  
GLU H    H N N 77  
GLU H2   H N N 78  
GLU HA   H N N 79  
GLU HB2  H N N 80  
GLU HB3  H N N 81  
GLU HG2  H N N 82  
GLU HG3  H N N 83  
GLU HE2  H N N 84  
GLU HXT  H N N 85  
GLY N    N N N 86  
GLY CA   C N N 87  
GLY C    C N N 88  
GLY O    O N N 89  
GLY OXT  O N N 90  
GLY H    H N N 91  
GLY H2   H N N 92  
GLY HA2  H N N 93  
GLY HA3  H N N 94  
GLY HXT  H N N 95  
HOH O    O N N 96  
HOH H1   H N N 97  
HOH H2   H N N 98  
ILE N    N N N 99  
ILE CA   C N S 100 
ILE C    C N N 101 
ILE O    O N N 102 
ILE CB   C N S 103 
ILE CG1  C N N 104 
ILE CG2  C N N 105 
ILE CD1  C N N 106 
ILE OXT  O N N 107 
ILE H    H N N 108 
ILE H2   H N N 109 
ILE HA   H N N 110 
ILE HB   H N N 111 
ILE HG12 H N N 112 
ILE HG13 H N N 113 
ILE HG21 H N N 114 
ILE HG22 H N N 115 
ILE HG23 H N N 116 
ILE HD11 H N N 117 
ILE HD12 H N N 118 
ILE HD13 H N N 119 
ILE HXT  H N N 120 
LEU N    N N N 121 
LEU CA   C N S 122 
LEU C    C N N 123 
LEU O    O N N 124 
LEU CB   C N N 125 
LEU CG   C N N 126 
LEU CD1  C N N 127 
LEU CD2  C N N 128 
LEU OXT  O N N 129 
LEU H    H N N 130 
LEU H2   H N N 131 
LEU HA   H N N 132 
LEU HB2  H N N 133 
LEU HB3  H N N 134 
LEU HG   H N N 135 
LEU HD11 H N N 136 
LEU HD12 H N N 137 
LEU HD13 H N N 138 
LEU HD21 H N N 139 
LEU HD22 H N N 140 
LEU HD23 H N N 141 
LEU HXT  H N N 142 
LYS N    N N N 143 
LYS CA   C N S 144 
LYS C    C N N 145 
LYS O    O N N 146 
LYS CB   C N N 147 
LYS CG   C N N 148 
LYS CD   C N N 149 
LYS CE   C N N 150 
LYS NZ   N N N 151 
LYS OXT  O N N 152 
LYS H    H N N 153 
LYS H2   H N N 154 
LYS HA   H N N 155 
LYS HB2  H N N 156 
LYS HB3  H N N 157 
LYS HG2  H N N 158 
LYS HG3  H N N 159 
LYS HD2  H N N 160 
LYS HD3  H N N 161 
LYS HE2  H N N 162 
LYS HE3  H N N 163 
LYS HZ1  H N N 164 
LYS HZ2  H N N 165 
LYS HZ3  H N N 166 
LYS HXT  H N N 167 
MET N    N N N 168 
MET CA   C N S 169 
MET C    C N N 170 
MET O    O N N 171 
MET CB   C N N 172 
MET CG   C N N 173 
MET SD   S N N 174 
MET CE   C N N 175 
MET OXT  O N N 176 
MET H    H N N 177 
MET H2   H N N 178 
MET HA   H N N 179 
MET HB2  H N N 180 
MET HB3  H N N 181 
MET HG2  H N N 182 
MET HG3  H N N 183 
MET HE1  H N N 184 
MET HE2  H N N 185 
MET HE3  H N N 186 
MET HXT  H N N 187 
PHE N    N N N 188 
PHE CA   C N S 189 
PHE C    C N N 190 
PHE O    O N N 191 
PHE CB   C N N 192 
PHE CG   C Y N 193 
PHE CD1  C Y N 194 
PHE CD2  C Y N 195 
PHE CE1  C Y N 196 
PHE CE2  C Y N 197 
PHE CZ   C Y N 198 
PHE OXT  O N N 199 
PHE H    H N N 200 
PHE H2   H N N 201 
PHE HA   H N N 202 
PHE HB2  H N N 203 
PHE HB3  H N N 204 
PHE HD1  H N N 205 
PHE HD2  H N N 206 
PHE HE1  H N N 207 
PHE HE2  H N N 208 
PHE HZ   H N N 209 
PHE HXT  H N N 210 
PRO N    N N N 211 
PRO CA   C N S 212 
PRO C    C N N 213 
PRO O    O N N 214 
PRO CB   C N N 215 
PRO CG   C N N 216 
PRO CD   C N N 217 
PRO OXT  O N N 218 
PRO H    H N N 219 
PRO HA   H N N 220 
PRO HB2  H N N 221 
PRO HB3  H N N 222 
PRO HG2  H N N 223 
PRO HG3  H N N 224 
PRO HD2  H N N 225 
PRO HD3  H N N 226 
PRO HXT  H N N 227 
THR N    N N N 228 
THR CA   C N S 229 
THR C    C N N 230 
THR O    O N N 231 
THR CB   C N R 232 
THR OG1  O N N 233 
THR CG2  C N N 234 
THR OXT  O N N 235 
THR H    H N N 236 
THR H2   H N N 237 
THR HA   H N N 238 
THR HB   H N N 239 
THR HG1  H N N 240 
THR HG21 H N N 241 
THR HG22 H N N 242 
THR HG23 H N N 243 
THR HXT  H N N 244 
TRP N    N N N 245 
TRP CA   C N S 246 
TRP C    C N N 247 
TRP O    O N N 248 
TRP CB   C N N 249 
TRP CG   C Y N 250 
TRP CD1  C Y N 251 
TRP CD2  C Y N 252 
TRP NE1  N Y N 253 
TRP CE2  C Y N 254 
TRP CE3  C Y N 255 
TRP CZ2  C Y N 256 
TRP CZ3  C Y N 257 
TRP CH2  C Y N 258 
TRP OXT  O N N 259 
TRP H    H N N 260 
TRP H2   H N N 261 
TRP HA   H N N 262 
TRP HB2  H N N 263 
TRP HB3  H N N 264 
TRP HD1  H N N 265 
TRP HE1  H N N 266 
TRP HE3  H N N 267 
TRP HZ2  H N N 268 
TRP HZ3  H N N 269 
TRP HH2  H N N 270 
TRP HXT  H N N 271 
TYR N    N N N 272 
TYR CA   C N S 273 
TYR C    C N N 274 
TYR O    O N N 275 
TYR CB   C N N 276 
TYR CG   C Y N 277 
TYR CD1  C Y N 278 
TYR CD2  C Y N 279 
TYR CE1  C Y N 280 
TYR CE2  C Y N 281 
TYR CZ   C Y N 282 
TYR OH   O N N 283 
TYR OXT  O N N 284 
TYR H    H N N 285 
TYR H2   H N N 286 
TYR HA   H N N 287 
TYR HB2  H N N 288 
TYR HB3  H N N 289 
TYR HD1  H N N 290 
TYR HD2  H N N 291 
TYR HE1  H N N 292 
TYR HE2  H N N 293 
TYR HH   H N N 294 
TYR HXT  H N N 295 
VAL N    N N N 296 
VAL CA   C N S 297 
VAL C    C N N 298 
VAL O    O N N 299 
VAL CB   C N N 300 
VAL CG1  C N N 301 
VAL CG2  C N N 302 
VAL OXT  O N N 303 
VAL H    H N N 304 
VAL H2   H N N 305 
VAL HA   H N N 306 
VAL HB   H N N 307 
VAL HG11 H N N 308 
VAL HG12 H N N 309 
VAL HG13 H N N 310 
VAL HG21 H N N 311 
VAL HG22 H N N 312 
VAL HG23 H N N 313 
VAL HXT  H N N 314 
# 
loop_
_chem_comp_bond.comp_id 
_chem_comp_bond.atom_id_1 
_chem_comp_bond.atom_id_2 
_chem_comp_bond.value_order 
_chem_comp_bond.pdbx_aromatic_flag 
_chem_comp_bond.pdbx_stereo_config 
_chem_comp_bond.pdbx_ordinal 
ALA N   CA   sing N N 1   
ALA N   H    sing N N 2   
ALA N   H2   sing N N 3   
ALA CA  C    sing N N 4   
ALA CA  CB   sing N N 5   
ALA CA  HA   sing N N 6   
ALA C   O    doub N N 7   
ALA C   OXT  sing N N 8   
ALA CB  HB1  sing N N 9   
ALA CB  HB2  sing N N 10  
ALA CB  HB3  sing N N 11  
ALA OXT HXT  sing N N 12  
ASN N   CA   sing N N 13  
ASN N   H    sing N N 14  
ASN N   H2   sing N N 15  
ASN CA  C    sing N N 16  
ASN CA  CB   sing N N 17  
ASN CA  HA   sing N N 18  
ASN C   O    doub N N 19  
ASN C   OXT  sing N N 20  
ASN CB  CG   sing N N 21  
ASN CB  HB2  sing N N 22  
ASN CB  HB3  sing N N 23  
ASN CG  OD1  doub N N 24  
ASN CG  ND2  sing N N 25  
ASN ND2 HD21 sing N N 26  
ASN ND2 HD22 sing N N 27  
ASN OXT HXT  sing N N 28  
ASP N   CA   sing N N 29  
ASP N   H    sing N N 30  
ASP N   H2   sing N N 31  
ASP CA  C    sing N N 32  
ASP CA  CB   sing N N 33  
ASP CA  HA   sing N N 34  
ASP C   O    doub N N 35  
ASP C   OXT  sing N N 36  
ASP CB  CG   sing N N 37  
ASP CB  HB2  sing N N 38  
ASP CB  HB3  sing N N 39  
ASP CG  OD1  doub N N 40  
ASP CG  OD2  sing N N 41  
ASP OD2 HD2  sing N N 42  
ASP OXT HXT  sing N N 43  
GLN N   CA   sing N N 44  
GLN N   H    sing N N 45  
GLN N   H2   sing N N 46  
GLN CA  C    sing N N 47  
GLN CA  CB   sing N N 48  
GLN CA  HA   sing N N 49  
GLN C   O    doub N N 50  
GLN C   OXT  sing N N 51  
GLN CB  CG   sing N N 52  
GLN CB  HB2  sing N N 53  
GLN CB  HB3  sing N N 54  
GLN CG  CD   sing N N 55  
GLN CG  HG2  sing N N 56  
GLN CG  HG3  sing N N 57  
GLN CD  OE1  doub N N 58  
GLN CD  NE2  sing N N 59  
GLN NE2 HE21 sing N N 60  
GLN NE2 HE22 sing N N 61  
GLN OXT HXT  sing N N 62  
GLU N   CA   sing N N 63  
GLU N   H    sing N N 64  
GLU N   H2   sing N N 65  
GLU CA  C    sing N N 66  
GLU CA  CB   sing N N 67  
GLU CA  HA   sing N N 68  
GLU C   O    doub N N 69  
GLU C   OXT  sing N N 70  
GLU CB  CG   sing N N 71  
GLU CB  HB2  sing N N 72  
GLU CB  HB3  sing N N 73  
GLU CG  CD   sing N N 74  
GLU CG  HG2  sing N N 75  
GLU CG  HG3  sing N N 76  
GLU CD  OE1  doub N N 77  
GLU CD  OE2  sing N N 78  
GLU OE2 HE2  sing N N 79  
GLU OXT HXT  sing N N 80  
GLY N   CA   sing N N 81  
GLY N   H    sing N N 82  
GLY N   H2   sing N N 83  
GLY CA  C    sing N N 84  
GLY CA  HA2  sing N N 85  
GLY CA  HA3  sing N N 86  
GLY C   O    doub N N 87  
GLY C   OXT  sing N N 88  
GLY OXT HXT  sing N N 89  
HOH O   H1   sing N N 90  
HOH O   H2   sing N N 91  
ILE N   CA   sing N N 92  
ILE N   H    sing N N 93  
ILE N   H2   sing N N 94  
ILE CA  C    sing N N 95  
ILE CA  CB   sing N N 96  
ILE CA  HA   sing N N 97  
ILE C   O    doub N N 98  
ILE C   OXT  sing N N 99  
ILE CB  CG1  sing N N 100 
ILE CB  CG2  sing N N 101 
ILE CB  HB   sing N N 102 
ILE CG1 CD1  sing N N 103 
ILE CG1 HG12 sing N N 104 
ILE CG1 HG13 sing N N 105 
ILE CG2 HG21 sing N N 106 
ILE CG2 HG22 sing N N 107 
ILE CG2 HG23 sing N N 108 
ILE CD1 HD11 sing N N 109 
ILE CD1 HD12 sing N N 110 
ILE CD1 HD13 sing N N 111 
ILE OXT HXT  sing N N 112 
LEU N   CA   sing N N 113 
LEU N   H    sing N N 114 
LEU N   H2   sing N N 115 
LEU CA  C    sing N N 116 
LEU CA  CB   sing N N 117 
LEU CA  HA   sing N N 118 
LEU C   O    doub N N 119 
LEU C   OXT  sing N N 120 
LEU CB  CG   sing N N 121 
LEU CB  HB2  sing N N 122 
LEU CB  HB3  sing N N 123 
LEU CG  CD1  sing N N 124 
LEU CG  CD2  sing N N 125 
LEU CG  HG   sing N N 126 
LEU CD1 HD11 sing N N 127 
LEU CD1 HD12 sing N N 128 
LEU CD1 HD13 sing N N 129 
LEU CD2 HD21 sing N N 130 
LEU CD2 HD22 sing N N 131 
LEU CD2 HD23 sing N N 132 
LEU OXT HXT  sing N N 133 
LYS N   CA   sing N N 134 
LYS N   H    sing N N 135 
LYS N   H2   sing N N 136 
LYS CA  C    sing N N 137 
LYS CA  CB   sing N N 138 
LYS CA  HA   sing N N 139 
LYS C   O    doub N N 140 
LYS C   OXT  sing N N 141 
LYS CB  CG   sing N N 142 
LYS CB  HB2  sing N N 143 
LYS CB  HB3  sing N N 144 
LYS CG  CD   sing N N 145 
LYS CG  HG2  sing N N 146 
LYS CG  HG3  sing N N 147 
LYS CD  CE   sing N N 148 
LYS CD  HD2  sing N N 149 
LYS CD  HD3  sing N N 150 
LYS CE  NZ   sing N N 151 
LYS CE  HE2  sing N N 152 
LYS CE  HE3  sing N N 153 
LYS NZ  HZ1  sing N N 154 
LYS NZ  HZ2  sing N N 155 
LYS NZ  HZ3  sing N N 156 
LYS OXT HXT  sing N N 157 
MET N   CA   sing N N 158 
MET N   H    sing N N 159 
MET N   H2   sing N N 160 
MET CA  C    sing N N 161 
MET CA  CB   sing N N 162 
MET CA  HA   sing N N 163 
MET C   O    doub N N 164 
MET C   OXT  sing N N 165 
MET CB  CG   sing N N 166 
MET CB  HB2  sing N N 167 
MET CB  HB3  sing N N 168 
MET CG  SD   sing N N 169 
MET CG  HG2  sing N N 170 
MET CG  HG3  sing N N 171 
MET SD  CE   sing N N 172 
MET CE  HE1  sing N N 173 
MET CE  HE2  sing N N 174 
MET CE  HE3  sing N N 175 
MET OXT HXT  sing N N 176 
PHE N   CA   sing N N 177 
PHE N   H    sing N N 178 
PHE N   H2   sing N N 179 
PHE CA  C    sing N N 180 
PHE CA  CB   sing N N 181 
PHE CA  HA   sing N N 182 
PHE C   O    doub N N 183 
PHE C   OXT  sing N N 184 
PHE CB  CG   sing N N 185 
PHE CB  HB2  sing N N 186 
PHE CB  HB3  sing N N 187 
PHE CG  CD1  doub Y N 188 
PHE CG  CD2  sing Y N 189 
PHE CD1 CE1  sing Y N 190 
PHE CD1 HD1  sing N N 191 
PHE CD2 CE2  doub Y N 192 
PHE CD2 HD2  sing N N 193 
PHE CE1 CZ   doub Y N 194 
PHE CE1 HE1  sing N N 195 
PHE CE2 CZ   sing Y N 196 
PHE CE2 HE2  sing N N 197 
PHE CZ  HZ   sing N N 198 
PHE OXT HXT  sing N N 199 
PRO N   CA   sing N N 200 
PRO N   CD   sing N N 201 
PRO N   H    sing N N 202 
PRO CA  C    sing N N 203 
PRO CA  CB   sing N N 204 
PRO CA  HA   sing N N 205 
PRO C   O    doub N N 206 
PRO C   OXT  sing N N 207 
PRO CB  CG   sing N N 208 
PRO CB  HB2  sing N N 209 
PRO CB  HB3  sing N N 210 
PRO CG  CD   sing N N 211 
PRO CG  HG2  sing N N 212 
PRO CG  HG3  sing N N 213 
PRO CD  HD2  sing N N 214 
PRO CD  HD3  sing N N 215 
PRO OXT HXT  sing N N 216 
THR N   CA   sing N N 217 
THR N   H    sing N N 218 
THR N   H2   sing N N 219 
THR CA  C    sing N N 220 
THR CA  CB   sing N N 221 
THR CA  HA   sing N N 222 
THR C   O    doub N N 223 
THR C   OXT  sing N N 224 
THR CB  OG1  sing N N 225 
THR CB  CG2  sing N N 226 
THR CB  HB   sing N N 227 
THR OG1 HG1  sing N N 228 
THR CG2 HG21 sing N N 229 
THR CG2 HG22 sing N N 230 
THR CG2 HG23 sing N N 231 
THR OXT HXT  sing N N 232 
TRP N   CA   sing N N 233 
TRP N   H    sing N N 234 
TRP N   H2   sing N N 235 
TRP CA  C    sing N N 236 
TRP CA  CB   sing N N 237 
TRP CA  HA   sing N N 238 
TRP C   O    doub N N 239 
TRP C   OXT  sing N N 240 
TRP CB  CG   sing N N 241 
TRP CB  HB2  sing N N 242 
TRP CB  HB3  sing N N 243 
TRP CG  CD1  doub Y N 244 
TRP CG  CD2  sing Y N 245 
TRP CD1 NE1  sing Y N 246 
TRP CD1 HD1  sing N N 247 
TRP CD2 CE2  doub Y N 248 
TRP CD2 CE3  sing Y N 249 
TRP NE1 CE2  sing Y N 250 
TRP NE1 HE1  sing N N 251 
TRP CE2 CZ2  sing Y N 252 
TRP CE3 CZ3  doub Y N 253 
TRP CE3 HE3  sing N N 254 
TRP CZ2 CH2  doub Y N 255 
TRP CZ2 HZ2  sing N N 256 
TRP CZ3 CH2  sing Y N 257 
TRP CZ3 HZ3  sing N N 258 
TRP CH2 HH2  sing N N 259 
TRP OXT HXT  sing N N 260 
TYR N   CA   sing N N 261 
TYR N   H    sing N N 262 
TYR N   H2   sing N N 263 
TYR CA  C    sing N N 264 
TYR CA  CB   sing N N 265 
TYR CA  HA   sing N N 266 
TYR C   O    doub N N 267 
TYR C   OXT  sing N N 268 
TYR CB  CG   sing N N 269 
TYR CB  HB2  sing N N 270 
TYR CB  HB3  sing N N 271 
TYR CG  CD1  doub Y N 272 
TYR CG  CD2  sing Y N 273 
TYR CD1 CE1  sing Y N 274 
TYR CD1 HD1  sing N N 275 
TYR CD2 CE2  doub Y N 276 
TYR CD2 HD2  sing N N 277 
TYR CE1 CZ   doub Y N 278 
TYR CE1 HE1  sing N N 279 
TYR CE2 CZ   sing Y N 280 
TYR CE2 HE2  sing N N 281 
TYR CZ  OH   sing N N 282 
TYR OH  HH   sing N N 283 
TYR OXT HXT  sing N N 284 
VAL N   CA   sing N N 285 
VAL N   H    sing N N 286 
VAL N   H2   sing N N 287 
VAL CA  C    sing N N 288 
VAL CA  CB   sing N N 289 
VAL CA  HA   sing N N 290 
VAL C   O    doub N N 291 
VAL C   OXT  sing N N 292 
VAL CB  CG1  sing N N 293 
VAL CB  CG2  sing N N 294 
VAL CB  HB   sing N N 295 
VAL CG1 HG11 sing N N 296 
VAL CG1 HG12 sing N N 297 
VAL CG1 HG13 sing N N 298 
VAL CG2 HG21 sing N N 299 
VAL CG2 HG22 sing N N 300 
VAL CG2 HG23 sing N N 301 
VAL OXT HXT  sing N N 302 
# 
_pdbx_initial_refinement_model.id               1 
_pdbx_initial_refinement_model.entity_id_list   ? 
_pdbx_initial_refinement_model.type             'experimental model' 
_pdbx_initial_refinement_model.source_name      PDB 
_pdbx_initial_refinement_model.accession_code   1IGD 
_pdbx_initial_refinement_model.details          'PDB ENTRY 1IGD' 
# 
_atom_sites.entry_id                    2IGD 
_atom_sites.fract_transf_matrix[1][1]   -0.01804758 
_atom_sites.fract_transf_matrix[1][2]   0.02139510 
_atom_sites.fract_transf_matrix[1][3]   -0.00552746 
_atom_sites.fract_transf_matrix[2][1]   -0.00668346 
_atom_sites.fract_transf_matrix[2][2]   -0.01107170 
_atom_sites.fract_transf_matrix[2][3]   -0.02103317 
_atom_sites.fract_transf_matrix[3][1]   -0.01712728 
_atom_sites.fract_transf_matrix[3][2]   -0.01148023 
_atom_sites.fract_transf_matrix[3][3]   0.01148543 
_atom_sites.fract_transf_vector[1]      0.236377 
_atom_sites.fract_transf_vector[2]      0.658376 
_atom_sites.fract_transf_vector[3]      0.378174 
# 
loop_
_atom_type.symbol 
C 
N 
O 
S 
# 
loop_
_atom_site.group_PDB 
_atom_site.id 
_atom_site.type_symbol 
_atom_site.label_atom_id 
_atom_site.label_alt_id 
_atom_site.label_comp_id 
_atom_site.label_asym_id 
_atom_site.label_entity_id 
_atom_site.label_seq_id 
_atom_site.pdbx_PDB_ins_code 
_atom_site.Cartn_x 
_atom_site.Cartn_y 
_atom_site.Cartn_z 
_atom_site.occupancy 
_atom_site.B_iso_or_equiv 
_atom_site.pdbx_formal_charge 
_atom_site.auth_seq_id 
_atom_site.auth_comp_id 
_atom_site.auth_asym_id 
_atom_site.auth_atom_id 
_atom_site.pdbx_PDB_model_num 
ATOM   1   N N   . MET A 1 1  ? 19.236  11.266  15.832  1.00 10.65 ? 1   MET A N   1 
ATOM   2   C CA  . MET A 1 1  ? 18.064  10.381  16.027  1.00 10.48 ? 1   MET A CA  1 
ATOM   3   C C   . MET A 1 1  ? 17.803  9.655   14.709  1.00 9.97  ? 1   MET A C   1 
ATOM   4   O O   . MET A 1 1  ? 18.108  10.218  13.658  1.00 12.73 ? 1   MET A O   1 
ATOM   5   C CB  A MET A 1 1  ? 16.837  11.192  16.430  0.82 13.85 ? 1   MET A CB  1 
ATOM   6   C CB  B MET A 1 1  ? 16.861  11.246  16.404  0.18 13.29 ? 1   MET A CB  1 
ATOM   7   C CG  A MET A 1 1  ? 16.315  12.133  15.361  0.82 16.96 ? 1   MET A CG  1 
ATOM   8   C CG  B MET A 1 1  ? 15.521  10.553  16.368  0.18 15.57 ? 1   MET A CG  1 
ATOM   9   S SD  A MET A 1 1  ? 14.760  12.932  15.807  0.82 23.96 ? 1   MET A SD  1 
ATOM   10  S SD  B MET A 1 1  ? 14.106  11.668  16.542  0.18 27.30 ? 1   MET A SD  1 
ATOM   11  C CE  A MET A 1 1  ? 13.605  11.955  14.848  0.82 42.50 ? 1   MET A CE  1 
ATOM   12  C CE  B MET A 1 1  ? 12.921  10.869  15.460  0.18 41.66 ? 1   MET A CE  1 
ATOM   13  N N   . THR A 1 2  ? 17.231  8.463   14.774  1.00 10.91 ? 2   THR A N   1 
ATOM   14  C CA  . THR A 1 2  ? 16.749  7.801   13.596  1.00 11.59 ? 2   THR A CA  1 
ATOM   15  C C   . THR A 1 2  ? 15.357  8.326   13.294  1.00 11.24 ? 2   THR A C   1 
ATOM   16  O O   . THR A 1 2  ? 14.593  8.669   14.186  1.00 13.18 ? 2   THR A O   1 
ATOM   17  C CB  . THR A 1 2  ? 16.798  6.256   13.707  1.00 14.54 ? 2   THR A CB  1 
ATOM   18  O OG1 . THR A 1 2  ? 15.986  5.852   14.851  1.00 16.98 ? 2   THR A OG1 1 
ATOM   19  C CG2 . THR A 1 2  ? 18.224  5.793   13.977  1.00 17.28 ? 2   THR A CG2 1 
ATOM   20  N N   . PRO A 1 3  ? 14.938  8.363   12.023  1.00 11.86 ? 3   PRO A N   1 
ATOM   21  C CA  . PRO A 1 3  ? 13.625  8.860   11.705  1.00 12.55 ? 3   PRO A CA  1 
ATOM   22  C C   . PRO A 1 3  ? 12.485  8.037   12.257  1.00 11.41 ? 3   PRO A C   1 
ATOM   23  O O   . PRO A 1 3  ? 12.575  6.826   12.313  1.00 12.99 ? 3   PRO A O   1 
ATOM   24  C CB  . PRO A 1 3  ? 13.568  8.810   10.160  1.00 18.58 ? 3   PRO A CB  1 
ATOM   25  C CG  . PRO A 1 3  ? 14.991  8.722   9.753   1.00 18.33 ? 3   PRO A CG  1 
ATOM   26  C CD  . PRO A 1 3  ? 15.727  8.001   10.776  1.00 14.31 ? 3   PRO A CD  1 
ATOM   27  N N   . ALA A 1 4  ? 11.376  8.642   12.603  1.00 13.00 ? 4   ALA A N   1 
ATOM   28  C CA  . ALA A 1 4  ? 10.223  7.897   13.005  1.00 14.10 ? 4   ALA A CA  1 
ATOM   29  C C   . ALA A 1 4  ? 9.580   7.255   11.749  1.00 13.32 ? 4   ALA A C   1 
ATOM   30  O O   . ALA A 1 4  ? 9.317   7.902   10.735  1.00 18.53 ? 4   ALA A O   1 
ATOM   31  C CB  . ALA A 1 4  ? 9.187   8.840   13.662  1.00 20.75 ? 4   ALA A CB  1 
ATOM   32  N N   . VAL A 1 5  ? 9.360   6.008   11.806  1.00 13.28 ? 5   VAL A N   1 
ATOM   33  C CA  . VAL A 1 5  ? 8.733   5.206   10.767  1.00 13.13 ? 5   VAL A CA  1 
ATOM   34  C C   . VAL A 1 5  ? 7.388   4.683   11.213  1.00 12.51 ? 5   VAL A C   1 
ATOM   35  O O   . VAL A 1 5  ? 7.144   4.394   12.378  1.00 18.54 ? 5   VAL A O   1 
ATOM   36  C CB  A VAL A 1 5  ? 9.582   4.189   10.084  0.55 16.58 ? 5   VAL A CB  1 
ATOM   37  C CB  B VAL A 1 5  ? 9.668   3.959   10.516  0.45 17.16 ? 5   VAL A CB  1 
ATOM   38  C CG1 A VAL A 1 5  ? 10.745  4.807   9.320   0.55 16.27 ? 5   VAL A CG1 1 
ATOM   39  C CG1 B VAL A 1 5  ? 9.126   3.123   9.388   0.45 21.90 ? 5   VAL A CG1 1 
ATOM   40  C CG2 A VAL A 1 5  ? 10.022  3.059   10.975  0.55 21.87 ? 5   VAL A CG2 1 
ATOM   41  C CG2 B VAL A 1 5  ? 11.068  4.482   10.181  0.45 18.29 ? 5   VAL A CG2 1 
ATOM   42  N N   . THR A 1 6  ? 6.491   4.582   10.256  1.00 11.28 ? 6   THR A N   1 
ATOM   43  C CA  . THR A 1 6  ? 5.130   4.104   10.435  1.00 11.82 ? 6   THR A CA  1 
ATOM   44  C C   . THR A 1 6  ? 4.951   2.824   9.598   1.00 10.16 ? 6   THR A C   1 
ATOM   45  O O   . THR A 1 6  ? 5.479   2.743   8.494   1.00 10.76 ? 6   THR A O   1 
ATOM   46  C CB  . THR A 1 6  ? 4.108   5.221   10.028  1.00 13.35 ? 6   THR A CB  1 
ATOM   47  O OG1 . THR A 1 6  ? 4.288   6.362   10.781  1.00 18.72 ? 6   THR A OG1 1 
ATOM   48  C CG2 . THR A 1 6  ? 2.672   4.776   9.985   1.00 17.40 ? 6   THR A CG2 1 
ATOM   49  N N   . THR A 1 7  ? 4.176   1.865   10.106  1.00 10.33 ? 7   THR A N   1 
ATOM   50  C CA  . THR A 1 7  ? 3.766   0.728   9.321   1.00 9.47  ? 7   THR A CA  1 
ATOM   51  C C   . THR A 1 7  ? 2.470   1.061   8.595   1.00 8.66  ? 7   THR A C   1 
ATOM   52  O O   . THR A 1 7  ? 1.463   1.417   9.225   1.00 12.59 ? 7   THR A O   1 
ATOM   53  C CB  . THR A 1 7  ? 3.573   -0.566  10.193  1.00 11.82 ? 7   THR A CB  1 
ATOM   54  O OG1 . THR A 1 7  ? 4.826   -0.797  10.860  1.00 16.88 ? 7   THR A OG1 1 
ATOM   55  C CG2 . THR A 1 7  ? 3.228   -1.740  9.340   1.00 16.47 ? 7   THR A CG2 1 
ATOM   56  N N   . TYR A 1 8  ? 2.491   0.937   7.297   1.00 7.03  ? 8   TYR A N   1 
ATOM   57  C CA  . TYR A 1 8  ? 1.351   1.130   6.438   1.00 6.85  ? 8   TYR A CA  1 
ATOM   58  C C   . TYR A 1 8  ? 0.892   -0.249  5.937   1.00 6.26  ? 8   TYR A C   1 
ATOM   59  O O   . TYR A 1 8  ? 1.686   -1.145  5.713   1.00 8.60  ? 8   TYR A O   1 
ATOM   60  C CB  . TYR A 1 8  ? 1.721   2.027   5.231   1.00 7.51  ? 8   TYR A CB  1 
ATOM   61  C CG  . TYR A 1 8  ? 2.068   3.407   5.620   1.00 7.30  ? 8   TYR A CG  1 
ATOM   62  C CD1 . TYR A 1 8  ? 3.380   3.720   6.003   1.00 8.70  ? 8   TYR A CD1 1 
ATOM   63  C CD2 . TYR A 1 8  ? 1.136   4.425   5.657   1.00 8.96  ? 8   TYR A CD2 1 
ATOM   64  C CE1 . TYR A 1 8  ? 3.708   5.028   6.389   1.00 10.80 ? 8   TYR A CE1 1 
ATOM   65  C CE2 . TYR A 1 8  ? 1.470   5.733   6.063   1.00 10.35 ? 8   TYR A CE2 1 
ATOM   66  C CZ  . TYR A 1 8  ? 2.788   5.990   6.433   1.00 10.74 ? 8   TYR A CZ  1 
ATOM   67  O OH  . TYR A 1 8  ? 3.166   7.255   6.847   1.00 15.49 ? 8   TYR A OH  1 
ATOM   68  N N   . LYS A 1 9  ? -0.412  -0.380  5.727   1.00 6.71  ? 9   LYS A N   1 
ATOM   69  C CA  . LYS A 1 9  ? -1.031  -1.607  5.251   1.00 6.79  ? 9   LYS A CA  1 
ATOM   70  C C   . LYS A 1 9  ? -1.611  -1.401  3.879   1.00 5.90  ? 9   LYS A C   1 
ATOM   71  O O   . LYS A 1 9  ? -2.132  -0.319  3.569   1.00 7.44  ? 9   LYS A O   1 
ATOM   72  C CB  . LYS A 1 9  ? -2.118  -2.051  6.244   1.00 8.07  ? 9   LYS A CB  1 
ATOM   73  C CG  . LYS A 1 9  ? -2.865  -3.297  5.883   1.00 9.88  ? 9   LYS A CG  1 
ATOM   74  C CD  . LYS A 1 9  ? -3.777  -3.776  7.018   1.00 12.77 ? 9   LYS A CD  1 
ATOM   75  C CE  . LYS A 1 9  ? -3.027  -4.503  8.083   1.00 16.21 ? 9   LYS A CE  1 
ATOM   76  N NZ  . LYS A 1 9  ? -3.930  -4.748  9.284   1.00 23.12 ? 9   LYS A NZ  1 
ATOM   77  N N   . LEU A 1 10 ? -1.566  -2.441  3.050   1.00 6.13  ? 10  LEU A N   1 
ATOM   78  C CA  . LEU A 1 10 ? -2.250  -2.510  1.765   1.00 6.03  ? 10  LEU A CA  1 
ATOM   79  C C   . LEU A 1 10 ? -3.232  -3.661  1.794   1.00 6.01  ? 10  LEU A C   1 
ATOM   80  O O   . LEU A 1 10 ? -2.845  -4.811  2.043   1.00 7.69  ? 10  LEU A O   1 
ATOM   81  C CB  . LEU A 1 10 ? -1.263  -2.722  0.612   1.00 7.00  ? 10  LEU A CB  1 
ATOM   82  C CG  . LEU A 1 10 ? -1.854  -2.856  -0.751  1.00 7.52  ? 10  LEU A CG  1 
ATOM   83  C CD1 . LEU A 1 10 ? -2.555  -1.591  -1.204  1.00 9.80  ? 10  LEU A CD1 1 
ATOM   84  C CD2 . LEU A 1 10 ? -0.805  -3.247  -1.776  1.00 9.77  ? 10  LEU A CD2 1 
ATOM   85  N N   . VAL A 1 11 ? -4.491  -3.361  1.521   1.00 5.93  ? 11  VAL A N   1 
ATOM   86  C CA  . VAL A 1 11 ? -5.571  -4.317  1.333   1.00 6.20  ? 11  VAL A CA  1 
ATOM   87  C C   . VAL A 1 11 ? -5.733  -4.482  -0.200  1.00 6.24  ? 11  VAL A C   1 
ATOM   88  O O   . VAL A 1 11 ? -5.978  -3.498  -0.885  1.00 7.94  ? 11  VAL A O   1 
ATOM   89  C CB  . VAL A 1 11 ? -6.840  -3.852  2.001   1.00 7.38  ? 11  VAL A CB  1 
ATOM   90  C CG1 . VAL A 1 11 ? -8.018  -4.766  1.700   1.00 11.19 ? 11  VAL A CG1 1 
ATOM   91  C CG2 . VAL A 1 11 ? -6.650  -3.707  3.529   1.00 9.44  ? 11  VAL A CG2 1 
ATOM   92  N N   . ILE A 1 12 ? -5.557  -5.702  -0.691  1.00 7.42  ? 12  ILE A N   1 
ATOM   93  C CA  . ILE A 1 12 ? -5.585  -5.979  -2.123  1.00 7.63  ? 12  ILE A CA  1 
ATOM   94  C C   . ILE A 1 12 ? -6.775  -6.839  -2.480  1.00 8.17  ? 12  ILE A C   1 
ATOM   95  O O   . ILE A 1 12 ? -6.898  -7.984  -2.023  1.00 9.53  ? 12  ILE A O   1 
ATOM   96  C CB  A ILE A 1 12 ? -4.327  -6.837  -2.524  0.71 10.48 ? 12  ILE A CB  1 
ATOM   97  C CB  B ILE A 1 12 ? -4.295  -6.379  -2.731  0.29 10.79 ? 12  ILE A CB  1 
ATOM   98  C CG1 A ILE A 1 12 ? -3.040  -6.160  -2.062  0.71 12.88 ? 12  ILE A CG1 1 
ATOM   99  C CG1 B ILE A 1 12 ? -4.149  -6.421  -4.233  0.29 10.70 ? 12  ILE A CG1 1 
ATOM   100 C CG2 A ILE A 1 12 ? -4.324  -6.996  -4.043  0.71 12.66 ? 12  ILE A CG2 1 
ATOM   101 C CG2 B ILE A 1 12 ? -3.542  -7.458  -2.014  0.29 13.56 ? 12  ILE A CG2 1 
ATOM   102 C CD1 A ILE A 1 12 ? -2.020  -7.101  -1.475  0.71 16.56 ? 12  ILE A CD1 1 
ATOM   103 C CD1 B ILE A 1 12 ? -2.727  -6.320  -4.741  0.29 12.69 ? 12  ILE A CD1 1 
ATOM   104 N N   . ASN A 1 13 ? -7.669  -6.292  -3.299  1.00 9.65  ? 13  ASN A N   1 
ATOM   105 C CA  . ASN A 1 13 ? -8.817  -6.986  -3.839  1.00 11.72 ? 13  ASN A CA  1 
ATOM   106 C C   . ASN A 1 13 ? -8.647  -7.121  -5.349  1.00 12.50 ? 13  ASN A C   1 
ATOM   107 O O   . ASN A 1 13 ? -9.330  -6.462  -6.113  1.00 13.93 ? 13  ASN A O   1 
ATOM   108 C CB  . ASN A 1 13 ? -10.117 -6.297  -3.419  1.00 14.60 ? 13  ASN A CB  1 
ATOM   109 C CG  . ASN A 1 13 ? -10.354 -6.422  -1.922  1.00 16.29 ? 13  ASN A CG  1 
ATOM   110 O OD1 . ASN A 1 13 ? -10.233 -7.470  -1.302  1.00 23.91 ? 13  ASN A OD1 1 
ATOM   111 N ND2 . ASN A 1 13 ? -10.790 -5.386  -1.277  1.00 20.71 ? 13  ASN A ND2 1 
ATOM   112 N N   . GLY A 1 14 ? -7.708  -7.952  -5.783  1.00 13.83 ? 14  GLY A N   1 
ATOM   113 C CA  . GLY A 1 14 ? -7.389  -8.168  -7.171  1.00 14.72 ? 14  GLY A CA  1 
ATOM   114 C C   . GLY A 1 14 ? -8.118  -9.313  -7.811  1.00 14.99 ? 14  GLY A C   1 
ATOM   115 O O   . GLY A 1 14 ? -8.791  -10.095 -7.073  1.00 18.28 ? 14  GLY A O   1 
ATOM   116 N N   . LYS A 1 15 ? -8.000  -9.409  -9.104  1.00 16.01 ? 15  LYS A N   1 
ATOM   117 C CA  . LYS A 1 15 ? -8.619  -10.539 -9.799  1.00 17.44 ? 15  LYS A CA  1 
ATOM   118 C C   . LYS A 1 15 ? -7.985  -11.878 -9.436  1.00 13.88 ? 15  LYS A C   1 
ATOM   119 O O   . LYS A 1 15 ? -8.700  -12.821 -9.308  1.00 17.85 ? 15  LYS A O   1 
ATOM   120 C CB  A LYS A 1 15 ? -8.430  -10.266 -11.319 0.54 18.80 ? 15  LYS A CB  1 
ATOM   121 C CG  A LYS A 1 15 ? -9.369  -9.187  -11.837 0.54 23.02 ? 15  LYS A CG  1 
ATOM   122 C CD  A LYS A 1 15 ? -9.159  -8.898  -13.316 0.54 30.16 ? 15  LYS A CD  1 
ATOM   123 C CE  A LYS A 1 15 ? -10.066 -7.743  -13.764 0.54 32.03 ? 15  LYS A CE  1 
ATOM   124 N NZ  A LYS A 1 15 ? -9.508  -7.037  -14.941 0.54 43.28 ? 15  LYS A NZ  1 
ATOM   125 N N   . THR A 1 16 ? -6.651  -11.927 -9.296  1.00 12.14 ? 16  THR A N   1 
ATOM   126 C CA  . THR A 1 16 ? -5.975  -13.180 -8.924  1.00 12.36 ? 16  THR A CA  1 
ATOM   127 C C   . THR A 1 16 ? -5.179  -13.032 -7.659  1.00 10.10 ? 16  THR A C   1 
ATOM   128 O O   . THR A 1 16 ? -4.892  -14.068 -7.046  1.00 14.10 ? 16  THR A O   1 
ATOM   129 C CB  . THR A 1 16 ? -5.161  -13.845 -9.996  1.00 16.71 ? 16  THR A CB  1 
ATOM   130 O OG1 . THR A 1 16 ? -4.092  -13.070 -10.330 1.00 21.75 ? 16  THR A OG1 1 
ATOM   131 C CG2 . THR A 1 16 ? -6.043  -14.181 -11.168 1.00 23.59 ? 16  THR A CG2 1 
ATOM   132 N N   . LEU A 1 17 ? -4.820  -11.842 -7.229  1.00 9.51  ? 17  LEU A N   1 
ATOM   133 C CA  . LEU A 1 17 ? -4.039  -11.573 -6.025  1.00 8.26  ? 17  LEU A CA  1 
ATOM   134 C C   . LEU A 1 17 ? -4.965  -10.948 -5.008  1.00 7.74  ? 17  LEU A C   1 
ATOM   135 O O   . LEU A 1 17 ? -5.582  -9.921  -5.265  1.00 10.59 ? 17  LEU A O   1 
ATOM   136 C CB  . LEU A 1 17 ? -2.860  -10.657 -6.342  1.00 9.70  ? 17  LEU A CB  1 
ATOM   137 C CG  . LEU A 1 17 ? -1.972  -10.226 -5.175  1.00 10.08 ? 17  LEU A CG  1 
ATOM   138 C CD1 . LEU A 1 17 ? -1.298  -11.379 -4.493  1.00 11.48 ? 17  LEU A CD1 1 
ATOM   139 C CD2 . LEU A 1 17 ? -0.945  -9.212  -5.626  1.00 15.45 ? 17  LEU A CD2 1 
ATOM   140 N N   . LYS A 1 18 ? -5.056  -11.558 -3.824  1.00 7.56  ? 18  LYS A N   1 
ATOM   141 C CA  . LYS A 1 18 ? -5.921  -11.069 -2.779  1.00 7.46  ? 18  LYS A CA  1 
ATOM   142 C C   . LYS A 1 18 ? -5.231  -11.216 -1.431  1.00 6.68  ? 18  LYS A C   1 
ATOM   143 O O   . LYS A 1 18 ? -4.533  -12.194 -1.169  1.00 8.74  ? 18  LYS A O   1 
ATOM   144 C CB  . LYS A 1 18 ? -7.256  -11.862 -2.705  1.00 11.49 ? 18  LYS A CB  1 
ATOM   145 C CG  . LYS A 1 18 ? -8.015  -11.837 -4.011  1.00 17.14 ? 18  LYS A CG  1 
ATOM   146 C CD  . LYS A 1 18 ? -9.231  -12.735 -4.086  1.00 25.58 ? 18  LYS A CD  1 
ATOM   147 C CE  . LYS A 1 18 ? -10.076 -12.757 -5.348  1.00 34.55 ? 18  LYS A CE  1 
ATOM   148 N NZ  . LYS A 1 18 ? -10.963 -13.991 -5.281  1.00 52.42 ? 18  LYS A NZ  1 
ATOM   149 N N   . GLY A 1 19 ? -5.486  -10.267 -0.537  1.00 6.31  ? 19  GLY A N   1 
ATOM   150 C CA  . GLY A 1 19 ? -5.047  -10.334 0.831   1.00 6.37  ? 19  GLY A CA  1 
ATOM   151 C C   . GLY A 1 19 ? -4.515  -9.013  1.322   1.00 5.88  ? 19  GLY A C   1 
ATOM   152 O O   . GLY A 1 19 ? -5.109  -7.956  1.010   1.00 7.44  ? 19  GLY A O   1 
ATOM   153 N N   . GLU A 1 20 ? -3.484  -9.048  2.140   1.00 5.64  ? 20  GLU A N   1 
ATOM   154 C CA  . GLU A 1 20 ? -2.904  -7.862  2.750   1.00 5.98  ? 20  GLU A CA  1 
ATOM   155 C C   . GLU A 1 20 ? -1.373  -7.996  2.767   1.00 5.97  ? 20  GLU A C   1 
ATOM   156 O O   . GLU A 1 20 ? -0.847  -9.090  2.924   1.00 7.40  ? 20  GLU A O   1 
ATOM   157 C CB  A GLU A 1 20 ? -3.356  -7.714  4.210   0.89 8.02  ? 20  GLU A CB  1 
ATOM   158 C CB  B GLU A 1 20 ? -3.413  -7.678  4.177   0.11 7.65  ? 20  GLU A CB  1 
ATOM   159 C CG  A GLU A 1 20 ? -4.841  -7.479  4.359   0.89 8.66  ? 20  GLU A CG  1 
ATOM   160 C CG  B GLU A 1 20 ? -4.920  -8.025  4.315   0.11 8.15  ? 20  GLU A CG  1 
ATOM   161 C CD  A GLU A 1 20 ? -5.177  -7.222  5.847   0.89 10.72 ? 20  GLU A CD  1 
ATOM   162 C CD  B GLU A 1 20 ? -5.263  -7.716  5.803   0.11 9.97  ? 20  GLU A CD  1 
ATOM   163 O OE1 A GLU A 1 20 ? -4.404  -7.391  6.725   0.89 15.23 ? 20  GLU A OE1 1 
ATOM   164 O OE1 B GLU A 1 20 ? -4.834  -8.537  6.614   0.11 10.14 ? 20  GLU A OE1 1 
ATOM   165 O OE2 A GLU A 1 20 ? -6.344  -6.789  6.021   0.89 14.11 ? 20  GLU A OE2 1 
ATOM   166 O OE2 B GLU A 1 20 ? -5.826  -6.654  6.046   0.11 12.47 ? 20  GLU A OE2 1 
ATOM   167 N N   . THR A 1 21 ? -0.713  -6.849  2.687   1.00 6.41  ? 21  THR A N   1 
ATOM   168 C CA  . THR A 1 21 ? 0.724   -6.750  2.880   1.00 6.50  ? 21  THR A CA  1 
ATOM   169 C C   . THR A 1 21 ? 1.008   -5.440  3.623   1.00 6.38  ? 21  THR A C   1 
ATOM   170 O O   . THR A 1 21 ? 0.100   -4.647  3.885   1.00 7.43  ? 21  THR A O   1 
ATOM   171 C CB  . THR A 1 21 ? 1.509   -6.929  1.577   1.00 7.62  ? 21  THR A CB  1 
ATOM   172 O OG1 . THR A 1 21 ? 2.899   -7.038  1.869   1.00 8.99  ? 21  THR A OG1 1 
ATOM   173 C CG2 . THR A 1 21 ? 1.291   -5.821  0.600   1.00 9.34  ? 21  THR A CG2 1 
ATOM   174 N N   . THR A 1 22 ? 2.275   -5.236  3.986   1.00 6.72  ? 22  THR A N   1 
ATOM   175 C CA  . THR A 1 22 ? 2.677   -4.079  4.769   1.00 6.65  ? 22  THR A CA  1 
ATOM   176 C C   . THR A 1 22 ? 4.000   -3.529  4.260   1.00 7.34  ? 22  THR A C   1 
ATOM   177 O O   . THR A 1 22 ? 4.812   -4.263  3.665   1.00 9.17  ? 22  THR A O   1 
ATOM   178 C CB  . THR A 1 22 ? 2.784   -4.387  6.255   1.00 7.84  ? 22  THR A CB  1 
ATOM   179 O OG1 . THR A 1 22 ? 3.886   -5.308  6.402   1.00 11.03 ? 22  THR A OG1 1 
ATOM   180 C CG2 . THR A 1 22 ? 1.540   -4.899  6.862   1.00 10.72 ? 22  THR A CG2 1 
ATOM   181 N N   . THR A 1 23 ? 4.259   -2.272  4.584   1.00 7.57  ? 23  THR A N   1 
ATOM   182 C CA  . THR A 1 23 ? 5.561   -1.654  4.364   1.00 8.79  ? 23  THR A CA  1 
ATOM   183 C C   . THR A 1 23 ? 5.793   -0.639  5.469   1.00 8.89  ? 23  THR A C   1 
ATOM   184 O O   . THR A 1 23 ? 4.859   -0.102  6.036   1.00 12.15 ? 23  THR A O   1 
ATOM   185 C CB  . THR A 1 23 ? 5.643   -1.029  2.938   1.00 10.56 ? 23  THR A CB  1 
ATOM   186 O OG1 . THR A 1 23 ? 7.028   -0.891  2.602   1.00 14.21 ? 23  THR A OG1 1 
ATOM   187 C CG2 . THR A 1 23 ? 4.913   0.281   2.774   1.00 11.39 ? 23  THR A CG2 1 
ATOM   188 N N   . LYS A 1 24 ? 7.049   -0.308  5.709   1.00 10.04 ? 24  LYS A N   1 
ATOM   189 C CA  . LYS A 1 24 ? 7.421   0.709   6.706   1.00 11.07 ? 24  LYS A CA  1 
ATOM   190 C C   . LYS A 1 24 ? 7.978   1.915   5.926   1.00 9.92  ? 24  LYS A C   1 
ATOM   191 O O   . LYS A 1 24 ? 8.763   1.751   4.986   1.00 11.40 ? 24  LYS A O   1 
ATOM   192 C CB  . LYS A 1 24 ? 8.463   0.194   7.664   1.00 16.67 ? 24  LYS A CB  1 
ATOM   193 C CG  . LYS A 1 24 ? 7.754   -0.908  8.579   1.00 24.44 ? 24  LYS A CG  1 
ATOM   194 C CD  . LYS A 1 24 ? 8.682   -1.229  9.648   1.00 30.44 ? 24  LYS A CD  1 
ATOM   195 C CE  . LYS A 1 24 ? 8.084   -2.034  10.720  1.00 34.36 ? 24  LYS A CE  1 
ATOM   196 N NZ  . LYS A 1 24 ? 9.151   -1.950  11.880  1.00 43.83 ? 24  LYS A NZ  1 
ATOM   197 N N   . ALA A 1 25 ? 7.566   3.118   6.325   1.00 9.08  ? 25  ALA A N   1 
ATOM   198 C CA  . ALA A 1 25 ? 8.061   4.302   5.676   1.00 9.56  ? 25  ALA A CA  1 
ATOM   199 C C   . ALA A 1 25 ? 7.972   5.515   6.605   1.00 9.14  ? 25  ALA A C   1 
ATOM   200 O O   . ALA A 1 25 ? 7.176   5.549   7.540   1.00 10.67 ? 25  ALA A O   1 
ATOM   201 C CB  . ALA A 1 25 ? 7.271   4.585   4.393   1.00 11.69 ? 25  ALA A CB  1 
ATOM   202 N N   . VAL A 1 26 ? 8.738   6.537   6.255   1.00 9.65  ? 26  VAL A N   1 
ATOM   203 C CA  . VAL A 1 26 ? 8.725   7.798   6.987   1.00 10.54 ? 26  VAL A CA  1 
ATOM   204 C C   . VAL A 1 26 ? 7.483   8.621   6.725   1.00 10.22 ? 26  VAL A C   1 
ATOM   205 O O   . VAL A 1 26 ? 7.116   9.478   7.532   1.00 13.99 ? 26  VAL A O   1 
ATOM   206 C CB  A VAL A 1 26 ? 9.993   8.614   6.797   0.62 14.01 ? 26  VAL A CB  1 
ATOM   207 C CB  B VAL A 1 26 ? 9.973   8.646   6.627   0.38 13.41 ? 26  VAL A CB  1 
ATOM   208 C CG1 A VAL A 1 26 ? 11.201  7.919   7.396   0.62 13.74 ? 26  VAL A CG1 1 
ATOM   209 C CG1 B VAL A 1 26 ? 9.801   9.265   5.243   0.38 11.98 ? 26  VAL A CG1 1 
ATOM   210 C CG2 A VAL A 1 26 ? 10.229  9.004   5.354   0.62 14.75 ? 26  VAL A CG2 1 
ATOM   211 C CG2 B VAL A 1 26 ? 10.165  9.745   7.665   0.38 19.73 ? 26  VAL A CG2 1 
ATOM   212 N N   . ASP A 1 27 ? 6.809   8.437   5.594   1.00 9.59  ? 27  ASP A N   1 
ATOM   213 C CA  . ASP A 1 27 ? 5.642   9.220   5.255   1.00 9.75  ? 27  ASP A CA  1 
ATOM   214 C C   . ASP A 1 27 ? 4.768   8.402   4.302   1.00 8.75  ? 27  ASP A C   1 
ATOM   215 O O   . ASP A 1 27 ? 5.155   7.354   3.758   1.00 9.52  ? 27  ASP A O   1 
ATOM   216 C CB  . ASP A 1 27 ? 5.998   10.604  4.719   1.00 10.33 ? 27  ASP A CB  1 
ATOM   217 C CG  . ASP A 1 27 ? 6.825   10.571  3.435   1.00 10.28 ? 27  ASP A CG  1 
ATOM   218 O OD1 . ASP A 1 27 ? 6.651   9.702   2.620   1.00 11.20 ? 27  ASP A OD1 1 
ATOM   219 O OD2 . ASP A 1 27 ? 7.660   11.459  3.272   1.00 16.42 ? 27  ASP A OD2 1 
ATOM   220 N N   . ALA A 1 28 ? 3.558   8.893   4.091   1.00 9.81  ? 28  ALA A N   1 
ATOM   221 C CA  . ALA A 1 28 ? 2.557   8.144   3.263   1.00 9.68  ? 28  ALA A CA  1 
ATOM   222 C C   . ALA A 1 28 ? 2.938   8.131   1.808   1.00 9.07  ? 28  ALA A C   1 
ATOM   223 O O   . ALA A 1 28 ? 2.654   7.142   1.117   1.00 10.70 ? 28  ALA A O   1 
ATOM   224 C CB  . ALA A 1 28 ? 1.165   8.696   3.479   1.00 12.29 ? 28  ALA A CB  1 
ATOM   225 N N   . GLU A 1 29 ? 3.578   9.178   1.278   1.00 9.73  ? 29  GLU A N   1 
ATOM   226 C CA  . GLU A 1 29 ? 3.950   9.212   -0.091  1.00 10.31 ? 29  GLU A CA  1 
ATOM   227 C C   . GLU A 1 29 ? 4.975   8.120   -0.412  1.00 9.04  ? 29  GLU A C   1 
ATOM   228 O O   . GLU A 1 29 ? 4.919   7.497   -1.480  1.00 10.07 ? 29  GLU A O   1 
ATOM   229 C CB  . GLU A 1 29 ? 4.574   10.593  -0.453  1.00 14.67 ? 29  GLU A CB  1 
ATOM   230 C CG  . GLU A 1 29 ? 5.053   10.714  -1.864  1.00 23.30 ? 29  GLU A CG  1 
ATOM   231 C CD  . GLU A 1 29 ? 5.769   12.026  -2.112  1.00 33.16 ? 29  GLU A CD  1 
ATOM   232 O OE1 . GLU A 1 29 ? 6.175   12.901  -1.247  1.00 37.98 ? 29  GLU A OE1 1 
ATOM   233 O OE2 . GLU A 1 29 ? 6.002   12.158  -3.318  1.00 47.10 ? 29  GLU A OE2 1 
ATOM   234 N N   . THR A 1 30 ? 5.910   7.887   0.479   1.00 8.95  ? 30  THR A N   1 
ATOM   235 C CA  . THR A 1 30 ? 6.905   6.860   0.291   1.00 8.82  ? 30  THR A CA  1 
ATOM   236 C C   . THR A 1 30 ? 6.270   5.472   0.287   1.00 8.31  ? 30  THR A C   1 
ATOM   237 O O   . THR A 1 30 ? 6.584   4.612   -0.534  1.00 9.35  ? 30  THR A O   1 
ATOM   238 C CB  . THR A 1 30 ? 8.015   7.010   1.355   1.00 10.26 ? 30  THR A CB  1 
ATOM   239 O OG1 . THR A 1 30 ? 8.604   8.301   1.289   1.00 12.06 ? 30  THR A OG1 1 
ATOM   240 C CG2 . THR A 1 30 ? 9.071   5.933   1.243   1.00 12.84 ? 30  THR A CG2 1 
ATOM   241 N N   . ALA A 1 31 ? 5.351   5.256   1.242   1.00 8.16  ? 31  ALA A N   1 
ATOM   242 C CA  . ALA A 1 31 ? 4.607   3.995   1.266   1.00 8.40  ? 31  ALA A CA  1 
ATOM   243 C C   . ALA A 1 31 ? 3.789   3.812   -0.009  1.00 7.70  ? 31  ALA A C   1 
ATOM   244 O O   . ALA A 1 31 ? 3.734   2.699   -0.537  1.00 8.83  ? 31  ALA A O   1 
ATOM   245 C CB  . ALA A 1 31 ? 3.715   3.939   2.494   1.00 9.16  ? 31  ALA A CB  1 
ATOM   246 N N   . GLU A 1 32 ? 3.127   4.867   -0.470  1.00 8.01  ? 32  GLU A N   1 
ATOM   247 C CA  . GLU A 1 32 ? 2.313   4.767   -1.662  1.00 8.37  ? 32  GLU A CA  1 
ATOM   248 C C   . GLU A 1 32 ? 3.161   4.307   -2.857  1.00 8.33  ? 32  GLU A C   1 
ATOM   249 O O   . GLU A 1 32 ? 2.755   3.452   -3.632  1.00 9.35  ? 32  GLU A O   1 
ATOM   250 C CB  A GLU A 1 32 ? 1.597   6.072   -1.993  0.50 9.56  ? 32  GLU A CB  1 
ATOM   251 C CB  B GLU A 1 32 ? 1.701   6.150   -1.990  0.50 10.31 ? 32  GLU A CB  1 
ATOM   252 C CG  A GLU A 1 32 ? 0.641   5.932   -3.184  0.50 13.81 ? 32  GLU A CG  1 
ATOM   253 C CG  B GLU A 1 32 ? 0.764   6.084   -3.191  0.50 12.65 ? 32  GLU A CG  1 
ATOM   254 C CD  A GLU A 1 32 ? -0.048  7.224   -3.543  0.50 17.99 ? 32  GLU A CD  1 
ATOM   255 C CD  B GLU A 1 32 ? 0.125   7.406   -3.532  0.50 18.31 ? 32  GLU A CD  1 
ATOM   256 O OE1 A GLU A 1 32 ? -0.785  7.765   -2.695  0.50 23.09 ? 32  GLU A OE1 1 
ATOM   257 O OE1 B GLU A 1 32 ? 0.783   8.457   -3.384  0.50 23.62 ? 32  GLU A OE1 1 
ATOM   258 O OE2 A GLU A 1 32 ? 0.147   7.714   -4.682  0.50 23.79 ? 32  GLU A OE2 1 
ATOM   259 O OE2 B GLU A 1 32 ? -0.962  7.385   -4.160  0.50 24.99 ? 32  GLU A OE2 1 
ATOM   260 N N   . LYS A 1 33 ? 4.355   4.867   -3.019  1.00 8.85  ? 33  LYS A N   1 
ATOM   261 C CA  . LYS A 1 33 ? 5.218   4.481   -4.101  1.00 9.82  ? 33  LYS A CA  1 
ATOM   262 C C   . LYS A 1 33 ? 5.623   3.019   -4.001  1.00 9.09  ? 33  LYS A C   1 
ATOM   263 O O   . LYS A 1 33 ? 5.657   2.299   -5.003  1.00 10.67 ? 33  LYS A O   1 
ATOM   264 C CB  . LYS A 1 33 ? 6.455   5.382   -4.125  1.00 12.22 ? 33  LYS A CB  1 
ATOM   265 C CG  . LYS A 1 33 ? 6.216   6.782   -4.574  1.00 17.90 ? 33  LYS A CG  1 
ATOM   266 C CD  . LYS A 1 33 ? 7.473   7.647   -4.544  1.00 25.69 ? 33  LYS A CD  1 
ATOM   267 C CE  . LYS A 1 33 ? 7.119   9.108   -4.884  1.00 33.80 ? 33  LYS A CE  1 
ATOM   268 N NZ  . LYS A 1 33 ? 8.301   9.967   -4.457  1.00 55.00 ? 33  LYS A NZ  1 
ATOM   269 N N   . ALA A 1 34 ? 5.932   2.527   -2.787  1.00 9.02  ? 34  ALA A N   1 
ATOM   270 C CA  . ALA A 1 34 ? 6.278   1.115   -2.603  1.00 9.03  ? 34  ALA A CA  1 
ATOM   271 C C   . ALA A 1 34 ? 5.100   0.239   -2.967  1.00 7.72  ? 34  ALA A C   1 
ATOM   272 O O   . ALA A 1 34 ? 5.275   -0.820  -3.618  1.00 9.37  ? 34  ALA A O   1 
ATOM   273 C CB  . ALA A 1 34 ? 6.708   0.854   -1.155  1.00 11.04 ? 34  ALA A CB  1 
ATOM   274 N N   . PHE A 1 35 ? 3.902   0.577   -2.557  1.00 7.34  ? 35  PHE A N   1 
ATOM   275 C CA  . PHE A 1 35 ? 2.719   -0.238  -2.859  1.00 7.02  ? 35  PHE A CA  1 
ATOM   276 C C   . PHE A 1 35 ? 2.331   -0.179  -4.319  1.00 7.30  ? 35  PHE A C   1 
ATOM   277 O O   . PHE A 1 35 ? 1.897   -1.200  -4.864  1.00 8.10  ? 35  PHE A O   1 
ATOM   278 C CB  . PHE A 1 35 ? 1.564   0.124   -1.941  1.00 7.15  ? 35  PHE A CB  1 
ATOM   279 C CG  . PHE A 1 35 ? 1.694   -0.286  -0.514  1.00 6.88  ? 35  PHE A CG  1 
ATOM   280 C CD1 . PHE A 1 35 ? 2.311   -1.469  -0.121  1.00 8.12  ? 35  PHE A CD1 1 
ATOM   281 C CD2 . PHE A 1 35 ? 1.140   0.488   0.495   1.00 7.68  ? 35  PHE A CD2 1 
ATOM   282 C CE1 . PHE A 1 35 ? 2.321   -1.852  1.205   1.00 9.03  ? 35  PHE A CE1 1 
ATOM   283 C CE2 . PHE A 1 35 ? 1.160   0.094   1.812   1.00 8.47  ? 35  PHE A CE2 1 
ATOM   284 C CZ  . PHE A 1 35 ? 1.742   -1.098  2.166   1.00 8.80  ? 35  PHE A CZ  1 
ATOM   285 N N   . LYS A 1 36 ? 2.464   0.956   -4.981  1.00 8.11  ? 36  LYS A N   1 
ATOM   286 C CA  . LYS A 1 36 ? 2.181   1.027   -6.399  1.00 8.76  ? 36  LYS A CA  1 
ATOM   287 C C   . LYS A 1 36 ? 3.197   0.184   -7.185  1.00 8.87  ? 36  LYS A C   1 
ATOM   288 O O   . LYS A 1 36 ? 2.796   -0.464  -8.138  1.00 10.42 ? 36  LYS A O   1 
ATOM   289 C CB  . LYS A 1 36 ? 2.121   2.509   -6.856  1.00 12.85 ? 36  LYS A CB  1 
ATOM   290 C CG  . LYS A 1 36 ? 0.788   3.159   -6.357  1.00 19.30 ? 36  LYS A CG  1 
ATOM   291 C CD  . LYS A 1 36 ? 0.225   4.283   -6.954  1.00 24.34 ? 36  LYS A CD  1 
ATOM   292 C CE  . LYS A 1 36 ? -1.181  4.588   -6.535  1.00 24.52 ? 36  LYS A CE  1 
ATOM   293 N NZ  . LYS A 1 36 ? -1.597  6.048   -6.829  1.00 36.82 ? 36  LYS A NZ  1 
ATOM   294 N N   . GLN A 1 37 ? 4.448   0.161   -6.772  1.00 8.99  ? 37  GLN A N   1 
ATOM   295 C CA  . GLN A 1 37 ? 5.427   -0.673  -7.419  1.00 9.99  ? 37  GLN A CA  1 
ATOM   296 C C   . GLN A 1 37 ? 5.089   -2.140  -7.222  1.00 8.39  ? 37  GLN A C   1 
ATOM   297 O O   . GLN A 1 37 ? 5.165   -2.937  -8.161  1.00 10.30 ? 37  GLN A O   1 
ATOM   298 C CB  . GLN A 1 37 ? 6.837   -0.354  -6.906  1.00 12.72 ? 37  GLN A CB  1 
ATOM   299 C CG  . GLN A 1 37 ? 7.900   -1.112  -7.686  1.00 17.03 ? 37  GLN A CG  1 
ATOM   300 C CD  . GLN A 1 37 ? 8.042   -0.576  -9.113  1.00 23.73 ? 37  GLN A CD  1 
ATOM   301 O OE1 . GLN A 1 37 ? 8.295   0.621   -9.324  1.00 32.51 ? 37  GLN A OE1 1 
ATOM   302 N NE2 . GLN A 1 37 ? 7.867   -1.506  -10.073 1.00 29.75 ? 37  GLN A NE2 1 
ATOM   303 N N   . TYR A 1 38 ? 4.733   -2.534  -6.005  1.00 8.14  ? 38  TYR A N   1 
ATOM   304 C CA  . TYR A 1 38 ? 4.290   -3.898  -5.721  1.00 8.36  ? 38  TYR A CA  1 
ATOM   305 C C   . TYR A 1 38 ? 3.131   -4.292  -6.608  1.00 7.53  ? 38  TYR A C   1 
ATOM   306 O O   . TYR A 1 38 ? 3.101   -5.406  -7.168  1.00 8.88  ? 38  TYR A O   1 
ATOM   307 C CB  . TYR A 1 38 ? 3.932   -3.979  -4.231  1.00 8.79  ? 38  TYR A CB  1 
ATOM   308 C CG  . TYR A 1 38 ? 3.155   -5.213  -3.829  1.00 7.97  ? 38  TYR A CG  1 
ATOM   309 C CD1 . TYR A 1 38 ? 3.813   -6.372  -3.428  1.00 8.72  ? 38  TYR A CD1 1 
ATOM   310 C CD2 . TYR A 1 38 ? 1.789   -5.200  -3.754  1.00 9.17  ? 38  TYR A CD2 1 
ATOM   311 C CE1 . TYR A 1 38 ? 3.110   -7.488  -3.008  1.00 9.08  ? 38  TYR A CE1 1 
ATOM   312 C CE2 . TYR A 1 38 ? 1.075   -6.306  -3.348  1.00 9.60  ? 38  TYR A CE2 1 
ATOM   313 C CZ  . TYR A 1 38 ? 1.763   -7.456  -2.966  1.00 8.54  ? 38  TYR A CZ  1 
ATOM   314 O OH  . TYR A 1 38 ? 0.987   -8.528  -2.520  1.00 11.15 ? 38  TYR A OH  1 
ATOM   315 N N   . ALA A 1 39 ? 2.115   -3.430  -6.736  1.00 8.06  ? 39  ALA A N   1 
ATOM   316 C CA  . ALA A 1 39 ? 0.949   -3.766  -7.544  1.00 9.29  ? 39  ALA A CA  1 
ATOM   317 C C   . ALA A 1 39 ? 1.396   -3.939  -9.025  1.00 9.81  ? 39  ALA A C   1 
ATOM   318 O O   . ALA A 1 39 ? 0.986   -4.890  -9.675  1.00 11.60 ? 39  ALA A O   1 
ATOM   319 C CB  . ALA A 1 39 ? -0.105  -2.654  -7.398  1.00 11.34 ? 39  ALA A CB  1 
ATOM   320 N N   . ASN A 1 40 ? 2.194   -3.026  -9.523  1.00 10.66 ? 40  ASN A N   1 
ATOM   321 C CA  . ASN A 1 40 ? 2.657   -3.124  -10.909 1.00 12.62 ? 40  ASN A CA  1 
ATOM   322 C C   . ASN A 1 40 ? 3.464   -4.402  -11.125 1.00 11.94 ? 40  ASN A C   1 
ATOM   323 O O   . ASN A 1 40 ? 3.290   -5.086  -12.154 1.00 14.27 ? 40  ASN A O   1 
ATOM   324 C CB  A ASN A 1 40 ? 3.471   -1.904  -11.312 0.50 16.07 ? 40  ASN A CB  1 
ATOM   325 C CB  B ASN A 1 40 ? 3.528   -1.908  -11.246 0.50 16.55 ? 40  ASN A CB  1 
ATOM   326 C CG  A ASN A 1 40 ? 3.787   -1.891  -12.801 0.50 20.18 ? 40  ASN A CG  1 
ATOM   327 C CG  B ASN A 1 40 ? 2.767   -0.609  -11.325 0.50 20.73 ? 40  ASN A CG  1 
ATOM   328 O OD1 A ASN A 1 40 ? 4.894   -2.230  -13.208 0.50 29.95 ? 40  ASN A OD1 1 
ATOM   329 O OD1 B ASN A 1 40 ? 1.559   -0.569  -11.558 0.50 31.09 ? 40  ASN A OD1 1 
ATOM   330 N ND2 A ASN A 1 40 ? 2.779   -1.592  -13.613 0.50 27.01 ? 40  ASN A ND2 1 
ATOM   331 N ND2 B ASN A 1 40 ? 3.486   0.507   -11.186 0.50 27.07 ? 40  ASN A ND2 1 
ATOM   332 N N   . ASP A 1 41 ? 4.353   -4.732  -10.199 1.00 11.18 ? 41  ASP A N   1 
ATOM   333 C CA  . ASP A 1 41 ? 5.185   -5.953  -10.297 1.00 12.05 ? 41  ASP A CA  1 
ATOM   334 C C   . ASP A 1 41 ? 4.334   -7.217  -10.343 1.00 12.71 ? 41  ASP A C   1 
ATOM   335 O O   . ASP A 1 41 ? 4.783   -8.219  -10.912 1.00 17.89 ? 41  ASP A O   1 
ATOM   336 C CB  . ASP A 1 41 ? 6.202   -5.981  -9.144  1.00 12.71 ? 41  ASP A CB  1 
ATOM   337 C CG  . ASP A 1 41 ? 7.287   -4.961  -9.180  1.00 13.74 ? 41  ASP A CG  1 
ATOM   338 O OD1 . ASP A 1 41 ? 7.437   -4.327  -10.268 1.00 16.80 ? 41  ASP A OD1 1 
ATOM   339 O OD2 . ASP A 1 41 ? 8.004   -4.870  -8.217  1.00 16.73 ? 41  ASP A OD2 1 
ATOM   340 N N   . ASN A 1 42 ? 3.151   -7.186  -9.781  1.00 10.52 ? 42  ASN A N   1 
ATOM   341 C CA  . ASN A 1 42 ? 2.226   -8.327  -9.740  1.00 11.39 ? 42  ASN A CA  1 
ATOM   342 C C   . ASN A 1 42 ? 1.114   -8.205  -10.695 1.00 12.09 ? 42  ASN A C   1 
ATOM   343 O O   . ASN A 1 42 ? 0.175   -9.001  -10.693 1.00 15.00 ? 42  ASN A O   1 
ATOM   344 C CB  . ASN A 1 42 ? 1.712   -8.514  -8.273  1.00 11.51 ? 42  ASN A CB  1 
ATOM   345 C CG  . ASN A 1 42 ? 2.774   -9.048  -7.388  1.00 11.58 ? 42  ASN A CG  1 
ATOM   346 O OD1 . ASN A 1 42 ? 3.178   -10.207 -7.547  1.00 14.28 ? 42  ASN A OD1 1 
ATOM   347 N ND2 . ASN A 1 42 ? 3.300   -8.267  -6.513  1.00 12.63 ? 42  ASN A ND2 1 
ATOM   348 N N   . GLY A 1 43 ? 1.101   -7.276  -11.601 1.00 12.61 ? 43  GLY A N   1 
ATOM   349 C CA  . GLY A 1 43 ? 0.110   -7.165  -12.667 1.00 13.91 ? 43  GLY A CA  1 
ATOM   350 C C   . GLY A 1 43 ? -1.221  -6.648  -12.243 1.00 12.85 ? 43  GLY A C   1 
ATOM   351 O O   . GLY A 1 43 ? -2.203  -6.897  -12.921 1.00 17.94 ? 43  GLY A O   1 
ATOM   352 N N   . VAL A 1 44 ? -1.319  -5.925  -11.117 1.00 12.09 ? 44  VAL A N   1 
ATOM   353 C CA  . VAL A 1 44 ? -2.564  -5.392  -10.620 1.00 12.14 ? 44  VAL A CA  1 
ATOM   354 C C   . VAL A 1 44 ? -2.752  -3.998  -11.146 1.00 14.22 ? 44  VAL A C   1 
ATOM   355 O O   . VAL A 1 44 ? -1.911  -3.151  -10.894 1.00 19.81 ? 44  VAL A O   1 
ATOM   356 C CB  . VAL A 1 44 ? -2.592  -5.427  -9.085  1.00 12.68 ? 44  VAL A CB  1 
ATOM   357 C CG1 . VAL A 1 44 ? -3.831  -4.721  -8.538  1.00 15.36 ? 44  VAL A CG1 1 
ATOM   358 C CG2 . VAL A 1 44 ? -2.459  -6.818  -8.569  1.00 17.63 ? 44  VAL A CG2 1 
ATOM   359 N N   . ASP A 1 45 ? -3.891  -3.750  -11.775 1.00 13.35 ? 45  ASP A N   1 
ATOM   360 C CA  . ASP A 1 45 ? -4.247  -2.449  -12.342 1.00 15.39 ? 45  ASP A CA  1 
ATOM   361 C C   . ASP A 1 45 ? -5.676  -2.108  -11.851 1.00 14.19 ? 45  ASP A C   1 
ATOM   362 O O   . ASP A 1 45 ? -6.686  -2.521  -12.392 1.00 17.63 ? 45  ASP A O   1 
ATOM   363 C CB  . ASP A 1 45 ? -4.284  -2.515  -13.857 1.00 24.75 ? 45  ASP A CB  1 
ATOM   364 C CG  . ASP A 1 45 ? -4.504  -1.240  -14.586 1.00 32.73 ? 45  ASP A CG  1 
ATOM   365 O OD1 . ASP A 1 45 ? -4.367  -0.169  -13.939 1.00 36.86 ? 45  ASP A OD1 1 
ATOM   366 O OD2 . ASP A 1 45 ? -4.726  -1.344  -15.824 1.00 46.61 ? 45  ASP A OD2 1 
ATOM   367 N N   . GLY A 1 46 ? -5.712  -1.352  -10.804 1.00 13.38 ? 46  GLY A N   1 
ATOM   368 C CA  . GLY A 1 46 ? -6.937  -1.030  -10.141 1.00 12.85 ? 46  GLY A CA  1 
ATOM   369 C C   . GLY A 1 46 ? -7.037  0.388   -9.684  1.00 9.73  ? 46  GLY A C   1 
ATOM   370 O O   . GLY A 1 46 ? -6.291  1.279   -10.098 1.00 13.74 ? 46  GLY A O   1 
ATOM   371 N N   . VAL A 1 47 ? -8.061  0.630   -8.844  1.00 8.59  ? 47  VAL A N   1 
ATOM   372 C CA  . VAL A 1 47 ? -8.319  1.951   -8.281  1.00 8.20  ? 47  VAL A CA  1 
ATOM   373 C C   . VAL A 1 47 ? -8.014  1.898   -6.794  1.00 6.80  ? 47  VAL A C   1 
ATOM   374 O O   . VAL A 1 47 ? -8.131  0.861   -6.145  1.00 7.95  ? 47  VAL A O   1 
ATOM   375 C CB  . VAL A 1 47 ? -9.719  2.494   -8.573  1.00 10.50 ? 47  VAL A CB  1 
ATOM   376 C CG1 . VAL A 1 47 ? -9.927  2.691   -10.083 1.00 15.34 ? 47  VAL A CG1 1 
ATOM   377 C CG2 . VAL A 1 47 ? -10.799 1.695   -7.989  1.00 12.59 ? 47  VAL A CG2 1 
ATOM   378 N N   . TRP A 1 48 ? -7.611  3.059   -6.266  1.00 6.41  ? 48  TRP A N   1 
ATOM   379 C CA  . TRP A 1 48 ? -6.971  3.160   -4.965  1.00 6.06  ? 48  TRP A CA  1 
ATOM   380 C C   . TRP A 1 48 ? -7.673  4.105   -4.024  1.00 5.35  ? 48  TRP A C   1 
ATOM   381 O O   . TRP A 1 48 ? -8.110  5.205   -4.408  1.00 6.52  ? 48  TRP A O   1 
ATOM   382 C CB  . TRP A 1 48 ? -5.530  3.703   -5.153  1.00 7.45  ? 48  TRP A CB  1 
ATOM   383 C CG  . TRP A 1 48 ? -4.622  2.748   -5.859  1.00 7.75  ? 48  TRP A CG  1 
ATOM   384 C CD1 . TRP A 1 48 ? -4.609  2.403   -7.188  1.00 9.45  ? 48  TRP A CD1 1 
ATOM   385 C CD2 . TRP A 1 48 ? -3.574  1.967   -5.246  1.00 7.69  ? 48  TRP A CD2 1 
ATOM   386 N NE1 . TRP A 1 48 ? -3.642  1.507   -7.441  1.00 9.92  ? 48  TRP A NE1 1 
ATOM   387 C CE2 . TRP A 1 48 ? -2.992  1.198   -6.286  1.00 8.97  ? 48  TRP A CE2 1 
ATOM   388 C CE3 . TRP A 1 48 ? -3.083  1.849   -3.986  1.00 9.30  ? 48  TRP A CE3 1 
ATOM   389 C CZ2 . TRP A 1 48 ? -1.932  0.336   -6.019  1.00 10.50 ? 48  TRP A CZ2 1 
ATOM   390 C CZ3 . TRP A 1 48 ? -2.026  0.973   -3.725  1.00 11.33 ? 48  TRP A CZ3 1 
ATOM   391 C CH2 . TRP A 1 48 ? -1.481  0.222   -4.771  1.00 11.42 ? 48  TRP A CH2 1 
ATOM   392 N N   . THR A 1 49 ? -7.676  3.760   -2.726  1.00 5.91  ? 49  THR A N   1 
ATOM   393 C CA  . THR A 1 49 ? -7.959  4.675   -1.656  1.00 5.82  ? 49  THR A CA  1 
ATOM   394 C C   . THR A 1 49 ? -6.795  4.686   -0.662  1.00 5.87  ? 49  THR A C   1 
ATOM   395 O O   . THR A 1 49 ? -6.034  3.727   -0.549  1.00 6.73  ? 49  THR A O   1 
ATOM   396 C CB  . THR A 1 49 ? -9.253  4.348   -0.873  1.00 6.19  ? 49  THR A CB  1 
ATOM   397 O OG1 . THR A 1 49 ? -9.139  3.087   -0.229  1.00 7.84  ? 49  THR A OG1 1 
ATOM   398 C CG2 . THR A 1 49 ? -10.474 4.375   -1.756  1.00 8.62  ? 49  THR A CG2 1 
ATOM   399 N N   . TYR A 1 50 ? -6.726  5.777   0.108   1.00 6.77  ? 50  TYR A N   1 
ATOM   400 C CA  . TYR A 1 50 ? -5.844  5.899   1.242   1.00 6.49  ? 50  TYR A CA  1 
ATOM   401 C C   . TYR A 1 50 ? -6.647  6.526   2.392   1.00 6.50  ? 50  TYR A C   1 
ATOM   402 O O   . TYR A 1 50 ? -7.319  7.528   2.187   1.00 7.78  ? 50  TYR A O   1 
ATOM   403 C CB  . TYR A 1 50 ? -4.590  6.753   0.933   1.00 8.16  ? 50  TYR A CB  1 
ATOM   404 C CG  . TYR A 1 50 ? -3.752  6.964   2.170   1.00 8.31  ? 50  TYR A CG  1 
ATOM   405 C CD1 . TYR A 1 50 ? -3.139  5.894   2.827   1.00 8.88  ? 50  TYR A CD1 1 
ATOM   406 C CD2 . TYR A 1 50 ? -3.560  8.228   2.710   1.00 10.87 ? 50  TYR A CD2 1 
ATOM   407 C CE1 . TYR A 1 50 ? -2.400  6.085   3.976   1.00 9.73  ? 50  TYR A CE1 1 
ATOM   408 C CE2 . TYR A 1 50 ? -2.816  8.397   3.897   1.00 11.52 ? 50  TYR A CE2 1 
ATOM   409 C CZ  . TYR A 1 50 ? -2.248  7.329   4.510   1.00 10.41 ? 50  TYR A CZ  1 
ATOM   410 O OH  . TYR A 1 50 ? -1.552  7.456   5.693   1.00 13.64 ? 50  TYR A OH  1 
ATOM   411 N N   . ASP A 1 51 ? -6.545  5.929   3.573   1.00 7.21  ? 51  ASP A N   1 
ATOM   412 C CA  . ASP A 1 51 ? -7.155  6.444   4.787   1.00 7.99  ? 51  ASP A CA  1 
ATOM   413 C C   . ASP A 1 51 ? -6.039  6.821   5.781   1.00 7.78  ? 51  ASP A C   1 
ATOM   414 O O   . ASP A 1 51 ? -5.349  5.937   6.293   1.00 9.13  ? 51  ASP A O   1 
ATOM   415 C CB  A ASP A 1 51 ? -8.141  5.516   5.442   0.63 11.80 ? 51  ASP A CB  1 
ATOM   416 C CB  B ASP A 1 51 ? -8.044  5.357   5.410   0.37 12.24 ? 51  ASP A CB  1 
ATOM   417 C CG  A ASP A 1 51 ? -8.907  6.161   6.597   0.63 15.87 ? 51  ASP A CG  1 
ATOM   418 C CG  B ASP A 1 51 ? -8.869  5.875   6.570   0.37 15.31 ? 51  ASP A CG  1 
ATOM   419 O OD1 A ASP A 1 51 ? -8.554  7.289   7.008   0.63 16.53 ? 51  ASP A OD1 1 
ATOM   420 O OD1 B ASP A 1 51 ? -8.277  6.253   7.596   0.37 13.58 ? 51  ASP A OD1 1 
ATOM   421 O OD2 A ASP A 1 51 ? -10.023 5.672   6.893   0.63 24.35 ? 51  ASP A OD2 1 
ATOM   422 O OD2 B ASP A 1 51 ? -10.111 5.971   6.437   0.37 17.99 ? 51  ASP A OD2 1 
ATOM   423 N N   . ASP A 1 52 ? -5.877  8.085   6.010   1.00 9.58  ? 52  ASP A N   1 
ATOM   424 C CA  . ASP A 1 52 ? -4.805  8.562   6.875   1.00 11.07 ? 52  ASP A CA  1 
ATOM   425 C C   . ASP A 1 52 ? -5.083  8.189   8.321   1.00 12.68 ? 52  ASP A C   1 
ATOM   426 O O   . ASP A 1 52 ? -4.143  8.182   9.119   1.00 18.24 ? 52  ASP A O   1 
ATOM   427 C CB  . ASP A 1 52 ? -4.555  10.059  6.685   1.00 16.07 ? 52  ASP A CB  1 
ATOM   428 C CG  . ASP A 1 52 ? -3.180  10.471  7.243   1.00 20.51 ? 52  ASP A CG  1 
ATOM   429 O OD1 . ASP A 1 52 ? -2.127  9.837   6.983   1.00 19.66 ? 52  ASP A OD1 1 
ATOM   430 O OD2 . ASP A 1 52 ? -3.228  11.442  8.016   1.00 29.54 ? 52  ASP A OD2 1 
ATOM   431 N N   . ALA A 1 53 ? -6.328  7.962   8.706   1.00 12.40 ? 53  ALA A N   1 
ATOM   432 C CA  . ALA A 1 53 ? -6.622  7.607   10.112  1.00 15.70 ? 53  ALA A CA  1 
ATOM   433 C C   . ALA A 1 53 ? -6.112  6.236   10.421  1.00 14.05 ? 53  ALA A C   1 
ATOM   434 O O   . ALA A 1 53 ? -5.736  5.983   11.566  1.00 22.43 ? 53  ALA A O   1 
ATOM   435 C CB  . ALA A 1 53 ? -8.140  7.709   10.393  1.00 19.93 ? 53  ALA A CB  1 
ATOM   436 N N   . THR A 1 54 ? -6.145  5.303   9.519   1.00 11.11 ? 54  THR A N   1 
ATOM   437 C CA  . THR A 1 54 ? -5.775  3.896   9.748   1.00 11.05 ? 54  THR A CA  1 
ATOM   438 C C   . THR A 1 54 ? -4.486  3.510   9.068   1.00 9.19  ? 54  THR A C   1 
ATOM   439 O O   . THR A 1 54 ? -4.046  2.378   9.144   1.00 11.67 ? 54  THR A O   1 
ATOM   440 C CB  . THR A 1 54 ? -6.903  2.920   9.334   1.00 12.12 ? 54  THR A CB  1 
ATOM   441 O OG1 . THR A 1 54 ? -7.022  3.096   7.914   1.00 11.99 ? 54  THR A OG1 1 
ATOM   442 C CG2 . THR A 1 54 ? -8.220  3.112   10.028  1.00 17.92 ? 54  THR A CG2 1 
ATOM   443 N N   . LYS A 1 55 ? -3.879  4.444   8.318   1.00 8.38  ? 55  LYS A N   1 
ATOM   444 C CA  . LYS A 1 55 ? -2.613  4.191   7.596   1.00 7.82  ? 55  LYS A CA  1 
ATOM   445 C C   . LYS A 1 55 ? -2.771  3.029   6.651   1.00 7.08  ? 55  LYS A C   1 
ATOM   446 O O   . LYS A 1 55 ? -1.859  2.206   6.503   1.00 9.49  ? 55  LYS A O   1 
ATOM   447 C CB  . LYS A 1 55 ? -1.430  4.015   8.562   1.00 10.02 ? 55  LYS A CB  1 
ATOM   448 C CG  . LYS A 1 55 ? -1.315  5.112   9.572   1.00 12.44 ? 55  LYS A CG  1 
ATOM   449 C CD  . LYS A 1 55 ? -1.098  6.496   9.019   1.00 14.45 ? 55  LYS A CD  1 
ATOM   450 C CE  . LYS A 1 55 ? -1.123  7.578   10.167  1.00 20.85 ? 55  LYS A CE  1 
ATOM   451 N NZ  . LYS A 1 55 ? -1.093  8.940   9.630   1.00 25.89 ? 55  LYS A NZ  1 
ATOM   452 N N   . THR A 1 56 ? -3.909  2.961   5.966   1.00 6.76  ? 56  THR A N   1 
ATOM   453 C CA  . THR A 1 56 ? -4.244  1.842   5.090   1.00 6.32  ? 56  THR A CA  1 
ATOM   454 C C   . THR A 1 56 ? -4.579  2.322   3.686   1.00 6.06  ? 56  THR A C   1 
ATOM   455 O O   . THR A 1 56 ? -5.441  3.192   3.497   1.00 7.08  ? 56  THR A O   1 
ATOM   456 C CB  . THR A 1 56 ? -5.412  1.043   5.672   1.00 8.17  ? 56  THR A CB  1 
ATOM   457 O OG1 . THR A 1 56 ? -5.049  0.534   6.949   1.00 11.03 ? 56  THR A OG1 1 
ATOM   458 C CG2 . THR A 1 56 ? -5.769  -0.167  4.782   1.00 9.49  ? 56  THR A CG2 1 
ATOM   459 N N   . PHE A 1 57 ? -3.922  1.688   2.712   1.00 5.74  ? 57  PHE A N   1 
ATOM   460 C CA  . PHE A 1 57 ? -4.221  1.801   1.307   1.00 5.62  ? 57  PHE A CA  1 
ATOM   461 C C   . PHE A 1 57 ? -5.068  0.604   0.882   1.00 5.43  ? 57  PHE A C   1 
ATOM   462 O O   . PHE A 1 57 ? -4.853  -0.499  1.405   1.00 6.78  ? 57  PHE A O   1 
ATOM   463 C CB  . PHE A 1 57 ? -2.929  1.778   0.471   1.00 6.79  ? 57  PHE A CB  1 
ATOM   464 C CG  . PHE A 1 57 ? -2.019  2.949   0.691   1.00 6.75  ? 57  PHE A CG  1 
ATOM   465 C CD1 . PHE A 1 57 ? -1.113  2.977   1.735   1.00 7.92  ? 57  PHE A CD1 1 
ATOM   466 C CD2 . PHE A 1 57 ? -2.069  4.044   -0.169  1.00 8.27  ? 57  PHE A CD2 1 
ATOM   467 C CE1 . PHE A 1 57 ? -0.267  4.054   1.932   1.00 9.47  ? 57  PHE A CE1 1 
ATOM   468 C CE2 . PHE A 1 57 ? -1.218  5.121   0.024   1.00 9.37  ? 57  PHE A CE2 1 
ATOM   469 C CZ  . PHE A 1 57 ? -0.304  5.091   1.056   1.00 10.00 ? 57  PHE A CZ  1 
ATOM   470 N N   . THR A 1 58 ? -5.952  0.811   -0.071  1.00 5.71  ? 58  THR A N   1 
ATOM   471 C CA  . THR A 1 58 ? -6.756  -0.297  -0.647  1.00 5.77  ? 58  THR A CA  1 
ATOM   472 C C   . THR A 1 58 ? -6.702  -0.196  -2.153  1.00 6.11  ? 58  THR A C   1 
ATOM   473 O O   . THR A 1 58 ? -6.861  0.901   -2.686  1.00 8.27  ? 58  THR A O   1 
ATOM   474 C CB  . THR A 1 58 ? -8.207  -0.215  -0.139  1.00 6.99  ? 58  THR A CB  1 
ATOM   475 O OG1 . THR A 1 58 ? -8.219  -0.132  1.286   1.00 8.60  ? 58  THR A OG1 1 
ATOM   476 C CG2 . THR A 1 58 ? -8.997  -1.410  -0.544  1.00 8.65  ? 58  THR A CG2 1 
ATOM   477 N N   . VAL A 1 59 ? -6.515  -1.310  -2.827  1.00 6.28  ? 59  VAL A N   1 
ATOM   478 C CA  . VAL A 1 59 ? -6.629  -1.376  -4.278  1.00 6.48  ? 59  VAL A CA  1 
ATOM   479 C C   . VAL A 1 59 ? -7.632  -2.442  -4.659  1.00 6.67  ? 59  VAL A C   1 
ATOM   480 O O   . VAL A 1 59 ? -7.592  -3.557  -4.144  1.00 8.45  ? 59  VAL A O   1 
ATOM   481 C CB  . VAL A 1 59 ? -5.223  -1.592  -4.929  1.00 8.09  ? 59  VAL A CB  1 
ATOM   482 C CG1 . VAL A 1 59 ? -4.531  -2.870  -4.528  1.00 9.95  ? 59  VAL A CG1 1 
ATOM   483 C CG2 . VAL A 1 59 ? -5.366  -1.519  -6.461  1.00 10.47 ? 59  VAL A CG2 1 
ATOM   484 N N   . THR A 1 60 ? -8.518  -2.092  -5.595  1.00 7.40  ? 60  THR A N   1 
ATOM   485 C CA  . THR A 1 60 ? -9.484  -3.038  -6.171  1.00 8.04  ? 60  THR A CA  1 
ATOM   486 C C   . THR A 1 60 ? -9.410  -3.041  -7.654  1.00 8.14  ? 60  THR A C   1 
ATOM   487 O O   . THR A 1 60 ? -9.355  -1.976  -8.293  1.00 10.24 ? 60  THR A O   1 
ATOM   488 C CB  . THR A 1 60 ? -10.926 -2.819  -5.681  1.00 9.97  ? 60  THR A CB  1 
ATOM   489 O OG1 . THR A 1 60 ? -11.761 -3.890  -6.185  1.00 12.39 ? 60  THR A OG1 1 
ATOM   490 C CG2 . THR A 1 60 ? -11.496 -1.520  -6.111  1.00 12.63 ? 60  THR A CG2 1 
ATOM   491 N N   . GLU A 1 61 ? -9.501  -4.219  -8.236  1.00 9.97  ? 61  GLU A N   1 
ATOM   492 C CA  . GLU A 1 61 ? -9.730  -4.432  -9.667  1.00 12.05 ? 61  GLU A CA  1 
ATOM   493 C C   . GLU A 1 61 ? -11.203 -4.727  -9.885  1.00 14.56 ? 61  GLU A C   1 
ATOM   494 O O   . GLU A 1 61 ? -11.963 -4.587  -8.943  1.00 20.19 ? 61  GLU A O   1 
ATOM   495 C CB  . GLU A 1 61 ? -8.865  -5.578  -10.203 1.00 13.00 ? 61  GLU A CB  1 
ATOM   496 C CG  . GLU A 1 61 ? -7.389  -5.242  -10.165 1.00 14.82 ? 61  GLU A CG  1 
ATOM   497 C CD  . GLU A 1 61 ? -6.489  -6.315  -10.831 1.00 14.78 ? 61  GLU A CD  1 
ATOM   498 O OE1 . GLU A 1 61 ? -6.499  -7.446  -10.327 1.00 21.31 ? 61  GLU A OE1 1 
ATOM   499 O OE2 . GLU A 1 61 ? -5.848  -5.957  -11.781 1.00 18.26 ? 61  GLU A OE2 1 
ATOM   500 O OXT . GLU A 1 61 ? -11.566 -4.981  -11.015 1.00 21.09 ? 61  GLU A OXT 1 
HETATM 501 O O   . HOH B 2 .  ? 3.417   -9.732  1.229   1.00 10.47 ? 62  HOH A O   1 
HETATM 502 O O   . HOH B 2 .  ? -7.908  2.596   2.215   1.00 9.13  ? 63  HOH A O   1 
HETATM 503 O O   . HOH B 2 .  ? 1.485   -10.665 2.880   1.00 10.22 ? 64  HOH A O   1 
HETATM 504 O O   . HOH B 2 .  ? 2.492   -10.575 -1.385  1.00 10.49 ? 65  HOH A O   1 
HETATM 505 O O   . HOH B 2 .  ? 17.213  11.088  11.230  1.00 12.47 ? 66  HOH A O   1 
HETATM 506 O O   . HOH B 2 .  ? 14.244  4.891   11.164  1.00 14.68 ? 67  HOH A O   1 
HETATM 507 O O   . HOH B 2 .  ? 5.632   -9.308  -4.980  1.00 13.03 ? 68  HOH A O   1 
HETATM 508 O O   . HOH B 2 .  ? -9.565  -1.284  3.502   1.00 14.27 ? 69  HOH A O   1 
HETATM 509 O O   . HOH B 2 .  ? 7.765   -4.895  -5.459  1.00 18.60 ? 70  HOH A O   1 
HETATM 510 O O   . HOH B 2 .  ? 11.042  5.605   4.621   1.00 13.84 ? 71  HOH A O   1 
HETATM 511 O O   . HOH B 2 .  ? -6.953  -1.332  7.894   1.00 18.27 ? 72  HOH A O   1 
HETATM 512 O O   . HOH B 2 .  ? -4.875  -9.639  -9.386  1.00 18.59 ? 73  HOH A O   1 
HETATM 513 O O   . HOH B 2 .  ? 5.954   -10.766 -7.302  1.00 18.93 ? 74  HOH A O   1 
HETATM 514 O O   . HOH B 2 .  ? 9.072   3.813   -1.649  1.00 16.50 ? 75  HOH A O   1 
HETATM 515 O O   . HOH B 2 .  ? 8.050   1.679   2.239   1.00 17.14 ? 76  HOH A O   1 
HETATM 516 O O   . HOH B 2 .  ? -7.168  5.259   -8.193  1.00 23.73 ? 77  HOH A O   1 
HETATM 517 O O   . HOH B 2 .  ? 5.825   3.512   -7.614  1.00 24.64 ? 78  HOH A O   1 
HETATM 518 O O   . HOH B 2 .  ? 7.396   -2.747  -3.461  1.00 26.93 ? 79  HOH A O   1 
HETATM 519 O O   . HOH B 2 .  ? -8.164  -8.417  0.828   1.00 22.28 ? 80  HOH A O   1 
HETATM 520 O O   . HOH B 2 .  ? 3.384   11.848  2.552   1.00 27.54 ? 81  HOH A O   1 
HETATM 521 O O   . HOH B 2 .  ? 15.939  6.914   6.831   1.00 13.17 ? 82  HOH A O   1 
HETATM 522 O O   . HOH B 2 .  ? 12.871  7.666   3.835   1.00 16.99 ? 83  HOH A O   1 
HETATM 523 O O   . HOH B 2 .  ? -10.639 1.800   12.486  1.00 17.52 ? 84  HOH A O   1 
HETATM 524 O O   . HOH B 2 .  ? 2.101   -12.814 -4.737  1.00 19.65 ? 85  HOH A O   1 
HETATM 525 O O   . HOH B 2 .  ? -3.058  -0.347  -9.746  1.00 27.33 ? 86  HOH A O   1 
HETATM 526 O O   . HOH B 2 .  ? 11.434  3.453   2.877   1.00 27.46 ? 87  HOH A O   1 
HETATM 527 O O   . HOH B 2 .  ? 2.581   11.197  5.691   1.00 25.06 ? 88  HOH A O   1 
HETATM 528 O O   . HOH B 2 .  ? -9.259  2.047   6.761   1.00 25.72 ? 89  HOH A O   1 
HETATM 529 O O   . HOH B 2 .  ? 1.329   9.123   7.679   1.00 25.50 ? 90  HOH A O   1 
HETATM 530 O O   . HOH B 2 .  ? -6.839  7.196   -6.023  1.00 39.06 ? 91  HOH A O   1 
HETATM 531 O O   . HOH B 2 .  ? 0.476   2.308   11.666  1.00 29.50 ? 92  HOH A O   1 
HETATM 532 O O   . HOH B 2 .  ? -5.604  -14.115 0.696   1.00 38.29 ? 93  HOH A O   1 
HETATM 533 O O   . HOH B 2 .  ? -4.580  -8.432  -12.568 1.00 28.34 ? 94  HOH A O   1 
HETATM 534 O O   . HOH B 2 .  ? -6.487  -14.932 -4.688  1.00 27.34 ? 95  HOH A O   1 
HETATM 535 O O   . HOH B 2 .  ? 4.464   -5.595  9.068   1.00 28.31 ? 96  HOH A O   1 
HETATM 536 O O   . HOH B 2 .  ? -1.218  0.484   9.118   1.00 27.04 ? 97  HOH A O   1 
HETATM 537 O O   . HOH B 2 .  ? 8.379   -3.213  2.000   1.00 31.31 ? 98  HOH A O   1 
HETATM 538 O O   . HOH B 2 .  ? 3.224   2.197   12.870  1.00 29.26 ? 99  HOH A O   1 
HETATM 539 O O   . HOH B 2 .  ? -4.145  -2.406  10.684  1.00 27.73 ? 100 HOH A O   1 
HETATM 540 O O   . HOH B 2 .  ? -11.040 -1.073  -10.664 1.00 30.19 ? 101 HOH A O   1 
HETATM 541 O O   . HOH B 2 .  ? 6.443   8.156   10.345  1.00 30.85 ? 102 HOH A O   1 
HETATM 542 O O   . HOH B 2 .  ? 9.158   -2.415  4.742   1.00 35.39 ? 103 HOH A O   1 
HETATM 543 O O   . HOH B 2 .  ? 3.569   8.652   -3.858  1.00 32.94 ? 104 HOH A O   1 
HETATM 544 O O   . HOH B 2 .  ? 11.253  4.282   13.924  1.00 39.25 ? 105 HOH A O   1 
HETATM 545 O O   . HOH B 2 .  ? 0.493   0.533   -9.738  1.00 32.01 ? 106 HOH A O   1 
HETATM 546 O O   . HOH B 2 .  ? -12.072 -7.555  1.092   1.00 41.64 ? 107 HOH A O   1 
HETATM 547 O O   . HOH B 2 .  ? -1.809  -10.747 -9.827  1.00 42.93 ? 108 HOH A O   1 
HETATM 548 O O   . HOH B 2 .  ? -8.670  -7.774  4.118   1.00 41.60 ? 109 HOH A O   1 
HETATM 549 O O   . HOH B 2 .  ? -3.598  6.204   -2.858  1.00 37.28 ? 110 HOH A O   1 
HETATM 550 O O   . HOH B 2 .  ? 6.689   -9.768  -9.743  1.00 33.29 ? 111 HOH A O   1 
HETATM 551 O O   . HOH B 2 .  ? 19.452  13.285  17.668  1.00 37.65 ? 112 HOH A O   1 
HETATM 552 O O   . HOH B 2 .  ? 10.451  -3.925  -8.136  1.00 39.93 ? 113 HOH A O   1 
HETATM 553 O O   . HOH B 2 .  ? 13.220  5.464   14.798  1.00 46.19 ? 114 HOH A O   1 
HETATM 554 O O   . HOH B 2 .  ? 8.867   10.459  10.012  1.00 42.34 ? 115 HOH A O   1 
HETATM 555 O O   . HOH B 2 .  ? 4.114   5.618   -8.020  1.00 37.19 ? 116 HOH A O   1 
HETATM 556 O O   . HOH B 2 .  ? -4.390  5.830   -8.369  1.00 54.94 ? 117 HOH A O   1 
HETATM 557 O O   . HOH B 2 .  ? 2.260   8.479   10.861  1.00 53.40 ? 118 HOH A O   1 
HETATM 558 O O   . HOH B 2 .  ? -10.698 -9.725  -2.129  1.00 55.86 ? 119 HOH A O   1 
HETATM 559 O O   . HOH B 2 .  ? -4.644  10.762  0.271   1.00 47.18 ? 120 HOH A O   1 
HETATM 560 O O   . HOH B 2 .  ? -10.862 3.621   5.955   1.00 30.30 ? 121 HOH A O   1 
HETATM 561 O O   . HOH B 2 .  ? -5.134  -9.632  8.672   1.00 33.21 ? 122 HOH A O   1 
HETATM 562 O O   . HOH B 2 .  ? -5.756  1.902   12.718  1.00 31.11 ? 123 HOH A O   1 
HETATM 563 O O   . HOH B 2 .  ? 9.385   2.081   -3.918  1.00 33.32 ? 124 HOH A O   1 
HETATM 564 O O   . HOH B 2 .  ? -7.481  -5.046  -13.888 1.00 53.31 ? 125 HOH A O   1 
HETATM 565 O O   . HOH B 2 .  ? 5.043   7.766   8.380   1.00 38.54 ? 126 HOH A O   1 
HETATM 566 O O   . HOH B 2 .  ? -3.845  6.909   -6.349  1.00 45.86 ? 127 HOH A O   1 
HETATM 567 O O   . HOH B 2 .  ? -11.535 -7.630  -7.686  1.00 49.15 ? 128 HOH A O   1 
HETATM 568 O O   . HOH B 2 .  ? 9.631   -0.832  -3.661  1.00 51.60 ? 129 HOH A O   1 
HETATM 569 O O   . HOH B 2 .  ? 2.689   -12.424 -9.122  1.00 28.73 ? 130 HOH A O   1 
HETATM 570 O O   . HOH B 2 .  ? 4.138   13.305  6.462   1.00 40.48 ? 131 HOH A O   1 
HETATM 571 O O   . HOH B 2 .  ? -14.002 -5.834  -11.869 1.00 51.00 ? 132 HOH A O   1 
HETATM 572 O O   . HOH B 2 .  ? -11.496 -12.809 -8.554  1.00 46.39 ? 133 HOH A O   1 
HETATM 573 O O   . HOH B 2 .  ? 6.700   -3.783  -12.750 1.00 34.40 ? 134 HOH A O   1 
HETATM 574 O O   . HOH B 2 .  ? -0.438  11.583  5.274   1.00 54.85 ? 135 HOH A O   1 
HETATM 575 O O   . HOH B 2 .  ? -5.185  11.289  10.646  1.00 51.93 ? 136 HOH A O   1 
HETATM 576 O O   . HOH B 2 .  ? 5.078   -7.261  -14.076 1.00 43.46 ? 137 HOH A O   1 
HETATM 577 O O   . HOH B 2 .  ? 5.224   11.406  8.228   1.00 49.35 ? 138 HOH A O   1 
HETATM 578 O O   . HOH B 2 .  ? -2.927  -0.222  9.609   1.00 40.30 ? 139 HOH A O   1 
HETATM 579 O O   . HOH B 2 .  ? -2.574  1.753   11.784  1.00 48.29 ? 140 HOH A O   1 
HETATM 580 O O   . HOH B 2 .  ? -4.632  0.170   10.969  1.00 45.25 ? 141 HOH A O   1 
HETATM 581 O O   . HOH B 2 .  ? 5.120   1.855   -9.905  1.00 49.17 ? 142 HOH A O   1 
HETATM 582 O O   . HOH B 2 .  ? 3.912   -1.764  -16.331 1.00 52.26 ? 143 HOH A O   1 
HETATM 583 O O   . HOH B 2 .  ? -3.906  4.415   13.191  1.00 69.28 ? 144 HOH A O   1 
HETATM 584 O O   . HOH B 2 .  ? -10.855 -9.286  -4.819  1.00 41.49 ? 145 HOH A O   1 
HETATM 585 O O   . HOH B 2 .  ? 9.560   4.878   14.564  1.00 43.38 ? 146 HOH A O   1 
HETATM 586 O O   . HOH B 2 .  ? -10.753 5.183   12.165  1.00 45.32 ? 147 HOH A O   1 
HETATM 587 O O   . HOH B 2 .  ? -0.845  10.311  12.197  1.00 51.80 ? 148 HOH A O   1 
HETATM 588 O O   . HOH B 2 .  ? 13.251  7.743   16.386  1.00 61.25 ? 149 HOH A O   1 
HETATM 589 O O   . HOH B 2 .  ? -8.562  5.456   13.422  1.00 60.21 ? 150 HOH A O   1 
HETATM 590 O O   . HOH B 2 .  ? 5.079   -3.969  11.227  1.00 53.90 ? 151 HOH A O   1 
HETATM 591 O O   . HOH B 2 .  ? 2.469   -5.203  10.638  1.00 48.19 ? 152 HOH A O   1 
HETATM 592 O O   . HOH B 2 .  ? -3.963  -7.229  9.666   1.00 51.92 ? 153 HOH A O   1 
HETATM 593 O O   . HOH B 2 .  ? 6.500   -4.923  -14.738 1.00 53.74 ? 154 HOH A O   1 
HETATM 594 O O   . HOH B 2 .  ? -9.200  -10.453 1.811   1.00 74.66 ? 155 HOH A O   1 
HETATM 595 O O   . HOH B 2 .  ? 7.862   14.254  -2.642  1.00 59.09 ? 156 HOH A O   1 
HETATM 596 O O   . HOH B 2 .  ? -5.017  -6.605  -14.663 1.00 54.53 ? 157 HOH A O   1 
HETATM 597 O O   . HOH B 2 .  ? 10.418  -0.557  -0.484  1.00 52.47 ? 158 HOH A O   1 
HETATM 598 O O   . HOH B 2 .  ? -1.075  11.928  9.634   1.00 60.29 ? 159 HOH A O   1 
HETATM 599 O O   . HOH B 2 .  ? -11.489 5.855   9.271   1.00 44.54 ? 160 HOH A O   1 
HETATM 600 O O   . HOH B 2 .  ? -3.930  2.083   -11.119 1.00 56.68 ? 161 HOH A O   1 
HETATM 601 O O   . HOH B 2 .  ? -7.216  -10.980 4.024   1.00 51.14 ? 162 HOH A O   1 
HETATM 602 O O   . HOH B 2 .  ? -1.540  11.405  1.831   1.00 52.34 ? 163 HOH A O   1 
HETATM 603 O O   . HOH B 2 .  ? -10.711 -3.991  -13.329 1.00 59.51 ? 164 HOH A O   1 
HETATM 604 O O   . HOH B 2 .  ? -2.956  8.802   -1.786  1.00 67.60 ? 165 HOH A O   1 
HETATM 605 O O   . HOH B 2 .  ? 6.587   0.925   12.622  1.00 44.09 ? 166 HOH A O   1 
HETATM 606 O O   . HOH B 2 .  ? 2.794   6.912   -5.737  1.00 56.38 ? 167 HOH A O   1 
# 
loop_
_atom_site_anisotrop.id 
_atom_site_anisotrop.type_symbol 
_atom_site_anisotrop.pdbx_label_atom_id 
_atom_site_anisotrop.pdbx_label_alt_id 
_atom_site_anisotrop.pdbx_label_comp_id 
_atom_site_anisotrop.pdbx_label_asym_id 
_atom_site_anisotrop.pdbx_label_seq_id 
_atom_site_anisotrop.pdbx_PDB_ins_code 
_atom_site_anisotrop.U[1][1] 
_atom_site_anisotrop.U[2][2] 
_atom_site_anisotrop.U[3][3] 
_atom_site_anisotrop.U[1][2] 
_atom_site_anisotrop.U[1][3] 
_atom_site_anisotrop.U[2][3] 
_atom_site_anisotrop.pdbx_auth_seq_id 
_atom_site_anisotrop.pdbx_auth_comp_id 
_atom_site_anisotrop.pdbx_auth_asym_id 
_atom_site_anisotrop.pdbx_auth_atom_id 
1   N N   . MET A 1  ? 0.1336 0.1384 0.1227 0.0264  -0.0129 -0.0028 1   MET A N   
2   C CA  . MET A 1  ? 0.1062 0.1652 0.1170 0.0260  -0.0079 0.0025  1   MET A CA  
3   C C   . MET A 1  ? 0.0996 0.1576 0.1121 0.0160  -0.0159 0.0115  1   MET A C   
4   O O   . MET A 1  ? 0.1798 0.1760 0.1159 -0.0031 -0.0143 0.0138  1   MET A O   
5   C CB  A MET A 1  ? 0.1531 0.1991 0.1613 0.0715  0.0212  0.0183  1   MET A CB  
6   C CB  B MET A 1  ? 0.1392 0.1775 0.1756 0.0504  0.0082  0.0015  1   MET A CB  
7   C CG  A MET A 1  ? 0.1982 0.2278 0.2027 0.1016  0.0077  0.0491  1   MET A CG  
8   C CG  B MET A 1  ? 0.1264 0.2343 0.2163 0.0373  0.0088  0.0244  1   MET A CG  
9   S SD  A MET A 1  ? 0.2429 0.3519 0.2932 0.1705  0.0588  0.0834  1   MET A SD  
10  S SD  B MET A 1  ? 0.1685 0.4289 0.4144 0.1260  0.0938  0.0517  1   MET A SD  
11  C CE  A MET A 1  ? 0.2193 0.8790 0.4766 0.2331  -0.1046 -0.1426 1   MET A CE  
12  C CE  B MET A 1  ? 0.1714 0.8977 0.4745 0.3044  -0.0385 -0.1702 1   MET A CE  
13  N N   . THR A 2  ? 0.1026 0.1758 0.1261 0.0011  -0.0153 0.0014  2   THR A N   
14  C CA  . THR A 2  ? 0.1013 0.1989 0.1294 0.0004  -0.0082 -0.0160 2   THR A CA  
15  C C   . THR A 2  ? 0.0905 0.1960 0.1302 -0.0092 -0.0135 -0.0137 2   THR A C   
16  O O   . THR A 2  ? 0.1049 0.2387 0.1446 0.0159  -0.0156 -0.0250 2   THR A O   
17  C CB  . THR A 2  ? 0.1170 0.1950 0.2267 0.0105  0.0009  -0.0548 2   THR A CB  
18  O OG1 . THR A 2  ? 0.1554 0.1821 0.2917 0.0103  0.0125  0.0290  2   THR A OG1 
19  C CG2 . THR A 2  ? 0.1382 0.2219 0.2802 0.0425  -0.0312 -0.0727 2   THR A CG2 
20  N N   . PRO A 3  ? 0.1087 0.1889 0.1420 -0.0243 -0.0112 -0.0042 3   PRO A N   
21  C CA  . PRO A 3  ? 0.1303 0.1785 0.1563 -0.0136 -0.0460 0.0221  3   PRO A CA  
22  C C   . PRO A 3  ? 0.1092 0.1552 0.1583 -0.0071 -0.0260 -0.0331 3   PRO A C   
23  O O   . PRO A 3  ? 0.1213 0.1558 0.2044 -0.0067 0.0056  -0.0277 3   PRO A O   
24  C CB  . PRO A 3  ? 0.2034 0.3282 0.1569 -0.0669 -0.0539 0.0485  3   PRO A CB  
25  C CG  . PRO A 3  ? 0.2373 0.2842 0.1577 -0.0442 -0.0116 0.0175  3   PRO A CG  
26  C CD  . PRO A 3  ? 0.1627 0.2368 0.1309 -0.0544 0.0083  -0.0230 3   PRO A CD  
27  N N   . ALA A 4  ? 0.1073 0.1611 0.2132 0.0048  -0.0454 -0.0445 4   ALA A N   
28  C CA  . ALA A 4  ? 0.1066 0.2245 0.1915 -0.0106 -0.0210 -0.0776 4   ALA A CA  
29  C C   . ALA A 4  ? 0.1173 0.1950 0.1812 -0.0125 -0.0252 -0.0516 4   ALA A C   
30  O O   . ALA A 4  ? 0.2379 0.2295 0.2194 -0.0134 -0.0895 -0.0317 4   ALA A O   
31  C CB  . ALA A 4  ? 0.1572 0.3213 0.2905 0.0218  0.0176  -0.1424 4   ALA A CB  
32  N N   . VAL A 5  ? 0.1190 0.2131 0.1600 -0.0289 -0.0319 -0.0405 5   VAL A N   
33  C CA  . VAL A 5  ? 0.1242 0.2015 0.1608 -0.0412 -0.0115 -0.0393 5   VAL A CA  
34  C C   . VAL A 5  ? 0.1216 0.1911 0.1510 -0.0354 -0.0305 0.0125  5   VAL A C   
35  O O   . VAL A 5  ? 0.1644 0.3578 0.1648 -0.0802 -0.0454 0.0426  5   VAL A O   
36  C CB  A VAL A 5  ? 0.1711 0.1997 0.2438 -0.0295 0.0275  -0.0532 5   VAL A CB  
37  C CB  B VAL A 5  ? 0.1709 0.2152 0.2497 -0.0269 0.0391  -0.0608 5   VAL A CB  
38  C CG1 A VAL A 5  ? 0.1568 0.2374 0.2085 -0.0457 0.0212  -0.0747 5   VAL A CG1 
39  C CG1 B VAL A 5  ? 0.1735 0.2672 0.3709 -0.0547 0.0404  -0.1507 5   VAL A CG1 
40  C CG2 A VAL A 5  ? 0.2652 0.2305 0.3149 0.0143  0.0355  -0.0011 5   VAL A CG2 
41  C CG2 B VAL A 5  ? 0.1461 0.2968 0.2348 -0.0297 0.0097  -0.0890 5   VAL A CG2 
42  N N   . THR A 6  ? 0.1128 0.1637 0.1415 -0.0266 -0.0198 -0.0329 6   THR A N   
43  C CA  . THR A 6  ? 0.1073 0.1783 0.1525 -0.0311 -0.0149 -0.0231 6   THR A CA  
44  C C   . THR A 6  ? 0.0917 0.1664 0.1184 -0.0169 -0.0140 -0.0126 6   THR A C   
45  O O   . THR A 6  ? 0.1248 0.1396 0.1342 -0.0269 0.0022  -0.0081 6   THR A O   
46  C CB  . THR A 6  ? 0.1236 0.1837 0.1875 0.0003  -0.0289 -0.0538 6   THR A CB  
47  O OG1 . THR A 6  ? 0.1949 0.2260 0.2728 0.0141  -0.0093 -0.1088 6   THR A OG1 
48  C CG2 . THR A 6  ? 0.1200 0.2098 0.3148 0.0086  -0.0123 -0.0039 6   THR A CG2 
49  N N   . THR A 7  ? 0.0959 0.1726 0.1143 -0.0245 -0.0185 -0.0121 7   THR A N   
50  C CA  . THR A 7  ? 0.0975 0.1435 0.1101 -0.0156 -0.0289 0.0138  7   THR A CA  
51  C C   . THR A 7  ? 0.0900 0.1312 0.0997 -0.0108 -0.0192 0.0026  7   THR A C   
52  O O   . THR A 7  ? 0.0949 0.2661 0.1054 -0.0001 -0.0041 -0.0246 7   THR A O   
53  C CB  . THR A 7  ? 0.1299 0.1730 0.1351 -0.0154 -0.0378 0.0423  7   THR A CB  
54  O OG1 . THR A 7  ? 0.1761 0.2408 0.2087 -0.0028 -0.0784 0.0869  7   THR A OG1 
55  C CG2 . THR A 7  ? 0.2538 0.1515 0.2050 -0.0612 -0.0365 0.0379  7   THR A CG2 
56  N N   . TYR A 8  ? 0.0751 0.0912 0.0941 0.0070  -0.0189 -0.0099 8   TYR A N   
57  C CA  . TYR A 8  ? 0.0734 0.0858 0.0946 0.0089  -0.0182 -0.0073 8   TYR A CA  
58  C C   . TYR A 8  ? 0.0650 0.0816 0.0855 0.0194  -0.0079 -0.0078 8   TYR A C   
59  O O   . TYR A 8  ? 0.0713 0.0919 0.1553 0.0172  -0.0153 -0.0230 8   TYR A O   
60  C CB  . TYR A 8  ? 0.0895 0.0933 0.0956 0.0081  -0.0174 -0.0053 8   TYR A CB  
61  C CG  . TYR A 8  ? 0.0867 0.0853 0.0986 0.0053  -0.0150 0.0063  8   TYR A CG  
62  C CD1 . TYR A 8  ? 0.0962 0.1034 0.1228 0.0047  -0.0149 0.0042  8   TYR A CD1 
63  C CD2 . TYR A 8  ? 0.1026 0.0968 0.1324 0.0098  -0.0091 -0.0033 8   TYR A CD2 
64  C CE1 . TYR A 8  ? 0.1298 0.1195 0.1508 -0.0258 -0.0180 -0.0004 8   TYR A CE1 
65  C CE2 . TYR A 8  ? 0.1506 0.0849 0.1482 0.0083  0.0008  -0.0079 8   TYR A CE2 
66  C CZ  . TYR A 8  ? 0.1641 0.0960 0.1380 -0.0197 -0.0064 -0.0101 8   TYR A CZ  
67  O OH  . TYR A 8  ? 0.2520 0.1047 0.2175 -0.0553 -0.0029 -0.0171 8   TYR A OH  
68  N N   . LYS A 9  ? 0.0726 0.0667 0.1092 0.0199  -0.0238 -0.0117 9   LYS A N   
69  C CA  . LYS A 9  ? 0.0736 0.0805 0.0974 0.0158  -0.0182 -0.0055 9   LYS A CA  
70  C C   . LYS A 9  ? 0.0557 0.0684 0.0945 0.0146  -0.0091 -0.0001 9   LYS A C   
71  O O   . LYS A 9  ? 0.0908 0.0761 0.1090 0.0299  -0.0307 -0.0142 9   LYS A O   
72  C CB  . LYS A 9  ? 0.0931 0.1022 0.1036 0.0050  -0.0072 0.0056  9   LYS A CB  
73  C CG  . LYS A 9  ? 0.1355 0.1027 0.1279 -0.0100 -0.0041 0.0006  9   LYS A CG  
74  C CD  . LYS A 9  ? 0.1501 0.1534 0.1698 -0.0304 0.0239  0.0015  9   LYS A CD  
75  C CE  . LYS A 9  ? 0.1857 0.2472 0.1678 -0.0163 0.0126  0.0382  9   LYS A CE  
76  N NZ  . LYS A 9  ? 0.3097 0.3686 0.1784 -0.1278 0.0524  0.0556  9   LYS A NZ  
77  N N   . LEU A 10 ? 0.0678 0.0651 0.0941 0.0176  -0.0200 -0.0026 10  LEU A N   
78  C CA  . LEU A 10 ? 0.0728 0.0588 0.0918 0.0116  -0.0114 -0.0011 10  LEU A CA  
79  C C   . LEU A 10 ? 0.0757 0.0637 0.0832 0.0161  -0.0146 -0.0002 10  LEU A C   
80  O O   . LEU A 10 ? 0.0757 0.0629 0.1465 0.0181  -0.0263 0.0110  10  LEU A O   
81  C CB  . LEU A 10 ? 0.0815 0.0752 0.1025 0.0127  -0.0043 -0.0104 10  LEU A CB  
82  C CG  . LEU A 10 ? 0.1025 0.0820 0.0944 0.0031  -0.0010 -0.0117 10  LEU A CG  
83  C CD1 . LEU A 10 ? 0.1446 0.1148 0.1037 0.0294  -0.0135 0.0005  10  LEU A CD1 
84  C CD2 . LEU A 10 ? 0.1273 0.1222 0.1127 0.0156  0.0143  -0.0201 10  LEU A CD2 
85  N N   . VAL A 11 ? 0.0695 0.0589 0.0915 0.0140  -0.0163 0.0018  11  VAL A N   
86  C CA  . VAL A 11 ? 0.0775 0.0620 0.0905 0.0071  -0.0147 0.0065  11  VAL A CA  
87  C C   . VAL A 11 ? 0.0801 0.0567 0.0947 0.0125  -0.0185 0.0055  11  VAL A C   
88  O O   . VAL A 11 ? 0.1377 0.0606 0.0960 0.0214  -0.0280 0.0086  11  VAL A O   
89  C CB  . VAL A 11 ? 0.0753 0.0847 0.1133 0.0130  -0.0044 0.0056  11  VAL A CB  
90  C CG1 . VAL A 11 ? 0.0860 0.1423 0.1864 -0.0247 0.0012  -0.0066 11  VAL A CG1 
91  C CG2 . VAL A 11 ? 0.1174 0.1232 0.1090 0.0247  0.0176  0.0122  11  VAL A CG2 
92  N N   . ILE A 12 ? 0.1145 0.0624 0.0981 0.0221  -0.0299 0.0042  12  ILE A N   
93  C CA  . ILE A 12 ? 0.1113 0.0751 0.0961 0.0266  -0.0211 -0.0082 12  ILE A CA  
94  C C   . ILE A 12 ? 0.1224 0.0620 0.1182 0.0212  -0.0352 -0.0083 12  ILE A C   
95  O O   . ILE A 12 ? 0.1460 0.0684 0.1389 0.0221  -0.0525 0.0043  12  ILE A O   
96  C CB  A ILE A 12 ? 0.1201 0.1015 0.1667 0.0450  -0.0139 -0.0206 12  ILE A CB  
97  C CB  B ILE A 12 ? 0.1115 0.1854 0.1029 0.0754  -0.0297 0.0070  12  ILE A CB  
98  C CG1 A ILE A 12 ? 0.1116 0.1272 0.2383 0.0127  0.0094  -0.0375 12  ILE A CG1 
99  C CG1 B ILE A 12 ? 0.1671 0.1132 0.1162 0.0389  0.0183  -0.0187 12  ILE A CG1 
100 C CG2 A ILE A 12 ? 0.1779 0.1062 0.1850 0.0341  0.0262  -0.0465 12  ILE A CG2 
101 C CG2 B ILE A 12 ? 0.1757 0.1495 0.1774 0.0946  0.0073  0.0336  12  ILE A CG2 
102 C CD1 A ILE A 12 ? 0.1346 0.2329 0.2463 -0.0073 -0.0529 0.0602  12  ILE A CD1 
103 C CD1 B ILE A 12 ? 0.1754 0.1333 0.1617 0.0066  0.0326  -0.0080 12  ILE A CD1 
104 N N   . ASN A 13 ? 0.1346 0.0736 0.1495 0.0176  -0.0582 0.0115  13  ASN A N   
105 C CA  . ASN A 13 ? 0.1495 0.0969 0.1878 -0.0069 -0.0708 0.0243  13  ASN A CA  
106 C C   . ASN A 13 ? 0.1971 0.0806 0.1857 0.0198  -0.1075 0.0053  13  ASN A C   
107 O O   . ASN A 13 ? 0.2116 0.1074 0.1972 0.0229  -0.1211 0.0098  13  ASN A O   
108 C CB  . ASN A 13 ? 0.1366 0.1695 0.2351 0.0124  -0.0513 0.0580  13  ASN A CB  
109 C CG  . ASN A 13 ? 0.1581 0.2047 0.2406 0.0147  -0.0231 0.0590  13  ASN A CG  
110 O OD1 . ASN A 13 ? 0.2763 0.2874 0.3224 0.0573  0.0335  0.1478  13  ASN A OD1 
111 N ND2 . ASN A 13 ? 0.2074 0.2873 0.2727 0.0463  0.0205  0.0287  13  ASN A ND2 
112 N N   . GLY A 14 ? 0.2203 0.1170 0.1753 0.0330  -0.0957 -0.0044 14  GLY A N   
113 C CA  . GLY A 14 ? 0.2656 0.1118 0.1681 0.0397  -0.1063 -0.0118 14  GLY A CA  
114 C C   . GLY A 14 ? 0.2422 0.1207 0.1927 0.0513  -0.1234 -0.0213 14  GLY A C   
115 O O   . GLY A 14 ? 0.2858 0.1504 0.2412 0.0105  -0.1126 -0.0116 14  GLY A O   
116 N N   . LYS A 15 ? 0.2683 0.1373 0.1877 0.0585  -0.1467 -0.0300 15  LYS A N   
117 C CA  . LYS A 15 ? 0.2625 0.1500 0.2337 0.0653  -0.1541 -0.0481 15  LYS A CA  
118 C C   . LYS A 15 ? 0.1962 0.1375 0.1805 0.0384  -0.1025 -0.0328 15  LYS A C   
119 O O   . LYS A 15 ? 0.1899 0.1603 0.3115 0.0204  -0.1019 -0.0424 15  LYS A O   
120 C CB  A LYS A 15 ? 0.3505 0.1285 0.2178 0.0679  -0.2287 -0.0467 15  LYS A CB  
121 C CG  A LYS A 15 ? 0.4417 0.1439 0.2677 0.1074  -0.2310 -0.0517 15  LYS A CG  
122 C CD  A LYS A 15 ? 0.5588 0.2778 0.2809 0.1213  -0.2442 0.0267  15  LYS A CD  
123 C CE  A LYS A 15 ? 0.6495 0.2238 0.3137 0.1319  -0.2209 0.0278  15  LYS A CE  
124 N NZ  A LYS A 15 ? 0.8154 0.3920 0.3963 0.1541  -0.1661 0.1437  15  LYS A NZ  
125 N N   . THR A 16 ? 0.1839 0.1299 0.1359 0.0177  -0.0850 -0.0084 16  THR A N   
126 C CA  . THR A 16 ? 0.1789 0.1351 0.1440 0.0392  -0.0674 -0.0274 16  THR A CA  
127 C C   . THR A 16 ? 0.1413 0.1092 0.1238 0.0348  -0.0447 -0.0148 16  THR A C   
128 O O   . THR A 16 ? 0.2061 0.1085 0.2079 0.0320  -0.1093 -0.0140 16  THR A O   
129 C CB  . THR A 16 ? 0.2291 0.2339 0.1563 0.0369  -0.0425 -0.0734 16  THR A CB  
130 O OG1 . THR A 16 ? 0.3046 0.3240 0.1774 -0.0186 0.0229  -0.0730 16  THR A OG1 
131 C CG2 . THR A 16 ? 0.3051 0.3605 0.2085 0.1023  -0.1116 -0.1265 16  THR A CG2 
132 N N   . LEU A 17 ? 0.1521 0.1023 0.0980 0.0274  -0.0408 -0.0060 17  LEU A N   
133 C CA  . LEU A 17 ? 0.1319 0.0854 0.0888 0.0349  -0.0307 -0.0052 17  LEU A CA  
134 C C   . LEU A 17 ? 0.1098 0.0757 0.1014 0.0280  -0.0388 -0.0050 17  LEU A C   
135 O O   . LEU A 17 ? 0.1794 0.0961 0.1168 0.0618  -0.0242 0.0002  17  LEU A O   
136 C CB  . LEU A 17 ? 0.1545 0.1077 0.0973 0.0102  -0.0162 0.0124  17  LEU A CB  
137 C CG  . LEU A 17 ? 0.1308 0.1273 0.1153 0.0085  -0.0198 0.0134  17  LEU A CG  
138 C CD1 . LEU A 17 ? 0.1376 0.1313 0.1568 0.0095  -0.0370 0.0215  17  LEU A CD1 
139 C CD2 . LEU A 17 ? 0.2012 0.1775 0.1935 -0.0583 -0.0415 0.0590  17  LEU A CD2 
140 N N   . LYS A 18 ? 0.1081 0.0736 0.0985 0.0301  -0.0279 -0.0104 18  LYS A N   
141 C CA  . LYS A 18 ? 0.0923 0.0760 0.1081 0.0230  -0.0298 -0.0113 18  LYS A CA  
142 C C   . LYS A 18 ? 0.0713 0.0767 0.0995 0.0223  -0.0154 -0.0095 18  LYS A C   
143 O O   . LYS A 18 ? 0.1210 0.0934 0.1095 0.0542  -0.0264 -0.0148 18  LYS A O   
144 C CB  . LYS A 18 ? 0.0927 0.1844 0.1489 -0.0026 -0.0197 -0.0265 18  LYS A CB  
145 C CG  . LYS A 18 ? 0.1534 0.2600 0.2216 -0.0163 -0.0859 -0.0140 18  LYS A CG  
146 C CD  . LYS A 18 ? 0.1994 0.3946 0.3539 -0.0904 -0.0968 -0.0465 18  LYS A CD  
147 C CE  . LYS A 18 ? 0.2966 0.5257 0.4582 -0.1383 -0.1988 -0.0616 18  LYS A CE  
148 N NZ  . LYS A 18 ? 0.5657 0.6573 0.7194 -0.3238 -0.3273 -0.0165 18  LYS A NZ  
149 N N   . GLY A 19 ? 0.0792 0.0612 0.0933 0.0213  -0.0203 -0.0041 19  GLY A N   
150 C CA  . GLY A 19 ? 0.0827 0.0631 0.0901 0.0109  -0.0055 0.0001  19  GLY A CA  
151 C C   . GLY A 19 ? 0.0752 0.0610 0.0818 0.0148  -0.0023 -0.0007 19  GLY A C   
152 O O   . GLY A 19 ? 0.1035 0.0659 0.1064 0.0240  -0.0299 0.0010  19  GLY A O   
153 N N   . GLU A 20 ? 0.0742 0.0531 0.0818 0.0189  -0.0093 -0.0034 20  GLU A N   
154 C CA  . GLU A 20 ? 0.0745 0.0621 0.0850 0.0145  -0.0030 -0.0022 20  GLU A CA  
155 C C   . GLU A 20 ? 0.0779 0.0619 0.0813 0.0182  -0.0161 -0.0056 20  GLU A C   
156 O O   . GLU A 20 ? 0.0801 0.0694 0.1248 0.0213  -0.0137 0.0010  20  GLU A O   
157 C CB  A GLU A 20 ? 0.1036 0.1089 0.0845 0.0186  -0.0019 -0.0172 20  GLU A CB  
158 C CB  B GLU A 20 ? 0.1154 0.0844 0.0836 0.0278  0.0065  -0.0108 20  GLU A CB  
159 C CG  A GLU A 20 ? 0.1055 0.1215 0.0939 0.0358  0.0124  -0.0066 20  GLU A CG  
160 C CG  B GLU A 20 ? 0.1079 0.1237 0.0703 0.0508  0.0213  -0.0007 20  GLU A CG  
161 C CD  A GLU A 20 ? 0.1508 0.1459 0.1008 0.0375  0.0293  0.0133  20  GLU A CD  
162 C CD  B GLU A 20 ? 0.1489 0.1346 0.0861 0.0380  0.0290  -0.0244 20  GLU A CD  
163 O OE1 A GLU A 20 ? 0.1980 0.2727 0.0938 0.0505  0.0046  0.0012  20  GLU A OE1 
164 O OE1 B GLU A 20 ? 0.1985 0.1223 0.0548 0.0156  0.0226  -0.0311 20  GLU A OE1 
165 O OE2 A GLU A 20 ? 0.1567 0.2370 0.1293 0.0501  0.0502  -0.0058 20  GLU A OE2 
166 O OE2 B GLU A 20 ? 0.1880 0.1566 0.1174 0.0608  0.0853  -0.0143 20  GLU A OE2 
167 N N   . THR A 21 ? 0.0673 0.0592 0.1110 0.0153  -0.0160 -0.0002 21  THR A N   
168 C CA  . THR A 21 ? 0.0701 0.0611 0.1099 0.0145  -0.0162 0.0000  21  THR A CA  
169 C C   . THR A 21 ? 0.0759 0.0701 0.0905 0.0134  -0.0144 0.0005  21  THR A C   
170 O O   . THR A 21 ? 0.0715 0.0780 0.1258 0.0253  -0.0230 -0.0139 21  THR A O   
171 C CB  . THR A 21 ? 0.0794 0.0844 0.1185 0.0221  -0.0124 -0.0208 21  THR A CB  
172 O OG1 . THR A 21 ? 0.0833 0.1021 0.1477 0.0176  -0.0042 -0.0207 21  THR A OG1 
173 C CG2 . THR A 21 ? 0.1142 0.1291 0.1028 0.0228  0.0083  0.0060  21  THR A CG2 
174 N N   . THR A 22 ? 0.0620 0.0700 0.1172 0.0125  -0.0114 -0.0105 22  THR A N   
175 C CA  . THR A 22 ? 0.0687 0.0686 0.1093 0.0104  -0.0155 -0.0031 22  THR A CA  
176 C C   . THR A 22 ? 0.0730 0.0710 0.1281 0.0136  -0.0137 0.0012  22  THR A C   
177 O O   . THR A 22 ? 0.0837 0.0916 0.1643 0.0145  0.0117  -0.0206 22  THR A O   
178 C CB  . THR A 22 ? 0.0914 0.0882 0.1109 0.0109  -0.0163 -0.0077 22  THR A CB  
179 O OG1 . THR A 22 ? 0.1232 0.1484 0.1374 0.0429  -0.0289 0.0064  22  THR A OG1 
180 C CG2 . THR A 22 ? 0.1221 0.1591 0.1161 -0.0126 -0.0021 0.0169  22  THR A CG2 
181 N N   . THR A 23 ? 0.0656 0.0705 0.1446 0.0066  -0.0008 -0.0091 23  THR A N   
182 C CA  . THR A 23 ? 0.0767 0.0781 0.1710 0.0064  0.0038  -0.0088 23  THR A CA  
183 C C   . THR A 23 ? 0.0694 0.0811 0.1790 0.0039  -0.0066 -0.0093 23  THR A C   
184 O O   . THR A 23 ? 0.0816 0.1466 0.2221 -0.0010 -0.0041 -0.0790 23  THR A O   
185 C CB  . THR A 23 ? 0.1069 0.1119 0.1728 -0.0136 0.0277  -0.0064 23  THR A CB  
186 O OG1 . THR A 23 ? 0.1140 0.1484 0.2642 -0.0144 0.0654  -0.0010 23  THR A OG1 
187 C CG2 . THR A 23 ? 0.1283 0.1148 0.1791 0.0012  -0.0052 0.0167  23  THR A CG2 
188 N N   . LYS A 24 ? 0.0834 0.1006 0.1881 0.0046  -0.0187 -0.0085 24  LYS A N   
189 C CA  . LYS A 24 ? 0.1242 0.1256 0.1602 -0.0296 -0.0366 0.0074  24  LYS A CA  
190 C C   . LYS A 24 ? 0.0784 0.1202 0.1689 -0.0127 -0.0219 -0.0018 24  LYS A C   
191 O O   . LYS A 24 ? 0.1053 0.1256 0.1914 -0.0023 0.0015  -0.0051 24  LYS A O   
192 C CB  . LYS A 24 ? 0.1969 0.1797 0.2411 -0.0459 -0.0997 0.0583  24  LYS A CB  
193 C CG  . LYS A 24 ? 0.2631 0.3007 0.3417 -0.0401 -0.0788 0.1741  24  LYS A CG  
194 C CD  . LYS A 24 ? 0.2868 0.4131 0.4279 -0.0438 -0.1181 0.2519  24  LYS A CD  
195 C CE  . LYS A 24 ? 0.3052 0.5320 0.4359 0.0081  -0.0965 0.3141  24  LYS A CE  
196 N NZ  . LYS A 24 ? 0.3052 0.9235 0.3957 0.0526  -0.0752 0.2919  24  LYS A NZ  
197 N N   . ALA A 25 ? 0.0769 0.1143 0.1454 -0.0136 -0.0148 0.0063  25  ALA A N   
198 C CA  . ALA A 25 ? 0.0992 0.1124 0.1428 -0.0099 -0.0169 0.0045  25  ALA A CA  
199 C C   . ALA A 25 ? 0.0890 0.1177 0.1321 -0.0222 -0.0182 0.0092  25  ALA A C   
200 O O   . ALA A 25 ? 0.1112 0.1326 0.1516 -0.0272 -0.0020 -0.0080 25  ALA A O   
201 C CB  . ALA A 25 ? 0.1850 0.1188 0.1293 0.0084  -0.0257 0.0028  25  ALA A CB  
202 N N   . VAL A 26 ? 0.0977 0.1162 0.1435 -0.0220 -0.0131 -0.0051 26  VAL A N   
203 C CA  . VAL A 26 ? 0.1069 0.1270 0.1569 -0.0219 -0.0237 -0.0127 26  VAL A CA  
204 C C   . VAL A 26 ? 0.1321 0.1177 0.1289 -0.0089 -0.0271 -0.0141 26  VAL A C   
205 O O   . VAL A 26 ? 0.1757 0.1874 0.1555 0.0260  -0.0335 -0.0557 26  VAL A O   
206 C CB  A VAL A 26 ? 0.1377 0.1631 0.2184 -0.0547 -0.0430 0.0191  26  VAL A CB  
207 C CB  B VAL A 26 ? 0.1340 0.1512 0.2119 -0.0480 -0.0345 0.0006  26  VAL A CB  
208 C CG1 A VAL A 26 ? 0.1041 0.1928 0.2121 -0.0563 -0.0384 -0.0240 26  VAL A CG1 
209 C CG1 B VAL A 26 ? 0.0911 0.1082 0.2445 -0.0396 -0.0226 0.0324  26  VAL A CG1 
210 C CG2 A VAL A 26 ? 0.1016 0.2060 0.2390 -0.0172 0.0148  0.0366  26  VAL A CG2 
211 C CG2 B VAL A 26 ? 0.2563 0.1974 0.2773 -0.1041 -0.0370 -0.0493 26  VAL A CG2 
212 N N   . ASP A 27 ? 0.1115 0.1128 0.1310 -0.0023 -0.0108 -0.0184 27  ASP A N   
213 C CA  . ASP A 27 ? 0.1142 0.1180 0.1292 -0.0055 -0.0095 -0.0079 27  ASP A CA  
214 C C   . ASP A 27 ? 0.1029 0.0839 0.1375 -0.0036 -0.0044 -0.0034 27  ASP A C   
215 O O   . ASP A 27 ? 0.0970 0.0873 0.1683 -0.0057 -0.0065 -0.0079 27  ASP A O   
216 C CB  . ASP A 27 ? 0.1228 0.0996 0.1605 -0.0096 -0.0065 -0.0211 27  ASP A CB  
217 C CG  . ASP A 27 ? 0.1282 0.1006 0.1519 -0.0354 -0.0084 -0.0178 27  ASP A CG  
218 O OD1 . ASP A 27 ? 0.1504 0.1182 0.1464 -0.0450 0.0111  -0.0303 27  ASP A OD1 
219 O OD2 . ASP A 27 ? 0.2384 0.1692 0.2008 -0.1140 0.0480  -0.0537 27  ASP A OD2 
220 N N   . ALA A 28 ? 0.1055 0.0994 0.1585 0.0077  -0.0069 -0.0150 28  ALA A N   
221 C CA  . ALA A 28 ? 0.1017 0.1013 0.1557 -0.0008 -0.0005 -0.0194 28  ALA A CA  
222 C C   . ALA A 28 ? 0.0831 0.0910 0.1619 -0.0026 -0.0028 -0.0137 28  ALA A C   
223 O O   . ALA A 28 ? 0.1116 0.1128 0.1722 -0.0215 0.0021  -0.0368 28  ALA A O   
224 C CB  . ALA A 28 ? 0.0932 0.1700 0.1921 0.0051  0.0140  -0.0290 28  ALA A CB  
225 N N   . GLU A 29 ? 0.1196 0.0942 0.1466 -0.0064 -0.0082 -0.0125 29  GLU A N   
226 C CA  . GLU A 29 ? 0.1367 0.1063 0.1393 0.0090  -0.0169 -0.0004 29  GLU A CA  
227 C C   . GLU A 29 ? 0.1045 0.0984 0.1325 -0.0110 -0.0120 -0.0022 29  GLU A C   
228 O O   . GLU A 29 ? 0.1223 0.1219 0.1290 -0.0141 -0.0091 -0.0038 29  GLU A O   
229 C CB  . GLU A 29 ? 0.2421 0.1065 0.1951 0.0163  0.0116  0.0194  29  GLU A CB  
230 C CG  . GLU A 29 ? 0.3377 0.2794 0.2465 -0.0457 0.0519  0.0706  29  GLU A CG  
231 C CD  . GLU A 29 ? 0.4831 0.3710 0.3749 -0.1500 0.0606  0.1462  29  GLU A CD  
232 O OE1 . GLU A 29 ? 0.5337 0.3407 0.5330 -0.1833 -0.0957 0.1658  29  GLU A OE1 
233 O OE2 . GLU A 29 ? 0.6931 0.6385 0.4139 -0.2083 0.1344  0.2264  29  GLU A OE2 
234 N N   . THR A 30 ? 0.1039 0.0925 0.1352 -0.0057 -0.0073 -0.0120 30  THR A N   
235 C CA  . THR A 30 ? 0.0893 0.1058 0.1320 -0.0139 0.0031  -0.0012 30  THR A CA  
236 C C   . THR A 30 ? 0.0853 0.0939 0.1288 -0.0032 0.0026  -0.0063 30  THR A C   
237 O O   . THR A 30 ? 0.0996 0.1043 0.1427 -0.0073 0.0164  -0.0137 30  THR A O   
238 C CB  . THR A 30 ? 0.1020 0.1188 0.1593 -0.0136 -0.0170 -0.0007 30  THR A CB  
239 O OG1 . THR A 30 ? 0.1128 0.1318 0.2024 -0.0367 -0.0134 -0.0151 30  THR A OG1 
240 C CG2 . THR A 30 ? 0.1080 0.1479 0.2201 0.0101  -0.0200 -0.0075 30  THR A CG2 
241 N N   . ALA A 31 ? 0.0885 0.0874 0.1266 -0.0094 -0.0001 -0.0108 31  ALA A N   
242 C CA  . ALA A 31 ? 0.0945 0.0932 0.1237 -0.0115 -0.0129 0.0043  31  ALA A CA  
243 C C   . ALA A 31 ? 0.0903 0.0813 0.1139 -0.0100 0.0049  -0.0031 31  ALA A C   
244 O O   . ALA A 31 ? 0.1229 0.0842 0.1202 -0.0110 0.0021  -0.0085 31  ALA A O   
245 C CB  . ALA A 31 ? 0.1033 0.1256 0.1104 -0.0197 -0.0046 0.0002  31  ALA A CB  
246 N N   . GLU A 32 ? 0.0973 0.0825 0.1170 -0.0054 -0.0108 -0.0119 32  GLU A N   
247 C CA  . GLU A 32 ? 0.1028 0.0854 0.1219 -0.0140 -0.0034 -0.0077 32  GLU A CA  
248 C C   . GLU A 32 ? 0.1071 0.0819 0.1195 -0.0034 -0.0063 -0.0074 32  GLU A C   
249 O O   . GLU A 32 ? 0.1230 0.0976 0.1260 -0.0085 -0.0106 -0.0132 32  GLU A O   
250 C CB  A GLU A 32 ? 0.1036 0.1000 0.1508 0.0023  -0.0118 0.0027  32  GLU A CB  
251 C CB  B GLU A 32 ? 0.1342 0.1079 0.1400 0.0231  -0.0303 -0.0172 32  GLU A CB  
252 C CG  A GLU A 32 ? 0.1559 0.1957 0.1602 0.0452  -0.0407 -0.0130 32  GLU A CG  
253 C CG  B GLU A 32 ? 0.1722 0.1442 0.1525 0.0166  -0.0508 -0.0090 32  GLU A CG  
254 C CD  A GLU A 32 ? 0.2406 0.2214 0.2048 0.0760  -0.0752 -0.0046 32  GLU A CD  
255 C CD  B GLU A 32 ? 0.2512 0.1780 0.2495 0.0431  -0.1158 0.0051  32  GLU A CD  
256 O OE1 A GLU A 32 ? 0.3422 0.2356 0.2779 0.1370  -0.0354 -0.0296 32  GLU A OE1 
257 O OE1 B GLU A 32 ? 0.3645 0.1441 0.3666 0.0231  -0.1281 0.0198  32  GLU A OE1 
258 O OE2 A GLU A 32 ? 0.3435 0.2837 0.2546 0.0857  -0.0508 0.0647  32  GLU A OE2 
259 O OE2 B GLU A 32 ? 0.2178 0.3353 0.3731 0.0997  -0.1292 -0.0118 32  GLU A OE2 
260 N N   . LYS A 33 ? 0.1223 0.0891 0.1167 -0.0168 0.0130  -0.0070 33  LYS A N   
261 C CA  . LYS A 33 ? 0.1209 0.1159 0.1271 -0.0101 0.0113  0.0014  33  LYS A CA  
262 C C   . LYS A 33 ? 0.1090 0.1074 0.1204 -0.0124 0.0222  -0.0013 33  LYS A C   
263 O O   . LYS A 33 ? 0.1473 0.1206 0.1275 -0.0038 0.0265  -0.0111 33  LYS A O   
264 C CB  . LYS A 33 ? 0.1620 0.1362 0.1548 -0.0441 0.0443  -0.0070 33  LYS A CB  
265 C CG  . LYS A 33 ? 0.2807 0.1462 0.2363 -0.0388 0.0557  0.0074  33  LYS A CG  
266 C CD  . LYS A 33 ? 0.3980 0.2274 0.3265 -0.1479 0.0425  0.0474  33  LYS A CD  
267 C CE  . LYS A 33 ? 0.5949 0.2031 0.4547 -0.1467 0.0530  0.0258  33  LYS A CE  
268 N NZ  . LYS A 33 ? 0.8860 0.3287 0.8235 -0.3320 -0.1056 -0.0040 33  LYS A NZ  
269 N N   . ALA A 34 ? 0.0952 0.1084 0.1307 -0.0154 0.0063  -0.0019 34  ALA A N   
270 C CA  . ALA A 34 ? 0.0867 0.1131 0.1347 0.0031  0.0078  -0.0039 34  ALA A CA  
271 C C   . ALA A 34 ? 0.0822 0.0931 0.1107 0.0129  0.0000  -0.0039 34  ALA A C   
272 O O   . ALA A 34 ? 0.0897 0.1164 0.1410 0.0135  0.0073  -0.0223 34  ALA A O   
273 C CB  . ALA A 34 ? 0.1082 0.1481 0.1528 -0.0056 -0.0284 0.0115  34  ALA A CB  
274 N N   . PHE A 35 ? 0.0826 0.0860 0.1033 0.0069  0.0060  -0.0063 35  PHE A N   
275 C CA  . PHE A 35 ? 0.0815 0.0754 0.1034 0.0057  -0.0019 -0.0089 35  PHE A CA  
276 C C   . PHE A 35 ? 0.0841 0.0839 0.1025 0.0100  0.0053  -0.0032 35  PHE A C   
277 O O   . PHE A 35 ? 0.1091 0.0879 0.1033 0.0056  -0.0041 -0.0138 35  PHE A O   
278 C CB  . PHE A 35 ? 0.0805 0.0805 0.1038 0.0070  0.0017  -0.0043 35  PHE A CB  
279 C CG  . PHE A 35 ? 0.0675 0.0843 0.1032 0.0035  -0.0046 0.0004  35  PHE A CG  
280 C CD1 . PHE A 35 ? 0.0939 0.0945 0.1125 0.0193  -0.0004 0.0036  35  PHE A CD1 
281 C CD2 . PHE A 35 ? 0.0813 0.0962 0.1071 0.0127  -0.0006 -0.0016 35  PHE A CD2 
282 C CE1 . PHE A 35 ? 0.0969 0.1116 0.1261 0.0160  -0.0063 0.0184  35  PHE A CE1 
283 C CE2 . PHE A 35 ? 0.0920 0.1251 0.0967 0.0101  -0.0004 -0.0070 35  PHE A CE2 
284 C CZ  . PHE A 35 ? 0.0876 0.1353 0.1033 0.0073  -0.0123 0.0078  35  PHE A CZ  
285 N N   . LYS A 36 ? 0.1189 0.0840 0.0976 0.0048  0.0022  -0.0049 36  LYS A N   
286 C CA  . LYS A 36 ? 0.1315 0.0908 0.1024 0.0150  -0.0111 -0.0028 36  LYS A CA  
287 C C   . LYS A 36 ? 0.1386 0.0997 0.0902 0.0018  0.0063  0.0018  36  LYS A C   
288 O O   . LYS A 36 ? 0.1698 0.1146 0.1019 0.0122  0.0013  -0.0130 36  LYS A O   
289 C CB  . LYS A 36 ? 0.2558 0.1043 0.1161 0.0265  -0.0217 0.0018  36  LYS A CB  
290 C CG  . LYS A 36 ? 0.3404 0.1638 0.2109 0.1250  -0.0223 -0.0256 36  LYS A CG  
291 C CD  . LYS A 36 ? 0.2528 0.3225 0.3266 0.1124  -0.0368 0.1118  36  LYS A CD  
292 C CE  . LYS A 36 ? 0.2298 0.3356 0.3432 0.0992  -0.0403 0.0928  36  LYS A CE  
293 N NZ  . LYS A 36 ? 0.3881 0.3420 0.6346 0.1558  0.1620  0.1429  36  LYS A NZ  
294 N N   . GLN A 37 ? 0.1325 0.0934 0.1072 0.0007  0.0199  0.0001  37  GLN A N   
295 C CA  . GLN A 37 ? 0.1388 0.1117 0.1198 0.0021  0.0387  0.0091  37  GLN A CA  
296 C C   . GLN A 37 ? 0.0926 0.1076 0.1109 0.0115  0.0239  -0.0022 37  GLN A C   
297 O O   . GLN A 37 ? 0.1364 0.1160 0.1293 0.0100  0.0388  -0.0074 37  GLN A O   
298 C CB  . GLN A 37 ? 0.1184 0.1380 0.2149 -0.0252 0.0518  -0.0043 37  GLN A CB  
299 C CG  . GLN A 37 ? 0.1556 0.1843 0.2909 -0.0106 0.0737  -0.0452 37  GLN A CG  
300 C CD  . GLN A 37 ? 0.3132 0.2494 0.3167 -0.0459 0.1760  -0.0284 37  GLN A CD  
301 O OE1 . GLN A 37 ? 0.5272 0.2740 0.4038 -0.1106 0.2427  0.0003  37  GLN A OE1 
302 N NE2 . GLN A 37 ? 0.5421 0.2730 0.2874 -0.0064 0.1875  -0.0415 37  GLN A NE2 
303 N N   . TYR A 38 ? 0.1035 0.0866 0.1117 -0.0002 0.0144  0.0004  38  TYR A N   
304 C CA  . TYR A 38 ? 0.0991 0.0905 0.1201 0.0148  0.0152  0.0031  38  TYR A CA  
305 C C   . TYR A 38 ? 0.1006 0.0793 0.0993 0.0134  0.0178  -0.0062 38  TYR A C   
306 O O   . TYR A 38 ? 0.1168 0.0891 0.1232 0.0214  0.0097  -0.0153 38  TYR A O   
307 C CB  . TYR A 38 ? 0.1243 0.0936 0.1077 0.0065  0.0037  0.0047  38  TYR A CB  
308 C CG  . TYR A 38 ? 0.1052 0.0808 0.1092 0.0143  -0.0012 0.0021  38  TYR A CG  
309 C CD1 . TYR A 38 ? 0.0986 0.0956 0.1291 0.0144  -0.0009 0.0079  38  TYR A CD1 
310 C CD2 . TYR A 38 ? 0.1125 0.1023 0.1251 0.0269  0.0162  0.0194  38  TYR A CD2 
311 C CE1 . TYR A 38 ? 0.1033 0.0856 0.1475 0.0191  0.0005  0.0152  38  TYR A CE1 
312 C CE2 . TYR A 38 ? 0.0912 0.1249 0.1398 0.0204  0.0144  0.0299  38  TYR A CE2 
313 C CZ  . TYR A 38 ? 0.1068 0.0913 0.1185 0.0138  0.0128  0.0108  38  TYR A CZ  
314 O OH  . TYR A 38 ? 0.1113 0.1224 0.1793 -0.0025 0.0009  0.0419  38  TYR A OH  
315 N N   . ALA A 39 ? 0.1032 0.0860 0.1096 0.0171  0.0097  -0.0196 39  ALA A N   
316 C CA  . ALA A 39 ? 0.1059 0.1147 0.1238 0.0244  0.0055  -0.0307 39  ALA A CA  
317 C C   . ALA A 39 ? 0.1250 0.1174 0.1210 0.0311  -0.0070 -0.0297 39  ALA A C   
318 O O   . ALA A 39 ? 0.1461 0.1444 0.1393 0.0222  -0.0068 -0.0535 39  ALA A O   
319 C CB  . ALA A 39 ? 0.1039 0.1492 0.1672 0.0379  -0.0052 -0.0480 39  ALA A CB  
320 N N   . ASN A 40 ? 0.1674 0.1128 0.1149 0.0292  0.0052  -0.0139 40  ASN A N   
321 C CA  . ASN A 40 ? 0.2013 0.1554 0.1110 0.0343  0.0013  -0.0088 40  ASN A CA  
322 C C   . ASN A 40 ? 0.1911 0.1504 0.1010 0.0233  0.0244  -0.0188 40  ASN A C   
323 O O   . ASN A 40 ? 0.2202 0.1957 0.1129 0.0217  0.0153  -0.0376 40  ASN A O   
324 C CB  A ASN A 40 ? 0.2923 0.1595 0.1438 0.0208  0.0175  0.0377  40  ASN A CB  
325 C CB  B ASN A 40 ? 0.3305 0.1559 0.1269 0.0053  0.0372  0.0213  40  ASN A CB  
326 C CG  A ASN A 40 ? 0.3698 0.2050 0.1730 0.0109  0.0611  0.0332  40  ASN A CG  
327 C CG  B ASN A 40 ? 0.3926 0.1727 0.2031 0.0316  0.0169  0.0276  40  ASN A CG  
328 O OD1 A ASN A 40 ? 0.4361 0.3875 0.2863 0.0447  0.1750  0.0549  40  ASN A OD1 
329 O OD1 B ASN A 40 ? 0.4072 0.2628 0.4821 0.0718  -0.0295 0.1221  40  ASN A OD1 
330 N ND2 A ASN A 40 ? 0.4913 0.3800 0.1296 0.0173  0.0041  0.0572  40  ASN A ND2 
331 N ND2 B ASN A 40 ? 0.5279 0.1551 0.3201 0.0139  -0.0160 0.0071  40  ASN A ND2 
332 N N   . ASP A 41 ? 0.1409 0.1471 0.1264 0.0286  0.0289  -0.0231 41  ASP A N   
333 C CA  . ASP A 41 ? 0.1291 0.1586 0.1589 0.0257  0.0384  -0.0426 41  ASP A CA  
334 C C   . ASP A 41 ? 0.1445 0.1560 0.1705 0.0307  0.0199  -0.0633 41  ASP A C   
335 O O   . ASP A 41 ? 0.1851 0.1737 0.3042 0.0302  0.0800  -0.1045 41  ASP A O   
336 C CB  . ASP A 41 ? 0.1319 0.1574 0.1815 0.0290  0.0148  -0.0366 41  ASP A CB  
337 C CG  . ASP A 41 ? 0.1309 0.1751 0.2031 0.0236  0.0239  -0.0352 41  ASP A CG  
338 O OD1 . ASP A 41 ? 0.1669 0.2328 0.2229 -0.0072 0.0542  -0.0260 41  ASP A OD1 
339 O OD2 . ASP A 41 ? 0.1429 0.2118 0.2653 0.0080  -0.0178 -0.0284 41  ASP A OD2 
340 N N   . ASN A 42 ? 0.1202 0.1317 0.1381 0.0319  0.0066  -0.0313 42  ASN A N   
341 C CA  . ASN A 42 ? 0.1368 0.1188 0.1666 0.0328  -0.0058 -0.0381 42  ASN A CA  
342 C C   . ASN A 42 ? 0.1367 0.1400 0.1710 0.0284  -0.0020 -0.0450 42  ASN A C   
343 O O   . ASN A 42 ? 0.1723 0.1607 0.2229 0.0137  -0.0358 -0.0499 42  ASN A O   
344 C CB  . ASN A 42 ? 0.1282 0.1168 0.1816 0.0211  -0.0006 -0.0201 42  ASN A CB  
345 C CG  . ASN A 42 ? 0.1458 0.0967 0.1867 0.0150  -0.0092 -0.0092 42  ASN A CG  
346 O OD1 . ASN A 42 ? 0.1804 0.1083 0.2405 0.0264  -0.0299 -0.0233 42  ASN A OD1 
347 N ND2 . ASN A 42 ? 0.1836 0.1096 0.1748 0.0359  -0.0256 -0.0109 42  ASN A ND2 
348 N N   . GLY A 43 ? 0.1521 0.1714 0.1439 0.0467  -0.0082 -0.0502 43  GLY A N   
349 C CA  . GLY A 43 ? 0.1629 0.1979 0.1546 0.0370  -0.0182 -0.0573 43  GLY A CA  
350 C C   . GLY A 43 ? 0.1607 0.1566 0.1591 0.0411  -0.0381 -0.0507 43  GLY A C   
351 O O   . GLY A 43 ? 0.1708 0.3013 0.1927 0.0479  -0.0476 -0.1036 43  GLY A O   
352 N N   . VAL A 44 ? 0.1478 0.1526 0.1477 0.0462  -0.0246 -0.0382 44  VAL A N   
353 C CA  . VAL A 44 ? 0.1472 0.1353 0.1675 0.0497  -0.0330 -0.0474 44  VAL A CA  
354 C C   . VAL A 44 ? 0.1863 0.1456 0.1950 0.0553  -0.0297 -0.0319 44  VAL A C   
355 O O   . VAL A 44 ? 0.2465 0.1666 0.3212 0.0095  -0.0682 0.0267  44  VAL A O   
356 C CB  . VAL A 44 ? 0.1528 0.1553 0.1617 0.0323  -0.0154 -0.0429 44  VAL A CB  
357 C CG1 . VAL A 44 ? 0.1873 0.2146 0.1674 0.0597  -0.0096 -0.0444 44  VAL A CG1 
358 C CG2 . VAL A 44 ? 0.2230 0.1928 0.2376 0.0611  0.0026  0.0138  44  VAL A CG2 
359 N N   . ASP A 45 ? 0.1884 0.1807 0.1256 0.0831  -0.0006 -0.0227 45  ASP A N   
360 C CA  . ASP A 45 ? 0.2292 0.1971 0.1442 0.1034  0.0335  -0.0045 45  ASP A CA  
361 C C   . ASP A 45 ? 0.1973 0.2006 0.1279 0.0851  -0.0113 -0.0295 45  ASP A C   
362 O O   . ASP A 45 ? 0.2297 0.2522 0.1713 0.0689  -0.0411 -0.0612 45  ASP A O   
363 C CB  . ASP A 45 ? 0.3852 0.3892 0.1428 0.1725  0.0719  0.0590  45  ASP A CB  
364 C CG  . ASP A 45 ? 0.6207 0.4133 0.1789 0.1935  0.0822  0.0909  45  ASP A CG  
365 O OD1 . ASP A 45 ? 0.7085 0.3919 0.2657 0.1852  0.1149  0.0840  45  ASP A OD1 
366 O OD2 . ASP A 45 ? 1.0202 0.5147 0.1924 0.1847  0.0186  0.1226  45  ASP A OD2 
367 N N   . GLY A 46 ? 0.2012 0.1476 0.1470 0.0472  0.0319  -0.0344 46  GLY A N   
368 C CA  . GLY A 46 ? 0.1910 0.1383 0.1468 0.0337  0.0346  -0.0427 46  GLY A CA  
369 C C   . GLY A 46 ? 0.1392 0.1106 0.1105 0.0310  0.0155  -0.0007 46  GLY A C   
370 O O   . GLY A 46 ? 0.1885 0.1404 0.1803 0.0079  0.0675  -0.0283 46  GLY A O   
371 N N   . VAL A 47 ? 0.1216 0.1038 0.0930 0.0207  -0.0075 -0.0132 47  VAL A N   
372 C CA  . VAL A 47 ? 0.1326 0.0905 0.0807 0.0272  -0.0216 -0.0099 47  VAL A CA  
373 C C   . VAL A 47 ? 0.0878 0.0815 0.0828 0.0326  -0.0096 -0.0032 47  VAL A C   
374 O O   . VAL A 47 ? 0.1224 0.0841 0.0881 0.0211  -0.0181 0.0021  47  VAL A O   
375 C CB  . VAL A 47 ? 0.1441 0.1336 0.1114 0.0482  -0.0455 -0.0171 47  VAL A CB  
376 C CG1 . VAL A 47 ? 0.2390 0.1977 0.1317 0.0491  -0.0764 0.0038  47  VAL A CG1 
377 C CG2 . VAL A 47 ? 0.1163 0.1929 0.1570 0.0425  -0.0316 -0.0413 47  VAL A CG2 
378 N N   . TRP A 48 ? 0.0927 0.0757 0.0692 0.0261  -0.0073 0.0038  48  TRP A N   
379 C CA  . TRP A 48 ? 0.0775 0.0687 0.0783 0.0144  -0.0038 0.0096  48  TRP A CA  
380 C C   . TRP A 48 ? 0.0651 0.0612 0.0720 0.0154  -0.0078 0.0130  48  TRP A C   
381 O O   . TRP A 48 ? 0.0806 0.0747 0.0863 0.0261  0.0000  0.0128  48  TRP A O   
382 C CB  . TRP A 48 ? 0.0808 0.0968 0.0987 0.0186  0.0029  -0.0024 48  TRP A CB  
383 C CG  . TRP A 48 ? 0.0848 0.0998 0.1025 0.0275  0.0094  0.0022  48  TRP A CG  
384 C CD1 . TRP A 48 ? 0.1038 0.1456 0.1010 0.0465  0.0121  -0.0011 48  TRP A CD1 
385 C CD2 . TRP A 48 ? 0.0759 0.0966 0.1124 0.0199  0.0101  0.0095  48  TRP A CD2 
386 N NE1 . TRP A 48 ? 0.1136 0.1423 0.1117 0.0380  0.0272  -0.0100 48  TRP A NE1 
387 C CE2 . TRP A 48 ? 0.0941 0.1132 0.1249 0.0323  0.0212  0.0071  48  TRP A CE2 
388 C CE3 . TRP A 48 ? 0.0996 0.1301 0.1150 0.0257  -0.0002 0.0166  48  TRP A CE3 
389 C CZ2 . TRP A 48 ? 0.0964 0.1248 0.1679 0.0392  0.0255  -0.0004 48  TRP A CZ2 
390 C CZ3 . TRP A 48 ? 0.1176 0.1550 0.1471 0.0398  -0.0062 0.0327  48  TRP A CZ3 
391 C CH2 . TRP A 48 ? 0.1062 0.1381 0.1789 0.0461  0.0069  0.0289  48  TRP A CH2 
392 N N   . THR A 49 ? 0.0784 0.0564 0.0840 0.0219  -0.0068 0.0027  49  THR A N   
393 C CA  . THR A 49 ? 0.0748 0.0652 0.0758 0.0228  -0.0026 0.0051  49  THR A CA  
394 C C   . THR A 49 ? 0.0748 0.0637 0.0788 0.0159  -0.0042 0.0043  49  THR A C   
395 O O   . THR A 49 ? 0.0833 0.0670 0.0992 0.0275  -0.0196 -0.0005 49  THR A O   
396 C CB  . THR A 49 ? 0.0746 0.0700 0.0848 0.0249  -0.0066 0.0039  49  THR A CB  
397 O OG1 . THR A 49 ? 0.0849 0.0939 0.1117 0.0097  -0.0001 0.0205  49  THR A OG1 
398 C CG2 . THR A 49 ? 0.0754 0.1414 0.1025 0.0166  -0.0093 0.0141  49  THR A CG2 
399 N N   . TYR A 50 ? 0.0911 0.0687 0.0912 0.0283  -0.0194 -0.0048 50  TYR A N   
400 C CA  . TYR A 50 ? 0.0825 0.0695 0.0887 0.0186  -0.0168 -0.0052 50  TYR A CA  
401 C C   . TYR A 50 ? 0.0814 0.0671 0.0925 0.0206  -0.0170 -0.0077 50  TYR A C   
402 O O   . TYR A 50 ? 0.1038 0.0819 0.1027 0.0396  -0.0095 0.0000  50  TYR A O   
403 C CB  . TYR A 50 ? 0.0858 0.1006 0.1160 0.0101  -0.0076 -0.0018 50  TYR A CB  
404 C CG  . TYR A 50 ? 0.0787 0.1103 0.1190 -0.0007 -0.0121 -0.0025 50  TYR A CG  
405 C CD1 . TYR A 50 ? 0.0881 0.1243 0.1165 0.0195  -0.0131 -0.0106 50  TYR A CD1 
406 C CD2 . TYR A 50 ? 0.1383 0.1128 0.1515 -0.0002 -0.0345 -0.0075 50  TYR A CD2 
407 C CE1 . TYR A 50 ? 0.0851 0.1561 0.1195 0.0306  -0.0194 -0.0128 50  TYR A CE1 
408 C CE2 . TYR A 50 ? 0.1280 0.1351 0.1638 -0.0114 -0.0415 -0.0276 50  TYR A CE2 
409 C CZ  . TYR A 50 ? 0.0778 0.1764 0.1316 -0.0066 -0.0197 -0.0166 50  TYR A CZ  
410 O OH  . TYR A 50 ? 0.1159 0.2378 0.1514 0.0144  -0.0513 -0.0437 50  TYR A OH  
411 N N   . ASP A 51 ? 0.0934 0.0798 0.0942 0.0257  -0.0144 -0.0055 51  ASP A N   
412 C CA  . ASP A 51 ? 0.0991 0.1091 0.0879 0.0243  -0.0134 -0.0087 51  ASP A CA  
413 C C   . ASP A 51 ? 0.0953 0.1047 0.0884 0.0274  -0.0032 -0.0116 51  ASP A C   
414 O O   . ASP A 51 ? 0.1130 0.1115 0.1140 0.0269  -0.0281 -0.0065 51  ASP A O   
415 C CB  A ASP A 51 ? 0.1123 0.2002 0.1249 -0.0155 -0.0116 0.0265  51  ASP A CB  
416 C CB  B ASP A 51 ? 0.1242 0.2171 0.1124 -0.0358 -0.0182 0.0329  51  ASP A CB  
417 C CG  A ASP A 51 ? 0.0954 0.3241 0.1687 -0.0296 0.0147  -0.0125 51  ASP A CG  
418 C CG  B ASP A 51 ? 0.1107 0.3072 0.1493 -0.0313 0.0060  0.0303  51  ASP A CG  
419 O OD1 A ASP A 51 ? 0.1421 0.3386 0.1319 0.0000  0.0211  -0.0530 51  ASP A OD1 
420 O OD1 B ASP A 51 ? 0.1500 0.2384 0.1150 0.0764  -0.0057 0.0302  51  ASP A OD1 
421 O OD2 A ASP A 51 ? 0.1715 0.4779 0.2531 -0.0962 0.0731  0.0183  51  ASP A OD2 
422 O OD2 B ASP A 51 ? 0.1333 0.3184 0.2150 0.0502  -0.0290 0.0496  51  ASP A OD2 
423 N N   . ASP A 52 ? 0.1180 0.1137 0.1232 0.0403  -0.0241 -0.0261 52  ASP A N   
424 C CA  . ASP A 52 ? 0.1238 0.1388 0.1478 0.0296  -0.0460 -0.0443 52  ASP A CA  
425 C C   . ASP A 52 ? 0.1614 0.1743 0.1342 0.0583  -0.0464 -0.0534 52  ASP A C   
426 O O   . ASP A 52 ? 0.1929 0.3229 0.1600 0.0649  -0.0756 -0.0459 52  ASP A O   
427 C CB  . ASP A 52 ? 0.2367 0.1411 0.2177 0.0073  -0.0664 -0.0432 52  ASP A CB  
428 C CG  . ASP A 52 ? 0.2523 0.1898 0.3179 -0.0371 -0.0652 -0.0877 52  ASP A CG  
429 O OD1 . ASP A 52 ? 0.2298 0.2294 0.2692 -0.0387 -0.0643 -0.0817 52  ASP A OD1 
430 O OD2 . ASP A 52 ? 0.2989 0.3125 0.4835 -0.0239 -0.0688 -0.2308 52  ASP A OD2 
431 N N   . ALA A 53 ? 0.1742 0.1682 0.1171 0.0763  -0.0220 -0.0429 53  ALA A N   
432 C CA  . ALA A 53 ? 0.2575 0.2055 0.1187 0.1030  -0.0014 -0.0463 53  ALA A CA  
433 C C   . ALA A 53 ? 0.2165 0.2048 0.0995 0.0794  -0.0118 -0.0289 53  ALA A C   
434 O O   . ALA A 53 ? 0.4409 0.2814 0.1090 0.1451  -0.0468 -0.0370 53  ALA A O   
435 C CB  . ALA A 53 ? 0.2898 0.2582 0.1907 0.1425  0.0837  0.0038  53  ALA A CB  
436 N N   . THR A 54 ? 0.1413 0.1751 0.0954 0.0675  0.0091  -0.0120 54  THR A N   
437 C CA  . THR A 54 ? 0.1411 0.1769 0.0917 0.0523  0.0019  0.0028  54  THR A CA  
438 C C   . THR A 54 ? 0.1124 0.1361 0.0921 0.0387  -0.0171 0.0013  54  THR A C   
439 O O   . THR A 54 ? 0.1470 0.1433 0.1419 0.0504  -0.0006 0.0343  54  THR A O   
440 C CB  . THR A 54 ? 0.1279 0.1919 0.1293 0.0320  0.0309  0.0211  54  THR A CB  
441 O OG1 . THR A 54 ? 0.1171 0.1951 0.1322 0.0089  0.0094  0.0034  54  THR A OG1 
442 C CG2 . THR A 54 ? 0.1356 0.3750 0.1536 0.0408  0.0324  0.0283  54  THR A CG2 
443 N N   . LYS A 55 ? 0.1041 0.1073 0.0992 0.0355  -0.0217 -0.0164 55  LYS A N   
444 C CA  . LYS A 55 ? 0.0941 0.1054 0.0903 0.0222  -0.0212 -0.0170 55  LYS A CA  
445 C C   . LYS A 55 ? 0.0743 0.0934 0.0946 0.0206  -0.0120 -0.0049 55  LYS A C   
446 O O   . LYS A 55 ? 0.0846 0.1163 0.1506 0.0304  -0.0310 -0.0346 55  LYS A O   
447 C CB  . LYS A 55 ? 0.0987 0.1461 0.1268 0.0213  -0.0415 -0.0234 55  LYS A CB  
448 C CG  . LYS A 55 ? 0.1333 0.1837 0.1438 0.0231  -0.0619 -0.0503 55  LYS A CG  
449 C CD  . LYS A 55 ? 0.1690 0.1712 0.1952 0.0094  -0.0616 -0.0592 55  LYS A CD  
450 C CE  . LYS A 55 ? 0.2924 0.2097 0.2705 -0.0177 -0.1223 -0.1098 55  LYS A CE  
451 N NZ  . LYS A 55 ? 0.3797 0.1937 0.3861 0.0164  -0.0884 -0.1124 55  LYS A NZ  
452 N N   . THR A 56 ? 0.0780 0.0894 0.0832 0.0255  -0.0158 -0.0161 56  THR A N   
453 C CA  . THR A 56 ? 0.0738 0.0783 0.0823 0.0181  -0.0126 -0.0021 56  THR A CA  
454 C C   . THR A 56 ? 0.0690 0.0701 0.0856 0.0105  -0.0114 0.0020  56  THR A C   
455 O O   . THR A 56 ? 0.0822 0.0838 0.0965 0.0338  -0.0123 0.0015  56  THR A O   
456 C CB  . THR A 56 ? 0.0985 0.1134 0.0909 -0.0019 0.0032  0.0043  56  THR A CB  
457 O OG1 . THR A 56 ? 0.1695 0.1445 0.0947 -0.0331 -0.0139 0.0239  56  THR A OG1 
458 C CG2 . THR A 56 ? 0.1203 0.1189 0.1123 -0.0295 0.0007  -0.0028 56  THR A CG2 
459 N N   . PHE A 57 ? 0.0677 0.0661 0.0790 0.0176  -0.0136 -0.0018 57  PHE A N   
460 C CA  . PHE A 57 ? 0.0637 0.0641 0.0805 0.0194  -0.0107 0.0057  57  PHE A CA  
461 C C   . PHE A 57 ? 0.0678 0.0609 0.0726 0.0196  -0.0069 0.0054  57  PHE A C   
462 O O   . PHE A 57 ? 0.0940 0.0608 0.0963 0.0159  -0.0300 0.0072  57  PHE A O   
463 C CB  . PHE A 57 ? 0.0800 0.0852 0.0865 0.0041  0.0038  -0.0052 57  PHE A CB  
464 C CG  . PHE A 57 ? 0.0740 0.0842 0.0921 0.0078  0.0070  -0.0073 57  PHE A CG  
465 C CD1 . PHE A 57 ? 0.0737 0.1068 0.1131 0.0062  -0.0012 -0.0032 57  PHE A CD1 
466 C CD2 . PHE A 57 ? 0.0940 0.0901 0.1223 -0.0039 0.0003  0.0064  57  PHE A CD2 
467 C CE1 . PHE A 57 ? 0.0774 0.1379 0.1358 -0.0047 -0.0067 -0.0188 57  PHE A CE1 
468 C CE2 . PHE A 57 ? 0.1083 0.1027 0.1360 -0.0107 0.0156  0.0066  57  PHE A CE2 
469 C CZ  . PHE A 57 ? 0.0942 0.1179 0.1586 -0.0256 0.0129  -0.0232 57  PHE A CZ  
470 N N   . THR A 58 ? 0.0755 0.0578 0.0784 0.0122  -0.0113 0.0024  58  THR A N   
471 C CA  . THR A 58 ? 0.0776 0.0561 0.0800 0.0156  -0.0139 0.0058  58  THR A CA  
472 C C   . THR A 58 ? 0.0863 0.0573 0.0827 0.0188  -0.0194 0.0061  58  THR A C   
473 O O   . THR A 58 ? 0.1581 0.0630 0.0853 0.0273  -0.0155 -0.0002 58  THR A O   
474 C CB  . THR A 58 ? 0.0696 0.0881 0.1013 0.0167  -0.0162 0.0002  58  THR A CB  
475 O OG1 . THR A 58 ? 0.0981 0.1194 0.1012 0.0066  0.0094  0.0024  58  THR A OG1 
476 C CG2 . THR A 58 ? 0.0829 0.0972 0.1404 -0.0036 -0.0207 0.0090  58  THR A CG2 
477 N N   . VAL A 59 ? 0.0991 0.0543 0.0794 0.0195  -0.0169 0.0000  59  VAL A N   
478 C CA  . VAL A 59 ? 0.0937 0.0668 0.0798 0.0194  -0.0172 0.0006  59  VAL A CA  
479 C C   . VAL A 59 ? 0.0957 0.0712 0.0803 0.0197  -0.0189 -0.0022 59  VAL A C   
480 O O   . VAL A 59 ? 0.1251 0.0735 0.1145 0.0064  -0.0367 0.0091  59  VAL A O   
481 C CB  . VAL A 59 ? 0.1061 0.0959 0.0977 0.0197  -0.0045 -0.0081 59  VAL A CB  
482 C CG1 . VAL A 59 ? 0.1013 0.1241 0.1433 0.0395  -0.0011 -0.0004 59  VAL A CG1 
483 C CG2 . VAL A 59 ? 0.1436 0.1477 0.0966 0.0300  0.0062  -0.0019 59  VAL A CG2 
484 N N   . THR A 60 ? 0.1033 0.0731 0.0980 0.0132  -0.0263 -0.0034 60  THR A N   
485 C CA  . THR A 60 ? 0.1047 0.0863 0.1070 0.0115  -0.0310 -0.0068 60  THR A CA  
486 C C   . THR A 60 ? 0.1034 0.0967 0.1014 0.0123  -0.0338 -0.0019 60  THR A C   
487 O O   . THR A 60 ? 0.1684 0.1045 0.1065 0.0079  -0.0240 -0.0015 60  THR A O   
488 C CB  . THR A 60 ? 0.1181 0.1186 0.1326 0.0016  -0.0064 -0.0167 60  THR A CB  
489 O OG1 . THR A 60 ? 0.1324 0.1278 0.1988 -0.0115 -0.0137 -0.0218 60  THR A OG1 
490 C CG2 . THR A 60 ? 0.1299 0.1233 0.2150 0.0288  -0.0296 -0.0166 60  THR A CG2 
491 N N   . GLU A 61 ? 0.1497 0.1037 0.1162 0.0188  -0.0485 -0.0135 61  GLU A N   
492 C CA  . GLU A 61 ? 0.1724 0.1527 0.1215 0.0500  -0.0516 -0.0311 61  GLU A CA  
493 C C   . GLU A 61 ? 0.1675 0.2140 0.1582 0.0404  -0.0769 -0.0453 61  GLU A C   
494 O O   . GLU A 61 ? 0.1688 0.3631 0.2165 0.0281  -0.0558 -0.0976 61  GLU A O   
495 C CB  . GLU A 61 ? 0.1839 0.1567 0.1411 0.0422  -0.0393 -0.0416 61  GLU A CB  
496 C CG  . GLU A 61 ? 0.1832 0.1806 0.1853 0.0417  -0.0123 -0.0467 61  GLU A CG  
497 C CD  . GLU A 61 ? 0.1772 0.1752 0.1953 0.0295  -0.0107 -0.0484 61  GLU A CD  
498 O OE1 . GLU A 61 ? 0.3375 0.1844 0.2677 0.0915  -0.0119 -0.0069 61  GLU A OE1 
499 O OE2 . GLU A 61 ? 0.2184 0.2500 0.2081 0.0213  0.0256  -0.0599 61  GLU A OE2 
500 O OXT . GLU A 61 ? 0.2122 0.3710 0.1982 0.0401  -0.0977 -0.0822 61  GLU A OXT 
501 O O   . HOH B .  ? 0.1170 0.1023 0.1688 0.0263  0.0072  -0.0160 62  HOH A O   
502 O O   . HOH B .  ? 0.1002 0.1262 0.1120 0.0155  -0.0139 -0.0034 63  HOH A O   
503 O O   . HOH B .  ? 0.1092 0.1229 0.1464 0.0226  -0.0016 0.0156  64  HOH A O   
504 O O   . HOH B .  ? 0.1253 0.0915 0.1721 0.0085  0.0105  0.0195  65  HOH A O   
505 O O   . HOH B .  ? 0.1612 0.1641 0.1368 0.0058  -0.0246 0.0011  66  HOH A O   
506 O O   . HOH B .  ? 0.1334 0.2101 0.2003 0.0353  0.0213  0.0240  67  HOH A O   
507 O O   . HOH B .  ? 0.1535 0.1552 0.1743 0.0182  0.0214  0.0073  68  HOH A O   
508 O O   . HOH B .  ? 0.1424 0.1992 0.1871 0.0281  0.0285  0.0620  69  HOH A O   
509 O O   . HOH B .  ? 0.2183 0.2098 0.2613 0.0377  0.0068  0.0364  70  HOH A O   
510 O O   . HOH B .  ? 0.1268 0.1736 0.2126 -0.0056 0.0094  0.0200  71  HOH A O   
511 O O   . HOH B .  ? 0.2207 0.2848 0.1716 -0.0592 -0.0106 0.0834  72  HOH A O   
512 O O   . HOH B .  ? 0.2920 0.2062 0.1906 -0.0504 -0.0592 0.0458  73  HOH A O   
513 O O   . HOH B .  ? 0.2197 0.2284 0.2535 0.0422  -0.0075 -0.0714 74  HOH A O   
514 O O   . HOH B .  ? 0.1336 0.2550 0.2227 -0.0090 0.0261  -0.0133 75  HOH A O   
515 O O   . HOH B .  ? 0.2115 0.2194 0.2043 -0.0526 0.0210  0.0169  76  HOH A O   
516 O O   . HOH B .  ? 0.4843 0.1768 0.2182 -0.0640 -0.0524 0.0853  77  HOH A O   
517 O O   . HOH B .  ? 0.3946 0.2800 0.2385 -0.0048 0.0837  0.0620  78  HOH A O   
518 O O   . HOH B .  ? 0.2006 0.2842 0.5133 0.0996  -0.0835 -0.0990 79  HOH A O   
519 O O   . HOH B .  ? 0.1844 0.2310 0.4103 0.0374  0.0311  0.0325  80  HOH A O   
520 O O   . HOH B .  ? 0.4967 0.1460 0.3777 0.0319  -0.0569 -0.0676 81  HOH A O   
521 O O   . HOH B .  ? 0.1504 0.1662 0.1716 0.0061  -0.0031 0.0386  82  HOH A O   
522 O O   . HOH B .  ? 0.1999 0.2069 0.2227 -0.0587 0.0247  0.0257  83  HOH A O   
523 O O   . HOH B .  ? 0.2308 0.2289 0.1895 -0.0305 0.0017  0.0464  84  HOH A O   
524 O O   . HOH B .  ? 0.2298 0.2645 0.2339 -0.0591 0.0078  0.0572  85  HOH A O   
525 O O   . HOH B .  ? 0.3375 0.4311 0.2441 0.0342  0.0811  -0.1157 86  HOH A O   
526 O O   . HOH B .  ? 0.3705 0.3753 0.2719 0.0695  -0.1373 -0.0770 87  HOH A O   
527 O O   . HOH B .  ? 0.2841 0.2129 0.4318 0.0071  0.1136  -0.1367 88  HOH A O   
528 O O   . HOH B .  ? 0.1943 0.2803 0.4785 -0.0375 -0.0723 -0.0967 89  HOH A O   
529 O O   . HOH B .  ? 0.3296 0.2051 0.4103 -0.0118 0.0269  -0.0829 90  HOH A O   
530 O O   . HOH B .  ? 0.5509 0.2816 0.6149 0.0955  0.3309  0.1695  91  HOH A O   
531 O O   . HOH B .  ? 0.3492 0.5334 0.2104 -0.0025 0.0551  -0.0212 92  HOH A O   
532 O O   . HOH B .  ? 0.5398 0.2904 0.5890 -0.0387 0.2991  0.0643  93  HOH A O   
533 O O   . HOH B .  ? 0.3128 0.2812 0.4561 0.0560  0.0768  -0.1050 94  HOH A O   
534 O O   . HOH B .  ? 0.3278 0.2176 0.4677 0.0737  0.0296  0.0461  95  HOH A O   
535 O O   . HOH B .  ? 0.4046 0.4328 0.2116 0.1444  -0.0497 0.0794  96  HOH A O   
536 O O   . HOH B .  ? 0.3652 0.3803 0.2568 -0.0601 0.0465  -0.0182 97  HOH A O   
537 O O   . HOH B .  ? 0.2622 0.2190 0.6790 -0.0824 0.1787  -0.1763 98  HOH A O   
538 O O   . HOH B .  ? 0.3726 0.5253 0.1863 -0.1414 0.0736  -0.0560 99  HOH A O   
539 O O   . HOH B .  ? 0.3137 0.3550 0.3588 -0.0357 0.0459  -0.0374 100 HOH A O   
540 O O   . HOH B .  ? 0.4481 0.3052 0.3654 0.0573  -0.1631 -0.0471 101 HOH A O   
541 O O   . HOH B .  ? 0.2256 0.3631 0.5543 -0.0530 -0.1030 0.0533  102 HOH A O   
542 O O   . HOH B .  ? 0.3338 0.5246 0.4532 0.1722  -0.0655 -0.1905 103 HOH A O   
543 O O   . HOH B .  ? 0.5444 0.3102 0.3659 -0.0104 -0.0068 0.0687  104 HOH A O   
544 O O   . HOH B .  ? 0.6243 0.4176 0.4125 0.0934  0.1602  0.1183  105 HOH A O   
545 O O   . HOH B .  ? 0.5077 0.3217 0.3568 0.0617  -0.1845 0.0030  106 HOH A O   
546 O O   . HOH B .  ? 0.7646 0.4727 0.3058 0.3501  0.1651  0.0833  107 HOH A O   
547 O O   . HOH B .  ? 0.5327 0.5602 0.4978 -0.2941 0.2394  -0.1580 108 HOH A O   
548 O O   . HOH B .  ? 0.3626 0.6018 0.5771 -0.1809 0.0121  -0.0553 109 HOH A O   
549 O O   . HOH B .  ? 0.3392 0.6454 0.3967 0.0006  0.0007  0.1214  110 HOH A O   
550 O O   . HOH B .  ? 0.4407 0.4984 0.2946 0.1962  0.1366  0.0746  111 HOH A O   
551 O O   . HOH B .  ? 0.4129 0.6108 0.3717 -0.0909 0.0829  -0.3041 112 HOH A O   
552 O O   . HOH B .  ? 0.2775 0.3978 0.8045 -0.0545 -0.0157 0.0044  113 HOH A O   
553 O O   . HOH B .  ? 0.2579 0.7846 0.6690 -0.1604 -0.1051 0.1190  114 HOH A O   
554 O O   . HOH B .  ? 0.8454 0.3831 0.3406 0.1565  0.0730  -0.0266 115 HOH A O   
555 O O   . HOH B .  ? 0.5820 0.2805 0.5155 -0.0112 -0.1481 0.1191  116 HOH A O   
556 O O   . HOH B .  ? 0.8601 0.3770 0.7990 0.0733  -0.0329 0.1667  117 HOH A O   
557 O O   . HOH B .  ? 0.3801 0.6084 0.9902 -0.0181 0.0407  -0.2469 118 HOH A O   
558 O O   . HOH B .  ? 0.9292 0.5072 0.6337 0.1046  0.1823  -0.0879 119 HOH A O   
559 O O   . HOH B .  ? 0.3358 0.4695 0.9434 0.0441  -0.0098 0.2279  120 HOH A O   
560 O O   . HOH B .  ? 0.2856 0.4028 0.4343 -0.0450 0.0590  -0.0977 121 HOH A O   
561 O O   . HOH B .  ? 0.3577 0.4092 0.4638 0.0503  -0.0628 0.0638  122 HOH A O   
562 O O   . HOH B .  ? 0.2611 0.5486 0.3431 -0.0727 0.0216  0.1325  123 HOH A O   
563 O O   . HOH B .  ? 0.3118 0.4711 0.4517 -0.1217 0.0599  -0.0429 124 HOH A O   
564 O O   . HOH B .  ? 0.9170 0.6360 0.4223 0.0061  0.0672  -0.0084 125 HOH A O   
565 O O   . HOH B .  ? 0.4688 0.4809 0.4785 -0.2258 -0.0241 0.0183  126 HOH A O   
566 O O   . HOH B .  ? 0.4228 0.5256 0.7511 -0.0497 0.1781  0.0145  127 HOH A O   
567 O O   . HOH B .  ? 0.3784 0.6159 0.8270 0.0218  -0.1973 0.0523  128 HOH A O   
568 O O   . HOH B .  ? 0.2512 0.7343 0.9264 -0.0914 -0.0675 -0.1233 129 HOH A O   
569 O O   . HOH B .  ? 0.4644 0.2528 0.3476 -0.0394 0.0318  -0.0312 130 HOH A O   
570 O O   . HOH B .  ? 0.5660 0.3270 0.6072 0.0155  0.1117  -0.1561 131 HOH A O   
571 O O   . HOH B .  ? 0.3396 0.8226 0.7278 -0.1880 -0.1714 -0.0985 132 HOH A O   
572 O O   . HOH B .  ? 0.3722 0.7622 0.5847 -0.0442 -0.2026 0.0498  133 HOH A O   
573 O O   . HOH B .  ? 0.4032 0.5052 0.3662 -0.0531 0.0525  0.1046  134 HOH A O   
574 O O   . HOH B .  ? 0.4276 0.6703 0.9346 0.1428  0.2669  -0.2243 135 HOH A O   
575 O O   . HOH B .  ? 0.7500 0.6280 0.5465 -0.0633 0.0021  -0.1575 136 HOH A O   
576 O O   . HOH B .  ? 0.6693 0.6436 0.2977 0.0188  0.0956  -0.0934 137 HOH A O   
577 O O   . HOH B .  ? 0.9557 0.4573 0.4156 0.3001  0.1648  -0.0433 138 HOH A O   
578 O O   . HOH B .  ? 0.5015 0.3738 0.6183 0.0819  0.1356  0.1037  139 HOH A O   
579 O O   . HOH B .  ? 0.7723 0.6042 0.4131 0.1390  0.1095  0.2196  140 HOH A O   
580 O O   . HOH B .  ? 0.5998 0.6759 0.4011 -0.0399 0.1893  0.0707  141 HOH A O   
581 O O   . HOH B .  ? 0.7277 0.6817 0.4127 0.0137  0.0107  0.1989  142 HOH A O   
582 O O   . HOH B .  ? 0.7911 0.8171 0.3286 0.1363  0.1040  0.0945  143 HOH A O   
583 O O   . HOH B .  ? 0.7101 0.9390 0.9182 0.2150  0.0370  -0.0578 144 HOH A O   
584 O O   . HOH B .  ? 0.1947 0.6914 0.6515 -0.0609 -0.0617 0.1581  145 HOH A O   
585 O O   . HOH B .  ? 0.5447 0.7320 0.3306 -0.0409 0.0192  0.1860  146 HOH A O   
586 O O   . HOH B .  ? 0.4040 0.8401 0.4352 0.0149  0.1076  -0.0318 147 HOH A O   
587 O O   . HOH B .  ? 0.8700 0.4402 0.6094 -0.0899 -0.0543 -0.2090 148 HOH A O   
588 O O   . HOH B .  ? 0.8106 1.0107 0.4485 0.0305  0.2952  0.2252  149 HOH A O   
589 O O   . HOH B .  ? 1.0103 0.7911 0.4297 -0.0154 0.1266  0.2990  150 HOH A O   
590 O O   . HOH B .  ? 0.6557 0.6313 0.7105 -0.1100 -0.1087 0.2953  151 HOH A O   
591 O O   . HOH B .  ? 0.6670 0.5392 0.5797 -0.1309 -0.1442 0.2008  152 HOH A O   
592 O O   . HOH B .  ? 0.5896 0.9904 0.3441 0.1919  0.2131  -0.0632 153 HOH A O   
593 O O   . HOH B .  ? 0.6991 0.7632 0.5290 -0.0910 0.1962  -0.0579 154 HOH A O   
594 O O   . HOH B .  ? 0.8629 0.8369 1.0669 0.0140  -0.0373 0.0565  155 HOH A O   
595 O O   . HOH B .  ? 0.7322 0.5087 0.9489 -0.3606 -0.0446 0.1755  156 HOH A O   
596 O O   . HOH B .  ? 0.6301 0.6911 0.6995 -0.1843 -0.0208 0.0098  157 HOH A O   
597 O O   . HOH B .  ? 0.4877 0.6426 0.8139 0.2704  -0.0006 0.0257  158 HOH A O   
598 O O   . HOH B .  ? 0.6731 0.6070 0.9540 -0.1004 -0.0482 -0.3385 159 HOH A O   
599 O O   . HOH B .  ? 0.4817 0.5672 0.6017 -0.0422 0.1404  -0.1115 160 HOH A O   
600 O O   . HOH B .  ? 0.6875 0.6293 0.7836 -0.2613 0.1044  0.1657  161 HOH A O   
601 O O   . HOH B .  ? 0.5777 0.7663 0.5511 -0.0120 0.1421  0.0128  162 HOH A O   
602 O O   . HOH B .  ? 0.5515 0.6184 0.7699 -0.0268 0.0001  0.0257  163 HOH A O   
603 O O   . HOH B .  ? 0.6077 0.9491 0.6484 0.1502  -0.1569 0.1151  164 HOH A O   
604 O O   . HOH B .  ? 0.6938 0.8961 0.9150 -0.0124 0.1342  0.0698  165 HOH A O   
605 O O   . HOH B .  ? 0.6171 0.5812 0.4355 -0.1193 -0.1802 0.0684  166 HOH A O   
606 O O   . HOH B .  ? 0.5731 0.6528 0.8632 -0.0426 -0.1138 -0.0983 167 HOH A O   
# 
